data_4JWG
# 
_entry.id   4JWG 
# 
_audit_conform.dict_name       mmcif_pdbx.dic 
_audit_conform.dict_version    5.381 
_audit_conform.dict_location   http://mmcif.pdb.org/dictionaries/ascii/mmcif_pdbx.dic 
# 
loop_
_database_2.database_id 
_database_2.database_code 
_database_2.pdbx_database_accession 
_database_2.pdbx_DOI 
PDB   4JWG         pdb_00004jwg 10.2210/pdb4jwg/pdb 
RCSB  RCSB078590   ?            ?                   
WWPDB D_1000078590 ?            ?                   
# 
loop_
_pdbx_database_related.db_name 
_pdbx_database_related.db_id 
_pdbx_database_related.details 
_pdbx_database_related.content_type 
PDB 4JWF . unspecified 
PDB 4JWH . unspecified 
PDB 4JWJ . unspecified 
# 
_pdbx_database_status.entry_id                        4JWG 
_pdbx_database_status.status_code                     REL 
_pdbx_database_status.methods_development_category    ? 
_pdbx_database_status.deposit_site                    RCSB 
_pdbx_database_status.process_site                    PDBJ 
_pdbx_database_status.recvd_initial_deposition_date   2013-03-27 
_pdbx_database_status.status_code_sf                  REL 
_pdbx_database_status.status_code_mr                  ? 
_pdbx_database_status.SG_entry                        ? 
_pdbx_database_status.status_code_cs                  ? 
_pdbx_database_status.pdb_format_compatible           Y 
_pdbx_database_status.status_code_nmr_data            ? 
# 
loop_
_audit_author.name 
_audit_author.pdbx_ordinal 
'Yan, W.'  1 
'Shao, Z.' 2 
# 
_citation.id                        primary 
_citation.title                     
'Crystal structure of tRNA m1G9 methyltransferase Trm10: insight into the catalytic mechanism and recognition of tRNA substrate.' 
_citation.journal_abbrev            'Nucleic Acids Res.' 
_citation.journal_volume            42 
_citation.page_first                509 
_citation.page_last                 525 
_citation.year                      2014 
_citation.journal_id_ASTM           NARHAD 
_citation.country                   UK 
_citation.journal_id_ISSN           0305-1048 
_citation.journal_id_CSD            0389 
_citation.book_publisher            ? 
_citation.pdbx_database_id_PubMed   24081582 
_citation.pdbx_database_id_DOI      10.1093/nar/gkt869 
# 
loop_
_citation_author.citation_id 
_citation_author.name 
_citation_author.ordinal 
_citation_author.identifier_ORCID 
primary 'Shao, Z.'  1  ? 
primary 'Yan, W.'   2  ? 
primary 'Peng, J.'  3  ? 
primary 'Zuo, X.'   4  ? 
primary 'Zou, Y.'   5  ? 
primary 'Li, F.'    6  ? 
primary 'Gong, D.'  7  ? 
primary 'Ma, R.'    8  ? 
primary 'Wu, J.'    9  ? 
primary 'Shi, Y.'   10 ? 
primary 'Zhang, Z.' 11 ? 
primary 'Teng, M.'  12 ? 
primary 'Li, X.'    13 ? 
primary 'Gong, Q.'  14 ? 
# 
_cell.length_a           51.677 
_cell.length_b           69.568 
_cell.length_c           121.076 
_cell.angle_alpha        90.000 
_cell.angle_beta         90.000 
_cell.angle_gamma        90.000 
_cell.entry_id           4JWG 
_cell.pdbx_unique_axis   ? 
_cell.Z_PDB              8 
_cell.length_a_esd       ? 
_cell.length_b_esd       ? 
_cell.length_c_esd       ? 
_cell.angle_alpha_esd    ? 
_cell.angle_beta_esd     ? 
_cell.angle_gamma_esd    ? 
# 
_symmetry.space_group_name_H-M             'C 2 2 21' 
_symmetry.entry_id                         4JWG 
_symmetry.Int_Tables_number                20 
_symmetry.pdbx_full_space_group_name_H-M   ? 
_symmetry.cell_setting                     ? 
_symmetry.space_group_name_Hall            ? 
# 
loop_
_entity.id 
_entity.type 
_entity.src_method 
_entity.pdbx_description 
_entity.formula_weight 
_entity.pdbx_number_of_molecules 
_entity.pdbx_ec 
_entity.pdbx_mutation 
_entity.pdbx_fragment 
_entity.details 
1 polymer     man 'tRNA (guanine(9)-N1)-methyltransferase' 25319.107 1  2.1.1.221 ? 'UNP RESIDUES 74-281' ? 
2 non-polymer syn 'ACETIC ACID'                            60.052    3  ?         ? ?                     ? 
3 water       nat water                                    18.015    36 ?         ? ?                     ? 
# 
_entity_name_com.entity_id   1 
_entity_name_com.name        'tRNA methyltransferase 10, tRNA(m1G9)-methyltransferase, tRNA(m1G9)MTase' 
# 
_entity_poly.entity_id                      1 
_entity_poly.type                           'polypeptide(L)' 
_entity_poly.nstd_linkage                   no 
_entity_poly.nstd_monomer                   no 
_entity_poly.pdbx_seq_one_letter_code       
;MGHHHHHHMAGEVVKSQKKRIRLGKVVPSSIRIVLDCAFDDLMNDKEINSLCQQVTRCHSANRTALHPVELFATNFGGRL
KTRQDFVLKGQQNNWKRYNPTTKSYLEEFESQKEKLVYLSADSDNTITELDEDKIYIIGAIVDKNRYKNLCQNKASEQGI
KTAKLPIDEYIKITDRKILTVNQVFEILSLWLEYRDWEKAFMEVIPKRKGILLKSDE
;
_entity_poly.pdbx_seq_one_letter_code_can   
;MGHHHHHHMAGEVVKSQKKRIRLGKVVPSSIRIVLDCAFDDLMNDKEINSLCQQVTRCHSANRTALHPVELFATNFGGRL
KTRQDFVLKGQQNNWKRYNPTTKSYLEEFESQKEKLVYLSADSDNTITELDEDKIYIIGAIVDKNRYKNLCQNKASEQGI
KTAKLPIDEYIKITDRKILTVNQVFEILSLWLEYRDWEKAFMEVIPKRKGILLKSDE
;
_entity_poly.pdbx_strand_id                 A 
_entity_poly.pdbx_target_identifier         ? 
# 
loop_
_entity_poly_seq.entity_id 
_entity_poly_seq.num 
_entity_poly_seq.mon_id 
_entity_poly_seq.hetero 
1 1   MET n 
1 2   GLY n 
1 3   HIS n 
1 4   HIS n 
1 5   HIS n 
1 6   HIS n 
1 7   HIS n 
1 8   HIS n 
1 9   MET n 
1 10  ALA n 
1 11  GLY n 
1 12  GLU n 
1 13  VAL n 
1 14  VAL n 
1 15  LYS n 
1 16  SER n 
1 17  GLN n 
1 18  LYS n 
1 19  LYS n 
1 20  ARG n 
1 21  ILE n 
1 22  ARG n 
1 23  LEU n 
1 24  GLY n 
1 25  LYS n 
1 26  VAL n 
1 27  VAL n 
1 28  PRO n 
1 29  SER n 
1 30  SER n 
1 31  ILE n 
1 32  ARG n 
1 33  ILE n 
1 34  VAL n 
1 35  LEU n 
1 36  ASP n 
1 37  CYS n 
1 38  ALA n 
1 39  PHE n 
1 40  ASP n 
1 41  ASP n 
1 42  LEU n 
1 43  MET n 
1 44  ASN n 
1 45  ASP n 
1 46  LYS n 
1 47  GLU n 
1 48  ILE n 
1 49  ASN n 
1 50  SER n 
1 51  LEU n 
1 52  CYS n 
1 53  GLN n 
1 54  GLN n 
1 55  VAL n 
1 56  THR n 
1 57  ARG n 
1 58  CYS n 
1 59  HIS n 
1 60  SER n 
1 61  ALA n 
1 62  ASN n 
1 63  ARG n 
1 64  THR n 
1 65  ALA n 
1 66  LEU n 
1 67  HIS n 
1 68  PRO n 
1 69  VAL n 
1 70  GLU n 
1 71  LEU n 
1 72  PHE n 
1 73  ALA n 
1 74  THR n 
1 75  ASN n 
1 76  PHE n 
1 77  GLY n 
1 78  GLY n 
1 79  ARG n 
1 80  LEU n 
1 81  LYS n 
1 82  THR n 
1 83  ARG n 
1 84  GLN n 
1 85  ASP n 
1 86  PHE n 
1 87  VAL n 
1 88  LEU n 
1 89  LYS n 
1 90  GLY n 
1 91  GLN n 
1 92  GLN n 
1 93  ASN n 
1 94  ASN n 
1 95  TRP n 
1 96  LYS n 
1 97  ARG n 
1 98  TYR n 
1 99  ASN n 
1 100 PRO n 
1 101 THR n 
1 102 THR n 
1 103 LYS n 
1 104 SER n 
1 105 TYR n 
1 106 LEU n 
1 107 GLU n 
1 108 GLU n 
1 109 PHE n 
1 110 GLU n 
1 111 SER n 
1 112 GLN n 
1 113 LYS n 
1 114 GLU n 
1 115 LYS n 
1 116 LEU n 
1 117 VAL n 
1 118 TYR n 
1 119 LEU n 
1 120 SER n 
1 121 ALA n 
1 122 ASP n 
1 123 SER n 
1 124 ASP n 
1 125 ASN n 
1 126 THR n 
1 127 ILE n 
1 128 THR n 
1 129 GLU n 
1 130 LEU n 
1 131 ASP n 
1 132 GLU n 
1 133 ASP n 
1 134 LYS n 
1 135 ILE n 
1 136 TYR n 
1 137 ILE n 
1 138 ILE n 
1 139 GLY n 
1 140 ALA n 
1 141 ILE n 
1 142 VAL n 
1 143 ASP n 
1 144 LYS n 
1 145 ASN n 
1 146 ARG n 
1 147 TYR n 
1 148 LYS n 
1 149 ASN n 
1 150 LEU n 
1 151 CYS n 
1 152 GLN n 
1 153 ASN n 
1 154 LYS n 
1 155 ALA n 
1 156 SER n 
1 157 GLU n 
1 158 GLN n 
1 159 GLY n 
1 160 ILE n 
1 161 LYS n 
1 162 THR n 
1 163 ALA n 
1 164 LYS n 
1 165 LEU n 
1 166 PRO n 
1 167 ILE n 
1 168 ASP n 
1 169 GLU n 
1 170 TYR n 
1 171 ILE n 
1 172 LYS n 
1 173 ILE n 
1 174 THR n 
1 175 ASP n 
1 176 ARG n 
1 177 LYS n 
1 178 ILE n 
1 179 LEU n 
1 180 THR n 
1 181 VAL n 
1 182 ASN n 
1 183 GLN n 
1 184 VAL n 
1 185 PHE n 
1 186 GLU n 
1 187 ILE n 
1 188 LEU n 
1 189 SER n 
1 190 LEU n 
1 191 TRP n 
1 192 LEU n 
1 193 GLU n 
1 194 TYR n 
1 195 ARG n 
1 196 ASP n 
1 197 TRP n 
1 198 GLU n 
1 199 LYS n 
1 200 ALA n 
1 201 PHE n 
1 202 MET n 
1 203 GLU n 
1 204 VAL n 
1 205 ILE n 
1 206 PRO n 
1 207 LYS n 
1 208 ARG n 
1 209 LYS n 
1 210 GLY n 
1 211 ILE n 
1 212 LEU n 
1 213 LEU n 
1 214 LYS n 
1 215 SER n 
1 216 ASP n 
1 217 GLU n 
# 
_entity_src_gen.entity_id                          1 
_entity_src_gen.pdbx_src_id                        1 
_entity_src_gen.pdbx_alt_source_flag               sample 
_entity_src_gen.pdbx_seq_type                      ? 
_entity_src_gen.pdbx_beg_seq_num                   ? 
_entity_src_gen.pdbx_end_seq_num                   ? 
_entity_src_gen.gene_src_common_name               'Fission yeast' 
_entity_src_gen.gene_src_genus                     ? 
_entity_src_gen.pdbx_gene_src_gene                 'SPAC6B12.09, trm10' 
_entity_src_gen.gene_src_species                   ? 
_entity_src_gen.gene_src_strain                    '972 / ATCC 24843' 
_entity_src_gen.gene_src_tissue                    ? 
_entity_src_gen.gene_src_tissue_fraction           ? 
_entity_src_gen.gene_src_details                   ? 
_entity_src_gen.pdbx_gene_src_fragment             ? 
_entity_src_gen.pdbx_gene_src_scientific_name      'Schizosaccharomyces pombe' 
_entity_src_gen.pdbx_gene_src_ncbi_taxonomy_id     284812 
_entity_src_gen.pdbx_gene_src_variant              ? 
_entity_src_gen.pdbx_gene_src_cell_line            ? 
_entity_src_gen.pdbx_gene_src_atcc                 ? 
_entity_src_gen.pdbx_gene_src_organ                ? 
_entity_src_gen.pdbx_gene_src_organelle            ? 
_entity_src_gen.pdbx_gene_src_cell                 ? 
_entity_src_gen.pdbx_gene_src_cellular_location    ? 
_entity_src_gen.host_org_common_name               ? 
_entity_src_gen.pdbx_host_org_scientific_name      'Escherichia coli' 
_entity_src_gen.pdbx_host_org_ncbi_taxonomy_id     562 
_entity_src_gen.host_org_genus                     ? 
_entity_src_gen.pdbx_host_org_gene                 ? 
_entity_src_gen.pdbx_host_org_organ                ? 
_entity_src_gen.host_org_species                   ? 
_entity_src_gen.pdbx_host_org_tissue               ? 
_entity_src_gen.pdbx_host_org_tissue_fraction      ? 
_entity_src_gen.pdbx_host_org_strain               'BL21(DE3)' 
_entity_src_gen.pdbx_host_org_variant              ? 
_entity_src_gen.pdbx_host_org_cell_line            ? 
_entity_src_gen.pdbx_host_org_atcc                 ? 
_entity_src_gen.pdbx_host_org_culture_collection   ? 
_entity_src_gen.pdbx_host_org_cell                 ? 
_entity_src_gen.pdbx_host_org_organelle            ? 
_entity_src_gen.pdbx_host_org_cellular_location    ? 
_entity_src_gen.pdbx_host_org_vector_type          plasmid 
_entity_src_gen.pdbx_host_org_vector               ? 
_entity_src_gen.host_org_details                   ? 
_entity_src_gen.expression_system_id               ? 
_entity_src_gen.plasmid_name                       pET28a 
_entity_src_gen.plasmid_details                    ? 
_entity_src_gen.pdbx_description                   ? 
# 
_struct_ref.id                         1 
_struct_ref.db_name                    UNP 
_struct_ref.db_code                    TRM10_SCHPO 
_struct_ref.pdbx_db_accession          O14214 
_struct_ref.entity_id                  1 
_struct_ref.pdbx_seq_one_letter_code   
;AGEVVKSQKKRIRLGKVVPSSIRIVLDCAFDDLMNDKEINSLCQQVTRCHSANRTALHPVELFATNFGGRLKTRQDFVLK
GQQNNWKRYNPTTKSYLEEFESQKEKLVYLSADSDNTITELDEDKIYIIGAIVDKNRYKNLCQNKASEQGIKTAKLPIDE
YIKITDRKILTVNQVFEILSLWLEYRDWEKAFMEVIPKRKGILLKSDE
;
_struct_ref.pdbx_align_begin           74 
_struct_ref.pdbx_db_isoform            ? 
# 
_struct_ref_seq.align_id                      1 
_struct_ref_seq.ref_id                        1 
_struct_ref_seq.pdbx_PDB_id_code              4JWG 
_struct_ref_seq.pdbx_strand_id                A 
_struct_ref_seq.seq_align_beg                 10 
_struct_ref_seq.pdbx_seq_align_beg_ins_code   ? 
_struct_ref_seq.seq_align_end                 217 
_struct_ref_seq.pdbx_seq_align_end_ins_code   ? 
_struct_ref_seq.pdbx_db_accession             O14214 
_struct_ref_seq.db_align_beg                  74 
_struct_ref_seq.pdbx_db_align_beg_ins_code    ? 
_struct_ref_seq.db_align_end                  281 
_struct_ref_seq.pdbx_db_align_end_ins_code    ? 
_struct_ref_seq.pdbx_auth_seq_align_beg       74 
_struct_ref_seq.pdbx_auth_seq_align_end       281 
# 
loop_
_struct_ref_seq_dif.align_id 
_struct_ref_seq_dif.pdbx_pdb_id_code 
_struct_ref_seq_dif.mon_id 
_struct_ref_seq_dif.pdbx_pdb_strand_id 
_struct_ref_seq_dif.seq_num 
_struct_ref_seq_dif.pdbx_pdb_ins_code 
_struct_ref_seq_dif.pdbx_seq_db_name 
_struct_ref_seq_dif.pdbx_seq_db_accession_code 
_struct_ref_seq_dif.db_mon_id 
_struct_ref_seq_dif.pdbx_seq_db_seq_num 
_struct_ref_seq_dif.details 
_struct_ref_seq_dif.pdbx_auth_seq_num 
_struct_ref_seq_dif.pdbx_ordinal 
1 4JWG MET A 1 ? UNP O14214 ? ? 'expression tag' 65 1 
1 4JWG GLY A 2 ? UNP O14214 ? ? 'expression tag' 66 2 
1 4JWG HIS A 3 ? UNP O14214 ? ? 'expression tag' 67 3 
1 4JWG HIS A 4 ? UNP O14214 ? ? 'expression tag' 68 4 
1 4JWG HIS A 5 ? UNP O14214 ? ? 'expression tag' 69 5 
1 4JWG HIS A 6 ? UNP O14214 ? ? 'expression tag' 70 6 
1 4JWG HIS A 7 ? UNP O14214 ? ? 'expression tag' 71 7 
1 4JWG HIS A 8 ? UNP O14214 ? ? 'expression tag' 72 8 
1 4JWG MET A 9 ? UNP O14214 ? ? 'expression tag' 73 9 
# 
loop_
_chem_comp.id 
_chem_comp.type 
_chem_comp.mon_nstd_flag 
_chem_comp.name 
_chem_comp.pdbx_synonyms 
_chem_comp.formula 
_chem_comp.formula_weight 
ACY non-polymer         . 'ACETIC ACID'   ? 'C2 H4 O2'       60.052  
ALA 'L-peptide linking' y ALANINE         ? 'C3 H7 N O2'     89.093  
ARG 'L-peptide linking' y ARGININE        ? 'C6 H15 N4 O2 1' 175.209 
ASN 'L-peptide linking' y ASPARAGINE      ? 'C4 H8 N2 O3'    132.118 
ASP 'L-peptide linking' y 'ASPARTIC ACID' ? 'C4 H7 N O4'     133.103 
CYS 'L-peptide linking' y CYSTEINE        ? 'C3 H7 N O2 S'   121.158 
GLN 'L-peptide linking' y GLUTAMINE       ? 'C5 H10 N2 O3'   146.144 
GLU 'L-peptide linking' y 'GLUTAMIC ACID' ? 'C5 H9 N O4'     147.129 
GLY 'peptide linking'   y GLYCINE         ? 'C2 H5 N O2'     75.067  
HIS 'L-peptide linking' y HISTIDINE       ? 'C6 H10 N3 O2 1' 156.162 
HOH non-polymer         . WATER           ? 'H2 O'           18.015  
ILE 'L-peptide linking' y ISOLEUCINE      ? 'C6 H13 N O2'    131.173 
LEU 'L-peptide linking' y LEUCINE         ? 'C6 H13 N O2'    131.173 
LYS 'L-peptide linking' y LYSINE          ? 'C6 H15 N2 O2 1' 147.195 
MET 'L-peptide linking' y METHIONINE      ? 'C5 H11 N O2 S'  149.211 
PHE 'L-peptide linking' y PHENYLALANINE   ? 'C9 H11 N O2'    165.189 
PRO 'L-peptide linking' y PROLINE         ? 'C5 H9 N O2'     115.130 
SER 'L-peptide linking' y SERINE          ? 'C3 H7 N O3'     105.093 
THR 'L-peptide linking' y THREONINE       ? 'C4 H9 N O3'     119.119 
TRP 'L-peptide linking' y TRYPTOPHAN      ? 'C11 H12 N2 O2'  204.225 
TYR 'L-peptide linking' y TYROSINE        ? 'C9 H11 N O3'    181.189 
VAL 'L-peptide linking' y VALINE          ? 'C5 H11 N O2'    117.146 
# 
_exptl.crystals_number   1 
_exptl.entry_id          4JWG 
_exptl.method            'X-RAY DIFFRACTION' 
# 
_exptl_crystal.id                    1 
_exptl_crystal.pdbx_mosaicity        1.087 
_exptl_crystal.pdbx_mosaicity_esd    ? 
_exptl_crystal.density_Matthews      2.15 
_exptl_crystal.density_diffrn        ? 
_exptl_crystal.density_meas          ? 
_exptl_crystal.density_meas_temp     ? 
_exptl_crystal.density_percent_sol   42.76 
_exptl_crystal.size_max              ? 
_exptl_crystal.size_mid              ? 
_exptl_crystal.size_min              ? 
_exptl_crystal.size_rad              ? 
_exptl_crystal.description           ? 
_exptl_crystal.F_000                 ? 
_exptl_crystal.preparation           ? 
# 
_exptl_crystal_grow.crystal_id      1 
_exptl_crystal_grow.method          'VAPOR DIFFUSION, HANGING DROP' 
_exptl_crystal_grow.pH              5.0 
_exptl_crystal_grow.temp            287 
_exptl_crystal_grow.pdbx_details    '15% PEG 6000, 0.1M Na acetate, pH 5.0, vapor diffusion, hanging drop, temperature 287K' 
_exptl_crystal_grow.temp_details    ? 
_exptl_crystal_grow.pdbx_pH_range   . 
# 
_diffrn.id                     1 
_diffrn.ambient_temp           100 
_diffrn.ambient_temp_details   ? 
_diffrn.crystal_id             1 
# 
_diffrn_detector.diffrn_id              1 
_diffrn_detector.detector               CCD 
_diffrn_detector.type                   'RAYONIX MX-225' 
_diffrn_detector.pdbx_collection_date   2011-12-02 
_diffrn_detector.details                ? 
# 
_diffrn_radiation.diffrn_id                        1 
_diffrn_radiation.pdbx_diffrn_protocol             'SINGLE WAVELENGTH' 
_diffrn_radiation.monochromator                    GRAPHITE 
_diffrn_radiation.wavelength_id                    1 
_diffrn_radiation.pdbx_monochromatic_or_laue_m_l   M 
_diffrn_radiation.pdbx_scattering_type             x-ray 
# 
_diffrn_radiation_wavelength.id           1 
_diffrn_radiation_wavelength.wavelength   0.9792 
_diffrn_radiation_wavelength.wt           1.0 
# 
_diffrn_source.diffrn_id                   1 
_diffrn_source.source                      SYNCHROTRON 
_diffrn_source.type                        'SSRF BEAMLINE BL17U' 
_diffrn_source.pdbx_wavelength_list        0.9792 
_diffrn_source.pdbx_wavelength             ? 
_diffrn_source.pdbx_synchrotron_site       SSRF 
_diffrn_source.pdbx_synchrotron_beamline   BL17U 
# 
_reflns.entry_id                     4JWG 
_reflns.d_resolution_high            2.500 
_reflns.d_resolution_low             50.000 
_reflns.number_obs                   7871 
_reflns.pdbx_Rmerge_I_obs            0.090 
_reflns.pdbx_netI_over_sigmaI        11.900 
_reflns.pdbx_chi_squared             1.243 
_reflns.pdbx_redundancy              7.000 
_reflns.percent_possible_obs         99.800 
_reflns.observed_criterion_sigma_F   3.0 
_reflns.observed_criterion_sigma_I   3.0 
_reflns.number_all                   7886 
_reflns.pdbx_Rsym_value              ? 
_reflns.B_iso_Wilson_estimate        ? 
_reflns.R_free_details               ? 
_reflns.limit_h_max                  ? 
_reflns.limit_h_min                  ? 
_reflns.limit_k_max                  ? 
_reflns.limit_k_min                  ? 
_reflns.limit_l_max                  ? 
_reflns.limit_l_min                  ? 
_reflns.observed_criterion_F_max     ? 
_reflns.observed_criterion_F_min     ? 
_reflns.pdbx_scaling_rejects         ? 
_reflns.pdbx_ordinal                 1 
_reflns.pdbx_diffrn_id               1 
# 
loop_
_reflns_shell.d_res_high 
_reflns_shell.d_res_low 
_reflns_shell.number_measured_obs 
_reflns_shell.number_measured_all 
_reflns_shell.number_unique_obs 
_reflns_shell.pdbx_rejects 
_reflns_shell.Rmerge_I_obs 
_reflns_shell.meanI_over_sigI_obs 
_reflns_shell.pdbx_Rsym_value 
_reflns_shell.pdbx_chi_squared 
_reflns_shell.pdbx_redundancy 
_reflns_shell.percent_possible_obs 
_reflns_shell.pdbx_netI_over_sigmaI_obs 
_reflns_shell.number_possible 
_reflns_shell.number_unique_all 
_reflns_shell.Rmerge_F_all 
_reflns_shell.Rmerge_F_obs 
_reflns_shell.Rmerge_I_all 
_reflns_shell.meanI_over_sigI_all 
_reflns_shell.percent_possible_all 
_reflns_shell.pdbx_Rrim_I_all 
_reflns_shell.pdbx_Rpim_I_all 
_reflns_shell.pdbx_ordinal 
_reflns_shell.pdbx_diffrn_id 
2.500 2.590  ? ? ? ? 0.492 ? ? 1.192 7.200 ? ? ? 770 ? ? ? ? 100.000 ? ? 1  1 
2.590 2.690  ? ? ? ? 0.401 ? ? 1.302 7.200 ? ? ? 777 ? ? ? ? 100.000 ? ? 2  1 
2.690 2.820  ? ? ? ? 0.315 ? ? 1.344 7.200 ? ? ? 762 ? ? ? ? 100.000 ? ? 3  1 
2.820 2.960  ? ? ? ? 0.227 ? ? 1.337 7.200 ? ? ? 776 ? ? ? ? 100.000 ? ? 4  1 
2.960 3.150  ? ? ? ? 0.167 ? ? 1.340 7.200 ? ? ? 778 ? ? ? ? 100.000 ? ? 5  1 
3.150 3.390  ? ? ? ? 0.117 ? ? 1.258 7.100 ? ? ? 776 ? ? ? ? 100.000 ? ? 6  1 
3.390 3.730  ? ? ? ? 0.095 ? ? 1.219 7.000 ? ? ? 787 ? ? ? ? 100.000 ? ? 7  1 
3.730 4.270  ? ? ? ? 0.075 ? ? 1.169 6.700 ? ? ? 800 ? ? ? ? 99.400  ? ? 8  1 
4.270 5.380  ? ? ? ? 0.063 ? ? 1.078 6.600 ? ? ? 796 ? ? ? ? 99.100  ? ? 9  1 
5.380 50.000 ? ? ? ? 0.045 ? ? 1.174 6.500 ? ? ? 849 ? ? ? ? 99.200  ? ? 10 1 
# 
_refine.entry_id                                 4JWG 
_refine.ls_d_res_high                            2.5000 
_refine.ls_d_res_low                             41.4800 
_refine.pdbx_ls_sigma_F                          0.000 
_refine.pdbx_data_cutoff_high_absF               ? 
_refine.pdbx_data_cutoff_low_absF                ? 
_refine.ls_percent_reflns_obs                    99.5900 
_refine.ls_number_reflns_obs                     7832 
_refine.ls_number_reflns_all                     7886 
_refine.pdbx_ls_cross_valid_method               THROUGHOUT 
_refine.pdbx_R_Free_selection_details            RANDOM 
_refine.details                                  'HYDROGENS HAVE BEEN ADDED IN THE RIDING POSITIONS U VALUES: REFINED INDIVIDUALLY' 
_refine.ls_R_factor_all                          0.262 
_refine.ls_R_factor_obs                          0.2145 
_refine.ls_R_factor_R_work                       0.2111 
_refine.ls_wR_factor_R_work                      0.2196 
_refine.ls_R_factor_R_free                       0.2839 
_refine.ls_wR_factor_R_free                      0.2936 
_refine.ls_percent_reflns_R_free                 4.6000 
_refine.ls_number_reflns_R_free                  363 
_refine.ls_R_factor_R_free_error                 ? 
_refine.B_iso_mean                               45.7657 
_refine.solvent_model_param_bsol                 ? 
_refine.solvent_model_param_ksol                 ? 
_refine.pdbx_isotropic_thermal_model             ? 
_refine.aniso_B[1][1]                            -0.0400 
_refine.aniso_B[2][2]                            0.0000 
_refine.aniso_B[3][3]                            0.0300 
_refine.aniso_B[1][2]                            0.0000 
_refine.aniso_B[1][3]                            0.0000 
_refine.aniso_B[2][3]                            0.0000 
_refine.correlation_coeff_Fo_to_Fc               0.9400 
_refine.correlation_coeff_Fo_to_Fc_free          0.8810 
_refine.overall_SU_R_Cruickshank_DPI             0.5957 
_refine.overall_SU_R_free                        0.3291 
_refine.pdbx_overall_ESU_R                       0.5960 
_refine.pdbx_overall_ESU_R_Free                  0.3290 
_refine.overall_SU_ML                            0.2520 
_refine.overall_SU_B                             11.3820 
_refine.solvent_model_details                    MASK 
_refine.pdbx_solvent_vdw_probe_radii             1.4000 
_refine.pdbx_solvent_ion_probe_radii             0.8000 
_refine.pdbx_solvent_shrinkage_radii             0.8000 
_refine.ls_number_parameters                     ? 
_refine.ls_number_restraints                     ? 
_refine.pdbx_starting_model                      4JWF 
_refine.pdbx_method_to_determine_struct          'MOLECULAR REPLACEMENT' 
_refine.pdbx_stereochemistry_target_values       'MAXIMUM LIKELIHOOD' 
_refine.pdbx_stereochem_target_val_spec_case     ? 
_refine.overall_FOM_work_R_set                   0.7744 
_refine.B_iso_max                                75.460 
_refine.B_iso_min                                21.010 
_refine.pdbx_overall_phase_error                 ? 
_refine.occupancy_max                            1.000 
_refine.occupancy_min                            0.000 
_refine.pdbx_ls_sigma_I                          ? 
_refine.ls_redundancy_reflns_obs                 ? 
_refine.ls_R_factor_R_free_error_details         ? 
_refine.pdbx_data_cutoff_high_rms_absF           ? 
_refine.overall_FOM_free_R_set                   ? 
_refine.pdbx_diffrn_id                           1 
_refine.pdbx_refine_id                           'X-RAY DIFFRACTION' 
_refine.pdbx_TLS_residual_ADP_flag               ? 
_refine.pdbx_overall_SU_R_free_Cruickshank_DPI   ? 
_refine.pdbx_overall_SU_R_Blow_DPI               ? 
_refine.pdbx_overall_SU_R_free_Blow_DPI          ? 
# 
_refine_hist.pdbx_refine_id                   'X-RAY DIFFRACTION' 
_refine_hist.cycle_id                         LAST 
_refine_hist.pdbx_number_atoms_protein        1534 
_refine_hist.pdbx_number_atoms_nucleic_acid   0 
_refine_hist.pdbx_number_atoms_ligand         12 
_refine_hist.number_atoms_solvent             36 
_refine_hist.number_atoms_total               1582 
_refine_hist.d_res_high                       2.5000 
_refine_hist.d_res_low                        41.4800 
# 
loop_
_refine_ls_restr.type 
_refine_ls_restr.number 
_refine_ls_restr.dev_ideal 
_refine_ls_restr.dev_ideal_target 
_refine_ls_restr.weight 
_refine_ls_restr.pdbx_restraint_function 
_refine_ls_restr.pdbx_refine_id 
r_bond_refined_d       1539 0.017  0.022  ? ? 'X-RAY DIFFRACTION' 
r_bond_other_d         9    0.002  0.020  ? ? 'X-RAY DIFFRACTION' 
r_angle_refined_deg    2082 1.727  1.959  ? ? 'X-RAY DIFFRACTION' 
r_angle_other_deg      18   0.161  3.000  ? ? 'X-RAY DIFFRACTION' 
r_dihedral_angle_1_deg 186  6.537  5.000  ? ? 'X-RAY DIFFRACTION' 
r_dihedral_angle_2_deg 76   40.571 24.605 ? ? 'X-RAY DIFFRACTION' 
r_dihedral_angle_3_deg 275  17.903 15.000 ? ? 'X-RAY DIFFRACTION' 
r_dihedral_angle_4_deg 11   21.451 15.000 ? ? 'X-RAY DIFFRACTION' 
r_chiral_restr         237  0.119  0.200  ? ? 'X-RAY DIFFRACTION' 
r_gen_planes_refined   1162 0.007  0.021  ? ? 'X-RAY DIFFRACTION' 
r_mcbond_it            942  0.797  1.500  ? ? 'X-RAY DIFFRACTION' 
r_mcangle_it           1520 1.521  2.000  ? ? 'X-RAY DIFFRACTION' 
r_scbond_it            597  2.326  3.000  ? ? 'X-RAY DIFFRACTION' 
r_scangle_it           562  3.979  4.500  ? ? 'X-RAY DIFFRACTION' 
# 
_refine_ls_shell.d_res_high                       2.5000 
_refine_ls_shell.d_res_low                        2.5650 
_refine_ls_shell.pdbx_total_number_of_bins_used   20 
_refine_ls_shell.percent_reflns_obs               97.6000 
_refine_ls_shell.number_reflns_R_work             543 
_refine_ls_shell.R_factor_all                     ? 
_refine_ls_shell.R_factor_R_work                  0.2430 
_refine_ls_shell.R_factor_R_free                  0.2840 
_refine_ls_shell.percent_reflns_R_free            ? 
_refine_ls_shell.number_reflns_R_free             26 
_refine_ls_shell.R_factor_R_free_error            ? 
_refine_ls_shell.number_reflns_all                569 
_refine_ls_shell.number_reflns_obs                ? 
_refine_ls_shell.pdbx_refine_id                   'X-RAY DIFFRACTION' 
_refine_ls_shell.redundancy_reflns_obs            ? 
# 
_struct.entry_id                  4JWG 
_struct.title                     'Crystal structure of spTrm10(74)' 
_struct.pdbx_model_details        ? 
_struct.pdbx_CASP_flag            ? 
_struct.pdbx_model_type_details   ? 
# 
_struct_keywords.entry_id        4JWG 
_struct_keywords.text            'tRNA MTase domain, TRANSFERASE' 
_struct_keywords.pdbx_keywords   TRANSFERASE 
# 
loop_
_struct_asym.id 
_struct_asym.pdbx_blank_PDB_chainid_flag 
_struct_asym.pdbx_modified 
_struct_asym.entity_id 
_struct_asym.details 
A N N 1 ? 
B N N 2 ? 
C N N 2 ? 
D N N 2 ? 
E N N 3 ? 
# 
_struct_biol.id        1 
_struct_biol.details   ? 
# 
loop_
_struct_conf.conf_type_id 
_struct_conf.id 
_struct_conf.pdbx_PDB_helix_id 
_struct_conf.beg_label_comp_id 
_struct_conf.beg_label_asym_id 
_struct_conf.beg_label_seq_id 
_struct_conf.pdbx_beg_PDB_ins_code 
_struct_conf.end_label_comp_id 
_struct_conf.end_label_asym_id 
_struct_conf.end_label_seq_id 
_struct_conf.pdbx_end_PDB_ins_code 
_struct_conf.beg_auth_comp_id 
_struct_conf.beg_auth_asym_id 
_struct_conf.beg_auth_seq_id 
_struct_conf.end_auth_comp_id 
_struct_conf.end_auth_asym_id 
_struct_conf.end_auth_seq_id 
_struct_conf.pdbx_PDB_helix_class 
_struct_conf.details 
_struct_conf.pdbx_PDB_helix_length 
HELX_P HELX_P1  1  ASN A 44  ? THR A 64  ? ASN A 108 THR A 128 1 ? 21 
HELX_P HELX_P2  2  GLY A 77  ? LYS A 89  ? GLY A 141 LYS A 153 1 ? 13 
HELX_P HELX_P3  3  GLY A 90  ? TRP A 95  ? GLY A 154 TRP A 159 5 ? 6  
HELX_P HELX_P4  4  SER A 104 ? PHE A 109 ? SER A 168 PHE A 173 1 ? 6  
HELX_P HELX_P5  5  GLU A 110 ? GLU A 114 ? GLU A 174 GLU A 178 5 ? 5  
HELX_P HELX_P6  6  ASP A 143 ? TYR A 147 ? ASP A 207 TYR A 211 5 ? 5  
HELX_P HELX_P7  7  ASN A 149 ? GLN A 158 ? ASN A 213 GLN A 222 1 ? 10 
HELX_P HELX_P8  8  LYS A 172 ? LYS A 177 ? LYS A 236 LYS A 241 1 ? 6  
HELX_P HELX_P9  9  THR A 180 ? ARG A 195 ? THR A 244 ARG A 259 1 ? 16 
HELX_P HELX_P10 10 ASP A 196 ? ILE A 205 ? ASP A 260 ILE A 269 1 ? 10 
# 
_struct_conf_type.id          HELX_P 
_struct_conf_type.criteria    ? 
_struct_conf_type.reference   ? 
# 
_struct_mon_prot_cis.pdbx_id                1 
_struct_mon_prot_cis.label_comp_id          LYS 
_struct_mon_prot_cis.label_seq_id           96 
_struct_mon_prot_cis.label_asym_id          A 
_struct_mon_prot_cis.label_alt_id           . 
_struct_mon_prot_cis.pdbx_PDB_ins_code      ? 
_struct_mon_prot_cis.auth_comp_id           LYS 
_struct_mon_prot_cis.auth_seq_id            160 
_struct_mon_prot_cis.auth_asym_id           A 
_struct_mon_prot_cis.pdbx_label_comp_id_2   ARG 
_struct_mon_prot_cis.pdbx_label_seq_id_2    97 
_struct_mon_prot_cis.pdbx_label_asym_id_2   A 
_struct_mon_prot_cis.pdbx_PDB_ins_code_2    ? 
_struct_mon_prot_cis.pdbx_auth_comp_id_2    ARG 
_struct_mon_prot_cis.pdbx_auth_seq_id_2     161 
_struct_mon_prot_cis.pdbx_auth_asym_id_2    A 
_struct_mon_prot_cis.pdbx_PDB_model_num     1 
_struct_mon_prot_cis.pdbx_omega_angle       -6.66 
# 
_struct_sheet.id               A 
_struct_sheet.type             ? 
_struct_sheet.number_strands   6 
_struct_sheet.details          ? 
# 
loop_
_struct_sheet_order.sheet_id 
_struct_sheet_order.range_id_1 
_struct_sheet_order.range_id_2 
_struct_sheet_order.offset 
_struct_sheet_order.sense 
A 1 2 ? parallel 
A 2 3 ? parallel 
A 3 4 ? parallel 
A 4 5 ? parallel 
A 5 6 ? parallel 
# 
loop_
_struct_sheet_range.sheet_id 
_struct_sheet_range.id 
_struct_sheet_range.beg_label_comp_id 
_struct_sheet_range.beg_label_asym_id 
_struct_sheet_range.beg_label_seq_id 
_struct_sheet_range.pdbx_beg_PDB_ins_code 
_struct_sheet_range.end_label_comp_id 
_struct_sheet_range.end_label_asym_id 
_struct_sheet_range.end_label_seq_id 
_struct_sheet_range.pdbx_end_PDB_ins_code 
_struct_sheet_range.beg_auth_comp_id 
_struct_sheet_range.beg_auth_asym_id 
_struct_sheet_range.beg_auth_seq_id 
_struct_sheet_range.end_auth_comp_id 
_struct_sheet_range.end_auth_asym_id 
_struct_sheet_range.end_auth_seq_id 
A 1 TYR A 98  ? THR A 101 ? TYR A 162 THR A 165 
A 2 GLU A 70  ? THR A 74  ? GLU A 134 THR A 138 
A 3 ARG A 32  ? ASP A 36  ? ARG A 96  ASP A 100 
A 4 ILE A 135 ? GLY A 139 ? ILE A 199 GLY A 203 
A 5 LEU A 116 ? LEU A 119 ? LEU A 180 LEU A 183 
A 6 LYS A 161 ? ALA A 163 ? LYS A 225 ALA A 227 
# 
loop_
_pdbx_struct_sheet_hbond.sheet_id 
_pdbx_struct_sheet_hbond.range_id_1 
_pdbx_struct_sheet_hbond.range_id_2 
_pdbx_struct_sheet_hbond.range_1_label_atom_id 
_pdbx_struct_sheet_hbond.range_1_label_comp_id 
_pdbx_struct_sheet_hbond.range_1_label_asym_id 
_pdbx_struct_sheet_hbond.range_1_label_seq_id 
_pdbx_struct_sheet_hbond.range_1_PDB_ins_code 
_pdbx_struct_sheet_hbond.range_1_auth_atom_id 
_pdbx_struct_sheet_hbond.range_1_auth_comp_id 
_pdbx_struct_sheet_hbond.range_1_auth_asym_id 
_pdbx_struct_sheet_hbond.range_1_auth_seq_id 
_pdbx_struct_sheet_hbond.range_2_label_atom_id 
_pdbx_struct_sheet_hbond.range_2_label_comp_id 
_pdbx_struct_sheet_hbond.range_2_label_asym_id 
_pdbx_struct_sheet_hbond.range_2_label_seq_id 
_pdbx_struct_sheet_hbond.range_2_PDB_ins_code 
_pdbx_struct_sheet_hbond.range_2_auth_atom_id 
_pdbx_struct_sheet_hbond.range_2_auth_comp_id 
_pdbx_struct_sheet_hbond.range_2_auth_asym_id 
_pdbx_struct_sheet_hbond.range_2_auth_seq_id 
A 1 2 O THR A 101 ? O THR A 165 N ALA A 73  ? N ALA A 137 
A 2 3 O PHE A 72  ? O PHE A 136 N ILE A 33  ? N ILE A 97  
A 3 4 N VAL A 34  ? N VAL A 98  O ILE A 138 ? O ILE A 202 
A 4 5 O ILE A 135 ? O ILE A 199 N VAL A 117 ? N VAL A 181 
A 5 6 N TYR A 118 ? N TYR A 182 O LYS A 161 ? O LYS A 225 
# 
loop_
_struct_site.id 
_struct_site.pdbx_evidence_code 
_struct_site.pdbx_auth_asym_id 
_struct_site.pdbx_auth_comp_id 
_struct_site.pdbx_auth_seq_id 
_struct_site.pdbx_auth_ins_code 
_struct_site.pdbx_num_residues 
_struct_site.details 
AC1 Software A ACY 301 ? 5 'BINDING SITE FOR RESIDUE ACY A 301' 
AC2 Software A ACY 302 ? 2 'BINDING SITE FOR RESIDUE ACY A 302' 
AC3 Software A ACY 303 ? 4 'BINDING SITE FOR RESIDUE ACY A 303' 
# 
loop_
_struct_site_gen.id 
_struct_site_gen.site_id 
_struct_site_gen.pdbx_num_res 
_struct_site_gen.label_comp_id 
_struct_site_gen.label_asym_id 
_struct_site_gen.label_seq_id 
_struct_site_gen.pdbx_auth_ins_code 
_struct_site_gen.auth_comp_id 
_struct_site_gen.auth_asym_id 
_struct_site_gen.auth_seq_id 
_struct_site_gen.label_atom_id 
_struct_site_gen.label_alt_id 
_struct_site_gen.symmetry 
_struct_site_gen.details 
1  AC1 5 CYS A 37  ? CYS A 101 . ? 1_555 ? 
2  AC1 5 ALA A 38  ? ALA A 102 . ? 1_555 ? 
3  AC1 5 PHE A 39  ? PHE A 103 . ? 1_555 ? 
4  AC1 5 ASP A 40  ? ASP A 104 . ? 1_555 ? 
5  AC1 5 ASN A 75  ? ASN A 139 . ? 1_555 ? 
6  AC2 2 LEU A 119 ? LEU A 183 . ? 1_555 ? 
7  AC2 2 GLY A 139 ? GLY A 203 . ? 1_555 ? 
8  AC3 4 CYS A 52  ? CYS A 116 . ? 1_555 ? 
9  AC3 4 GLN A 53  ? GLN A 117 . ? 1_555 ? 
10 AC3 4 THR A 56  ? THR A 120 . ? 1_555 ? 
11 AC3 4 VAL A 87  ? VAL A 151 . ? 1_555 ? 
# 
_atom_sites.entry_id                    4JWG 
_atom_sites.fract_transf_matrix[1][1]   -0.00534964 
_atom_sites.fract_transf_matrix[1][2]   -0.00063597 
_atom_sites.fract_transf_matrix[1][3]   -0.01858596 
_atom_sites.fract_transf_matrix[2][1]   0.00411320 
_atom_sites.fract_transf_matrix[2][2]   -0.01375444 
_atom_sites.fract_transf_matrix[2][3]   -0.00071327 
_atom_sites.fract_transf_matrix[3][1]   -0.00757710 
_atom_sites.fract_transf_matrix[3][2]   -0.00238322 
_atom_sites.fract_transf_matrix[3][3]   0.00226248 
_atom_sites.fract_transf_vector[1]      0.054955 
_atom_sites.fract_transf_vector[2]      0.276754 
_atom_sites.fract_transf_vector[3]      0.108363 
# 
loop_
_atom_type.symbol 
C 
N 
O 
S 
# 
loop_
_atom_site.group_PDB 
_atom_site.id 
_atom_site.type_symbol 
_atom_site.label_atom_id 
_atom_site.label_alt_id 
_atom_site.label_comp_id 
_atom_site.label_asym_id 
_atom_site.label_entity_id 
_atom_site.label_seq_id 
_atom_site.pdbx_PDB_ins_code 
_atom_site.Cartn_x 
_atom_site.Cartn_y 
_atom_site.Cartn_z 
_atom_site.occupancy 
_atom_site.B_iso_or_equiv 
_atom_site.pdbx_formal_charge 
_atom_site.auth_seq_id 
_atom_site.auth_comp_id 
_atom_site.auth_asym_id 
_atom_site.auth_atom_id 
_atom_site.pdbx_PDB_model_num 
ATOM   1    N N   . ARG A 1 20  ? 10.418  10.187  -14.874 1.00 57.35 ? 84  ARG A N   1 
ATOM   2    C CA  . ARG A 1 20  ? 11.508  10.260  -13.962 1.00 56.88 ? 84  ARG A CA  1 
ATOM   3    C C   . ARG A 1 20  ? 12.701  9.580   -14.528 1.00 56.25 ? 84  ARG A C   1 
ATOM   4    O O   . ARG A 1 20  ? 12.639  8.959   -15.547 1.00 55.70 ? 84  ARG A O   1 
ATOM   5    C CB  . ARG A 1 20  ? 11.150  9.598   -12.655 1.00 56.78 ? 84  ARG A CB  1 
ATOM   6    C CG  . ARG A 1 20  ? 11.856  10.219  -11.535 1.00 58.09 ? 84  ARG A CG  1 
ATOM   7    C CD  . ARG A 1 20  ? 11.565  9.485   -10.280 1.00 61.36 ? 84  ARG A CD  1 
ATOM   8    N NE  . ARG A 1 20  ? 11.445  8.086   -10.550 1.00 65.60 ? 84  ARG A NE  1 
ATOM   9    C CZ  . ARG A 1 20  ? 12.357  7.217   -10.177 1.00 68.22 ? 84  ARG A CZ  1 
ATOM   10   N NH1 . ARG A 1 20  ? 12.224  5.929   -10.436 1.00 69.94 ? 84  ARG A NH1 1 
ATOM   11   N NH2 . ARG A 1 20  ? 13.403  7.660   -9.528  1.00 70.23 ? 84  ARG A NH2 1 
ATOM   12   N N   . ILE A 1 21  ? 13.801  9.703   -13.834 1.00 55.13 ? 85  ILE A N   1 
ATOM   13   C CA  . ILE A 1 21  ? 15.012  9.103   -14.260 1.00 54.50 ? 85  ILE A CA  1 
ATOM   14   C C   . ILE A 1 21  ? 15.537  8.410   -13.063 1.00 53.58 ? 85  ILE A C   1 
ATOM   15   O O   . ILE A 1 21  ? 15.782  8.991   -12.047 1.00 54.07 ? 85  ILE A O   1 
ATOM   16   C CB  . ILE A 1 21  ? 16.029  10.133  -14.720 1.00 55.13 ? 85  ILE A CB  1 
ATOM   17   C CG1 . ILE A 1 21  ? 15.540  10.835  -15.971 1.00 54.84 ? 85  ILE A CG1 1 
ATOM   18   C CG2 . ILE A 1 21  ? 17.330  9.475   -15.030 1.00 54.82 ? 85  ILE A CG2 1 
ATOM   19   C CD1 . ILE A 1 21  ? 16.425  11.939  -16.430 1.00 53.89 ? 85  ILE A CD1 1 
ATOM   20   N N   . ARG A 1 22  ? 15.703  7.133   -13.219 1.00 51.96 ? 86  ARG A N   1 
ATOM   21   C CA  . ARG A 1 22  ? 16.209  6.262   -12.164 1.00 50.34 ? 86  ARG A CA  1 
ATOM   22   C C   . ARG A 1 22  ? 17.717  6.052   -12.322 1.00 50.29 ? 86  ARG A C   1 
ATOM   23   O O   . ARG A 1 22  ? 18.186  5.675   -13.414 1.00 50.08 ? 86  ARG A O   1 
ATOM   24   C CB  . ARG A 1 22  ? 15.530  4.906   -12.379 1.00 49.99 ? 86  ARG A CB  1 
ATOM   25   C CG  . ARG A 1 22  ? 15.537  3.887   -11.263 1.00 47.99 ? 86  ARG A CG  1 
ATOM   26   C CD  . ARG A 1 22  ? 14.730  2.688   -11.748 1.00 47.09 ? 86  ARG A CD  1 
ATOM   27   N NE  . ARG A 1 22  ? 15.373  2.041   -12.896 1.00 46.39 ? 86  ARG A NE  1 
ATOM   28   C CZ  . ARG A 1 22  ? 14.816  1.086   -13.651 1.00 45.37 ? 86  ARG A CZ  1 
ATOM   29   N NH1 . ARG A 1 22  ? 13.584  0.645   -13.407 1.00 45.46 ? 86  ARG A NH1 1 
ATOM   30   N NH2 . ARG A 1 22  ? 15.493  0.562   -14.667 1.00 42.43 ? 86  ARG A NH2 1 
ATOM   31   N N   . LEU A 1 23  ? 18.472  6.224   -11.241 1.00 49.69 ? 87  LEU A N   1 
ATOM   32   C CA  . LEU A 1 23  ? 19.903  5.901   -11.242 1.00 49.88 ? 87  LEU A CA  1 
ATOM   33   C C   . LEU A 1 23  ? 20.177  4.486   -10.746 1.00 49.03 ? 87  LEU A C   1 
ATOM   34   O O   . LEU A 1 23  ? 19.728  4.119   -9.673  1.00 49.73 ? 87  LEU A O   1 
ATOM   35   C CB  . LEU A 1 23  ? 20.684  6.885   -10.352 1.00 50.46 ? 87  LEU A CB  1 
ATOM   36   C CG  . LEU A 1 23  ? 22.137  6.498   -9.973  1.00 52.67 ? 87  LEU A CG  1 
ATOM   37   C CD1 . LEU A 1 23  ? 23.135  6.772   -11.119 1.00 54.93 ? 87  LEU A CD1 1 
ATOM   38   C CD2 . LEU A 1 23  ? 22.619  7.170   -8.654  1.00 55.18 ? 87  LEU A CD2 1 
ATOM   39   N N   . GLY A 1 24  ? 20.929  3.697   -11.499 1.00 48.13 ? 88  GLY A N   1 
ATOM   40   C CA  . GLY A 1 24  ? 21.448  2.435   -10.960 1.00 47.33 ? 88  GLY A CA  1 
ATOM   41   C C   . GLY A 1 24  ? 20.786  1.150   -11.440 1.00 46.78 ? 88  GLY A C   1 
ATOM   42   O O   . GLY A 1 24  ? 19.862  1.182   -12.261 1.00 45.95 ? 88  GLY A O   1 
ATOM   43   N N   . LYS A 1 25  ? 21.290  0.028   -10.919 1.00 46.22 ? 89  LYS A N   1 
ATOM   44   C CA  . LYS A 1 25  ? 20.860  -1.318  -11.310 1.00 46.66 ? 89  LYS A CA  1 
ATOM   45   C C   . LYS A 1 25  ? 19.642  -1.740  -10.494 1.00 46.02 ? 89  LYS A C   1 
ATOM   46   O O   . LYS A 1 25  ? 19.569  -1.518  -9.284  1.00 46.12 ? 89  LYS A O   1 
ATOM   47   C CB  . LYS A 1 25  ? 22.006  -2.364  -11.139 1.00 46.79 ? 89  LYS A CB  1 
ATOM   48   C CG  . LYS A 1 25  ? 23.033  -2.164  -12.124 0.00 46.91 ? 89  LYS A CG  1 
ATOM   49   C CD  . LYS A 1 25  ? 24.065  -3.271  -11.994 0.00 46.01 ? 89  LYS A CD  1 
ATOM   50   C CE  . LYS A 1 25  ? 25.223  -3.059  -12.954 0.00 45.06 ? 89  LYS A CE  1 
ATOM   51   N NZ  . LYS A 1 25  ? 26.256  -4.126  -12.829 0.00 44.65 ? 89  LYS A NZ  1 
ATOM   52   N N   . VAL A 1 26  ? 18.694  -2.354  -11.179 1.00 45.49 ? 90  VAL A N   1 
ATOM   53   C CA  . VAL A 1 26  ? 17.500  -2.889  -10.556 1.00 45.23 ? 90  VAL A CA  1 
ATOM   54   C C   . VAL A 1 26  ? 17.820  -4.121  -9.689  1.00 44.95 ? 90  VAL A C   1 
ATOM   55   O O   . VAL A 1 26  ? 18.154  -5.186  -10.208 1.00 45.07 ? 90  VAL A O   1 
ATOM   56   C CB  . VAL A 1 26  ? 16.383  -3.185  -11.619 1.00 44.83 ? 90  VAL A CB  1 
ATOM   57   C CG1 . VAL A 1 26  ? 15.277  -4.124  -11.053 1.00 44.34 ? 90  VAL A CG1 1 
ATOM   58   C CG2 . VAL A 1 26  ? 15.770  -1.869  -12.130 1.00 44.17 ? 90  VAL A CG2 1 
ATOM   59   N N   . VAL A 1 27  ? 17.718  -3.956  -8.371  1.00 44.33 ? 91  VAL A N   1 
ATOM   60   C CA  . VAL A 1 27  ? 17.815  -5.087  -7.440  1.00 43.38 ? 91  VAL A CA  1 
ATOM   61   C C   . VAL A 1 27  ? 16.514  -5.233  -6.671  1.00 42.87 ? 91  VAL A C   1 
ATOM   62   O O   . VAL A 1 27  ? 16.152  -4.324  -5.911  1.00 42.50 ? 91  VAL A O   1 
ATOM   63   C CB  . VAL A 1 27  ? 18.972  -4.909  -6.418  1.00 43.34 ? 91  VAL A CB  1 
ATOM   64   C CG1 . VAL A 1 27  ? 19.140  -6.197  -5.572  1.00 42.77 ? 91  VAL A CG1 1 
ATOM   65   C CG2 . VAL A 1 27  ? 20.269  -4.552  -7.139  1.00 43.29 ? 91  VAL A CG2 1 
ATOM   66   N N   . PRO A 1 28  ? 15.804  -6.372  -6.860  1.00 42.63 ? 92  PRO A N   1 
ATOM   67   C CA  . PRO A 1 28  ? 14.520  -6.614  -6.183  1.00 41.71 ? 92  PRO A CA  1 
ATOM   68   C C   . PRO A 1 28  ? 14.662  -6.597  -4.687  1.00 41.98 ? 92  PRO A C   1 
ATOM   69   O O   . PRO A 1 28  ? 15.755  -6.839  -4.167  1.00 41.70 ? 92  PRO A O   1 
ATOM   70   C CB  . PRO A 1 28  ? 14.134  -8.009  -6.662  1.00 42.63 ? 92  PRO A CB  1 
ATOM   71   C CG  . PRO A 1 28  ? 14.823  -8.156  -8.018  1.00 42.08 ? 92  PRO A CG  1 
ATOM   72   C CD  . PRO A 1 28  ? 16.129  -7.432  -7.840  1.00 42.11 ? 92  PRO A CD  1 
ATOM   73   N N   . SER A 1 29  ? 13.574  -6.269  -3.988  1.00 42.50 ? 93  SER A N   1 
ATOM   74   C CA  . SER A 1 29  ? 13.586  -6.243  -2.538  1.00 42.56 ? 93  SER A CA  1 
ATOM   75   C C   . SER A 1 29  ? 12.855  -7.451  -1.951  1.00 42.87 ? 93  SER A C   1 
ATOM   76   O O   . SER A 1 29  ? 11.909  -7.959  -2.555  1.00 43.60 ? 93  SER A O   1 
ATOM   77   C CB  . SER A 1 29  ? 12.962  -4.941  -2.047  1.00 42.67 ? 93  SER A CB  1 
ATOM   78   O OG  . SER A 1 29  ? 12.657  -4.993  -0.652  1.00 42.77 ? 93  SER A OG  1 
ATOM   79   N N   . SER A 1 30  ? 13.287  -7.887  -0.764  1.00 43.04 ? 94  SER A N   1 
ATOM   80   C CA  . SER A 1 30  ? 12.610  -8.953  0.006   1.00 43.68 ? 94  SER A CA  1 
ATOM   81   C C   . SER A 1 30  ? 11.311  -8.477  0.616   1.00 42.95 ? 94  SER A C   1 
ATOM   82   O O   . SER A 1 30  ? 10.464  -9.294  0.961   1.00 43.68 ? 94  SER A O   1 
ATOM   83   C CB  . SER A 1 30  ? 13.461  -9.402  1.186   1.00 43.21 ? 94  SER A CB  1 
ATOM   84   O OG  . SER A 1 30  ? 14.732  -9.721  0.735   1.00 46.30 ? 94  SER A OG  1 
ATOM   85   N N   . ILE A 1 31  ? 11.178  -7.167  0.801   1.00 42.10 ? 95  ILE A N   1 
ATOM   86   C CA  . ILE A 1 31  ? 10.020  -6.613  1.494   1.00 41.36 ? 95  ILE A CA  1 
ATOM   87   C C   . ILE A 1 31  ? 8.736   -6.962  0.768   1.00 41.02 ? 95  ILE A C   1 
ATOM   88   O O   . ILE A 1 31  ? 8.692   -6.967  -0.473  1.00 41.75 ? 95  ILE A O   1 
ATOM   89   C CB  . ILE A 1 31  ? 10.108  -5.112  1.594   1.00 41.28 ? 95  ILE A CB  1 
ATOM   90   C CG1 . ILE A 1 31  ? 11.301  -4.728  2.424   1.00 40.99 ? 95  ILE A CG1 1 
ATOM   91   C CG2 . ILE A 1 31  ? 8.879   -4.545  2.264   1.00 41.60 ? 95  ILE A CG2 1 
ATOM   92   C CD1 . ILE A 1 31  ? 11.604  -3.250  2.365   1.00 41.73 ? 95  ILE A CD1 1 
ATOM   93   N N   . ARG A 1 32  ? 7.690   -7.244  1.536   1.00 40.15 ? 96  ARG A N   1 
ATOM   94   C CA  . ARG A 1 32  ? 6.379   -7.476  0.944   1.00 39.24 ? 96  ARG A CA  1 
ATOM   95   C C   . ARG A 1 32  ? 5.400   -6.388  1.317   1.00 38.08 ? 96  ARG A C   1 
ATOM   96   O O   . ARG A 1 32  ? 5.374   -5.910  2.447   1.00 37.93 ? 96  ARG A O   1 
ATOM   97   C CB  . ARG A 1 32  ? 5.875   -8.864  1.293   1.00 39.20 ? 96  ARG A CB  1 
ATOM   98   C CG  . ARG A 1 32  ? 6.801   -9.952  0.717   1.00 41.47 ? 96  ARG A CG  1 
ATOM   99   C CD  . ARG A 1 32  ? 6.941   -11.104 1.677   1.00 45.43 ? 96  ARG A CD  1 
ATOM   100  N NE  . ARG A 1 32  ? 7.699   -10.697 2.852   1.00 50.74 ? 96  ARG A NE  1 
ATOM   101  C CZ  . ARG A 1 32  ? 7.839   -11.433 3.948   1.00 52.60 ? 96  ARG A CZ  1 
ATOM   102  N NH1 . ARG A 1 32  ? 7.270   -12.619 4.005   1.00 53.26 ? 96  ARG A NH1 1 
ATOM   103  N NH2 . ARG A 1 32  ? 8.550   -10.981 4.981   1.00 53.94 ? 96  ARG A NH2 1 
ATOM   104  N N   . ILE A 1 33  ? 4.616   -5.964  0.344   1.00 36.61 ? 97  ILE A N   1 
ATOM   105  C CA  . ILE A 1 33  ? 3.676   -4.912  0.590   1.00 36.10 ? 97  ILE A CA  1 
ATOM   106  C C   . ILE A 1 33  ? 2.319   -5.417  0.226   1.00 35.92 ? 97  ILE A C   1 
ATOM   107  O O   . ILE A 1 33  ? 2.152   -6.003  -0.847  1.00 37.31 ? 97  ILE A O   1 
ATOM   108  C CB  . ILE A 1 33  ? 4.040   -3.618  -0.194  1.00 36.46 ? 97  ILE A CB  1 
ATOM   109  C CG1 . ILE A 1 33  ? 5.406   -3.065  0.287   1.00 35.50 ? 97  ILE A CG1 1 
ATOM   110  C CG2 . ILE A 1 33  ? 2.906   -2.550  -0.079  1.00 34.88 ? 97  ILE A CG2 1 
ATOM   111  C CD1 . ILE A 1 33  ? 5.863   -1.699  -0.335  1.00 34.28 ? 97  ILE A CD1 1 
ATOM   112  N N   . VAL A 1 34  ? 1.354   -5.184  1.117   1.00 35.13 ? 98  VAL A N   1 
ATOM   113  C CA  . VAL A 1 34  ? 0.034   -5.795  1.061   1.00 33.90 ? 98  VAL A CA  1 
ATOM   114  C C   . VAL A 1 34  ? -0.979  -4.684  0.911   1.00 34.67 ? 98  VAL A C   1 
ATOM   115  O O   . VAL A 1 34  ? -0.946  -3.691  1.639   1.00 35.24 ? 98  VAL A O   1 
ATOM   116  C CB  . VAL A 1 34  ? -0.242  -6.610  2.369   1.00 34.47 ? 98  VAL A CB  1 
ATOM   117  C CG1 . VAL A 1 34  ? -1.717  -7.028  2.520   1.00 32.92 ? 98  VAL A CG1 1 
ATOM   118  C CG2 . VAL A 1 34  ? 0.697   -7.814  2.462   1.00 32.02 ? 98  VAL A CG2 1 
ATOM   119  N N   . LEU A 1 35  ? -1.853  -4.821  -0.073  1.00 34.79 ? 99  LEU A N   1 
ATOM   120  C CA  . LEU A 1 35  ? -2.967  -3.918  -0.183  1.00 34.42 ? 99  LEU A CA  1 
ATOM   121  C C   . LEU A 1 35  ? -4.101  -4.656  0.454   1.00 34.96 ? 99  LEU A C   1 
ATOM   122  O O   . LEU A 1 35  ? -4.588  -5.708  -0.037  1.00 34.00 ? 99  LEU A O   1 
ATOM   123  C CB  . LEU A 1 35  ? -3.296  -3.601  -1.640  1.00 34.06 ? 99  LEU A CB  1 
ATOM   124  C CG  . LEU A 1 35  ? -2.136  -3.066  -2.458  1.00 32.93 ? 99  LEU A CG  1 
ATOM   125  C CD1 . LEU A 1 35  ? -2.706  -2.772  -3.823  1.00 33.35 ? 99  LEU A CD1 1 
ATOM   126  C CD2 . LEU A 1 35  ? -1.502  -1.822  -1.805  1.00 28.82 ? 99  LEU A CD2 1 
ATOM   127  N N   . ASP A 1 36  ? -4.519  -4.125  1.582   1.00 35.07 ? 100 ASP A N   1 
ATOM   128  C CA  . ASP A 1 36  ? -5.600  -4.794  2.271   1.00 35.28 ? 100 ASP A CA  1 
ATOM   129  C C   . ASP A 1 36  ? -6.986  -4.408  1.706   1.00 34.85 ? 100 ASP A C   1 
ATOM   130  O O   . ASP A 1 36  ? -7.538  -3.363  2.032   1.00 33.69 ? 100 ASP A O   1 
ATOM   131  C CB  . ASP A 1 36  ? -5.482  -4.538  3.748   1.00 34.90 ? 100 ASP A CB  1 
ATOM   132  C CG  . ASP A 1 36  ? -6.711  -4.933  4.478   1.00 36.22 ? 100 ASP A CG  1 
ATOM   133  O OD1 . ASP A 1 36  ? -7.442  -5.823  3.959   1.00 36.52 ? 100 ASP A OD1 1 
ATOM   134  O OD2 . ASP A 1 36  ? -6.929  -4.364  5.569   1.00 33.84 ? 100 ASP A OD2 1 
ATOM   135  N N   . CYS A 1 37  ? -7.535  -5.279  0.866   1.00 35.09 ? 101 CYS A N   1 
ATOM   136  C CA  . CYS A 1 37  ? -8.772  -4.952  0.125   1.00 34.65 ? 101 CYS A CA  1 
ATOM   137  C C   . CYS A 1 37  ? -10.082 -5.358  0.762   1.00 34.66 ? 101 CYS A C   1 
ATOM   138  O O   . CYS A 1 37  ? -11.089 -5.502  0.072   1.00 34.18 ? 101 CYS A O   1 
ATOM   139  C CB  . CYS A 1 37  ? -8.682  -5.435  -1.326  1.00 34.38 ? 101 CYS A CB  1 
ATOM   140  S SG  . CYS A 1 37  ? -7.111  -5.096  -2.139  1.00 34.76 ? 101 CYS A SG  1 
ATOM   141  N N   . ALA A 1 38  ? -10.093 -5.504  2.084   1.00 34.85 ? 102 ALA A N   1 
ATOM   142  C CA  . ALA A 1 38  ? -11.290 -5.942  2.764   1.00 34.86 ? 102 ALA A CA  1 
ATOM   143  C C   . ALA A 1 38  ? -12.309 -4.869  3.059   1.00 35.78 ? 102 ALA A C   1 
ATOM   144  O O   . ALA A 1 38  ? -13.213 -5.061  3.862   1.00 37.04 ? 102 ALA A O   1 
ATOM   145  C CB  . ALA A 1 38  ? -10.828 -6.684  4.002   1.00 34.28 ? 102 ALA A CB  1 
ATOM   146  N N   . PHE A 1 39  ? -12.196 -3.719  2.409   1.00 36.81 ? 103 PHE A N   1 
ATOM   147  C CA  . PHE A 1 39  ? -13.054 -2.592  2.799   1.00 36.59 ? 103 PHE A CA  1 
ATOM   148  C C   . PHE A 1 39  ? -14.141 -2.237  1.844   1.00 37.10 ? 103 PHE A C   1 
ATOM   149  O O   . PHE A 1 39  ? -14.716 -1.176  2.004   1.00 37.07 ? 103 PHE A O   1 
ATOM   150  C CB  . PHE A 1 39  ? -12.180 -1.342  3.031   1.00 36.84 ? 103 PHE A CB  1 
ATOM   151  C CG  . PHE A 1 39  ? -11.127 -1.533  4.078   1.00 34.67 ? 103 PHE A CG  1 
ATOM   152  C CD1 . PHE A 1 39  ? -11.460 -1.483  5.431   1.00 31.51 ? 103 PHE A CD1 1 
ATOM   153  C CD2 . PHE A 1 39  ? -9.805  -1.777  3.718   1.00 32.88 ? 103 PHE A CD2 1 
ATOM   154  C CE1 . PHE A 1 39  ? -10.518 -1.715  6.404   1.00 28.53 ? 103 PHE A CE1 1 
ATOM   155  C CE2 . PHE A 1 39  ? -8.834  -1.982  4.717   1.00 31.81 ? 103 PHE A CE2 1 
ATOM   156  C CZ  . PHE A 1 39  ? -9.205  -1.941  6.061   1.00 28.81 ? 103 PHE A CZ  1 
ATOM   157  N N   . ASP A 1 40  ? -14.445 -3.106  0.871   1.00 38.33 ? 104 ASP A N   1 
ATOM   158  C CA  . ASP A 1 40  ? -15.454 -2.790  -0.175  1.00 39.31 ? 104 ASP A CA  1 
ATOM   159  C C   . ASP A 1 40  ? -16.904 -2.617  0.279   1.00 39.93 ? 104 ASP A C   1 
ATOM   160  O O   . ASP A 1 40  ? -17.749 -2.247  -0.535  1.00 39.67 ? 104 ASP A O   1 
ATOM   161  C CB  . ASP A 1 40  ? -15.634 -3.930  -1.161  1.00 39.26 ? 104 ASP A CB  1 
ATOM   162  C CG  . ASP A 1 40  ? -14.386 -4.210  -1.996  1.00 40.43 ? 104 ASP A CG  1 
ATOM   163  O OD1 . ASP A 1 40  ? -13.348 -3.488  -1.937  1.00 40.33 ? 104 ASP A OD1 1 
ATOM   164  O OD2 . ASP A 1 40  ? -14.462 -5.199  -2.739  1.00 41.34 ? 104 ASP A OD2 1 
ATOM   165  N N   . ASP A 1 41  ? -17.175 -2.930  1.548   1.00 40.93 ? 105 ASP A N   1 
ATOM   166  C CA  . ASP A 1 41  ? -18.358 -2.458  2.309   1.00 42.77 ? 105 ASP A CA  1 
ATOM   167  C C   . ASP A 1 41  ? -18.528 -0.928  2.339   1.00 42.04 ? 105 ASP A C   1 
ATOM   168  O O   . ASP A 1 41  ? -19.591 -0.368  2.542   1.00 41.51 ? 105 ASP A O   1 
ATOM   169  C CB  . ASP A 1 41  ? -17.901 -2.728  3.767   1.00 44.41 ? 105 ASP A CB  1 
ATOM   170  C CG  . ASP A 1 41  ? -18.307 -4.087  4.294   1.00 49.02 ? 105 ASP A CG  1 
ATOM   171  O OD1 . ASP A 1 41  ? -18.638 -4.974  3.478   1.00 56.75 ? 105 ASP A OD1 1 
ATOM   172  O OD2 . ASP A 1 41  ? -18.269 -4.284  5.541   1.00 53.96 ? 105 ASP A OD2 1 
ATOM   173  N N   . LEU A 1 42  ? -17.404 -0.260  2.236   1.00 41.97 ? 106 LEU A N   1 
ATOM   174  C CA  . LEU A 1 42  ? -17.334 1.108   2.667   1.00 41.59 ? 106 LEU A CA  1 
ATOM   175  C C   . LEU A 1 42  ? -17.605 1.971   1.462   1.00 41.65 ? 106 LEU A C   1 
ATOM   176  O O   . LEU A 1 42  ? -18.188 3.040   1.597   1.00 41.45 ? 106 LEU A O   1 
ATOM   177  C CB  . LEU A 1 42  ? -16.076 1.329   3.501   1.00 41.10 ? 106 LEU A CB  1 
ATOM   178  C CG  . LEU A 1 42  ? -16.094 0.477   4.775   1.00 40.75 ? 106 LEU A CG  1 
ATOM   179  C CD1 . LEU A 1 42  ? -14.897 0.791   5.649   1.00 38.23 ? 106 LEU A CD1 1 
ATOM   180  C CD2 . LEU A 1 42  ? -17.404 0.717   5.547   1.00 38.47 ? 106 LEU A CD2 1 
ATOM   181  N N   . MET A 1 43  ? -17.239 1.485   0.276   1.00 41.77 ? 107 MET A N   1 
ATOM   182  C CA  . MET A 1 43  ? -17.311 2.313   -0.898  1.00 42.67 ? 107 MET A CA  1 
ATOM   183  C C   . MET A 1 43  ? -18.448 2.222   -1.917  1.00 43.53 ? 107 MET A C   1 
ATOM   184  O O   . MET A 1 43  ? -18.964 1.133   -2.159  1.00 44.44 ? 107 MET A O   1 
ATOM   185  C CB  . MET A 1 43  ? -15.979 1.990   -1.551  1.00 42.79 ? 107 MET A CB  1 
ATOM   186  C CG  . MET A 1 43  ? -14.790 2.538   -0.794  1.00 41.77 ? 107 MET A CG  1 
ATOM   187  S SD  . MET A 1 43  ? -13.236 1.850   -1.406  1.00 42.69 ? 107 MET A SD  1 
ATOM   188  C CE  . MET A 1 43  ? -13.164 0.297   -0.514  1.00 40.63 ? 107 MET A CE  1 
ATOM   189  N N   . ASN A 1 44  ? -18.803 3.312   -2.549  1.00 44.47 ? 108 ASN A N   1 
ATOM   190  C CA  . ASN A 1 44  ? -19.748 3.232   -3.622  1.00 45.98 ? 108 ASN A CA  1 
ATOM   191  C C   . ASN A 1 44  ? -19.031 2.814   -4.866  1.00 46.28 ? 108 ASN A C   1 
ATOM   192  O O   . ASN A 1 44  ? -17.852 2.703   -4.859  1.00 46.91 ? 108 ASN A O   1 
ATOM   193  C CB  . ASN A 1 44  ? -20.402 4.567   -3.841  1.00 46.69 ? 108 ASN A CB  1 
ATOM   194  C CG  . ASN A 1 44  ? -19.433 5.605   -4.198  1.00 49.28 ? 108 ASN A CG  1 
ATOM   195  O OD1 . ASN A 1 44  ? -19.694 6.776   -4.099  1.00 56.50 ? 108 ASN A OD1 1 
ATOM   196  N ND2 . ASN A 1 44  ? -18.277 5.176   -4.588  1.00 50.51 ? 108 ASN A ND2 1 
ATOM   197  N N   . ASP A 1 45  ? -19.757 2.593   -5.939  1.00 46.93 ? 109 ASP A N   1 
ATOM   198  C CA  . ASP A 1 45  ? -19.163 2.148   -7.222  1.00 46.85 ? 109 ASP A CA  1 
ATOM   199  C C   . ASP A 1 45  ? -18.055 3.099   -7.691  1.00 46.19 ? 109 ASP A C   1 
ATOM   200  O O   . ASP A 1 45  ? -16.972 2.651   -8.093  1.00 46.40 ? 109 ASP A O   1 
ATOM   201  C CB  . ASP A 1 45  ? -20.203 2.035   -8.339  1.00 47.19 ? 109 ASP A CB  1 
ATOM   202  C CG  . ASP A 1 45  ? -21.183 0.906   -8.117  1.00 48.90 ? 109 ASP A CG  1 
ATOM   203  O OD1 . ASP A 1 45  ? -22.299 0.992   -8.686  1.00 51.09 ? 109 ASP A OD1 1 
ATOM   204  O OD2 . ASP A 1 45  ? -20.850 -0.045  -7.368  1.00 47.81 ? 109 ASP A OD2 1 
ATOM   205  N N   . LYS A 1 46  ? -18.314 4.402   -7.665  1.00 45.27 ? 110 LYS A N   1 
ATOM   206  C CA  . LYS A 1 46  ? -17.323 5.360   -8.184  1.00 44.94 ? 110 LYS A CA  1 
ATOM   207  C C   . LYS A 1 46  ? -16.008 5.201   -7.427  1.00 44.38 ? 110 LYS A C   1 
ATOM   208  O O   . LYS A 1 46  ? -14.942 5.231   -8.016  1.00 44.43 ? 110 LYS A O   1 
ATOM   209  C CB  . LYS A 1 46  ? -17.817 6.809   -8.082  1.00 44.65 ? 110 LYS A CB  1 
ATOM   210  C CG  . LYS A 1 46  ? -18.908 7.197   -9.096  1.00 47.06 ? 110 LYS A CG  1 
ATOM   211  C CD  . LYS A 1 46  ? -19.664 8.477   -9.253  0.00 53.23 ? 110 LYS A CD  1 
ATOM   212  C CE  . LYS A 1 46  ? -20.873 8.644   -10.224 0.00 53.48 ? 110 LYS A CE  1 
ATOM   213  N NZ  . LYS A 1 46  ? -21.354 10.074  -10.171 0.00 55.53 ? 110 LYS A NZ  1 
ATOM   214  N N   . GLU A 1 47  ? -16.123 4.985   -6.118  1.00 44.37 ? 111 GLU A N   1 
ATOM   215  C CA  . GLU A 1 47  ? -14.980 4.860   -5.210  1.00 43.48 ? 111 GLU A CA  1 
ATOM   216  C C   . GLU A 1 47  ? -14.242 3.557   -5.433  1.00 42.67 ? 111 GLU A C   1 
ATOM   217  O O   . GLU A 1 47  ? -13.009 3.538   -5.367  1.00 42.49 ? 111 GLU A O   1 
ATOM   218  C CB  . GLU A 1 47  ? -15.436 4.968   -3.770  1.00 43.56 ? 111 GLU A CB  1 
ATOM   219  C CG  . GLU A 1 47  ? -15.854 6.374   -3.385  1.00 45.29 ? 111 GLU A CG  1 
ATOM   220  C CD  . GLU A 1 47  ? -16.577 6.414   -2.048  1.00 48.82 ? 111 GLU A CD  1 
ATOM   221  O OE1 . GLU A 1 47  ? -17.173 5.386   -1.638  1.00 48.31 ? 111 GLU A OE1 1 
ATOM   222  O OE2 . GLU A 1 47  ? -16.534 7.483   -1.394  1.00 52.20 ? 111 GLU A OE2 1 
ATOM   223  N N   . ILE A 1 48  ? -14.991 2.488   -5.722  1.00 41.47 ? 112 ILE A N   1 
ATOM   224  C CA  . ILE A 1 48  ? -14.401 1.235   -6.181  1.00 40.69 ? 112 ILE A CA  1 
ATOM   225  C C   . ILE A 1 48  ? -13.639 1.421   -7.486  1.00 41.20 ? 112 ILE A C   1 
ATOM   226  O O   . ILE A 1 48  ? -12.489 0.984   -7.611  1.00 41.03 ? 112 ILE A O   1 
ATOM   227  C CB  . ILE A 1 48  ? -15.454 0.169   -6.398  1.00 40.57 ? 112 ILE A CB  1 
ATOM   228  C CG1 . ILE A 1 48  ? -16.111 -0.216  -5.066  1.00 39.23 ? 112 ILE A CG1 1 
ATOM   229  C CG2 . ILE A 1 48  ? -14.842 -1.054  -7.180  1.00 40.06 ? 112 ILE A CG2 1 
ATOM   230  C CD1 . ILE A 1 48  ? -15.225 -1.060  -4.155  1.00 36.33 ? 112 ILE A CD1 1 
ATOM   231  N N   . ASN A 1 49  ? -14.290 2.052   -8.460  1.00 41.60 ? 113 ASN A N   1 
ATOM   232  C CA  . ASN A 1 49  ? -13.658 2.332   -9.748  1.00 42.48 ? 113 ASN A CA  1 
ATOM   233  C C   . ASN A 1 49  ? -12.344 3.096   -9.564  1.00 41.85 ? 113 ASN A C   1 
ATOM   234  O O   . ASN A 1 49  ? -11.341 2.819   -10.233 1.00 41.90 ? 113 ASN A O   1 
ATOM   235  C CB  . ASN A 1 49  ? -14.607 3.121   -10.666 1.00 42.42 ? 113 ASN A CB  1 
ATOM   236  C CG  . ASN A 1 49  ? -15.882 2.326   -11.051 1.00 44.44 ? 113 ASN A CG  1 
ATOM   237  O OD1 . ASN A 1 49  ? -16.026 1.132   -10.773 1.00 45.35 ? 113 ASN A OD1 1 
ATOM   238  N ND2 . ASN A 1 49  ? -16.811 3.014   -11.689 1.00 45.89 ? 113 ASN A ND2 1 
ATOM   239  N N   . SER A 1 50  ? -12.370 4.060   -8.657  1.00 41.53 ? 114 SER A N   1 
ATOM   240  C CA  . SER A 1 50  ? -11.188 4.851   -8.331  1.00 41.68 ? 114 SER A CA  1 
ATOM   241  C C   . SER A 1 50  ? -10.127 4.005   -7.573  1.00 41.80 ? 114 SER A C   1 
ATOM   242  O O   . SER A 1 50  ? -8.922  4.055   -7.905  1.00 42.03 ? 114 SER A O   1 
ATOM   243  C CB  . SER A 1 50  ? -11.586 6.104   -7.548  1.00 41.66 ? 114 SER A CB  1 
ATOM   244  O OG  . SER A 1 50  ? -10.558 6.429   -6.617  1.00 43.91 ? 114 SER A OG  1 
ATOM   245  N N   . LEU A 1 51  ? -10.559 3.198   -6.601  1.00 41.37 ? 115 LEU A N   1 
ATOM   246  C CA  . LEU A 1 51  ? -9.617  2.300   -5.907  1.00 42.30 ? 115 LEU A CA  1 
ATOM   247  C C   . LEU A 1 51  ? -8.947  1.349   -6.898  1.00 42.04 ? 115 LEU A C   1 
ATOM   248  O O   . LEU A 1 51  ? -7.735  1.095   -6.859  1.00 41.45 ? 115 LEU A O   1 
ATOM   249  C CB  . LEU A 1 51  ? -10.294 1.520   -4.765  1.00 42.60 ? 115 LEU A CB  1 
ATOM   250  C CG  . LEU A 1 51  ? -9.398  0.546   -3.980  1.00 42.97 ? 115 LEU A CG  1 
ATOM   251  C CD1 . LEU A 1 51  ? -8.187  1.267   -3.406  1.00 44.76 ? 115 LEU A CD1 1 
ATOM   252  C CD2 . LEU A 1 51  ? -10.185 -0.150  -2.854  1.00 43.64 ? 115 LEU A CD2 1 
ATOM   253  N N   . CYS A 1 52  ? -9.747  0.865   -7.822  1.00 42.21 ? 116 CYS A N   1 
ATOM   254  C CA  . CYS A 1 52  ? -9.233  -0.045  -8.797  1.00 42.89 ? 116 CYS A CA  1 
ATOM   255  C C   . CYS A 1 52  ? -8.102  0.564   -9.599  1.00 41.86 ? 116 CYS A C   1 
ATOM   256  O O   . CYS A 1 52  ? -7.094  -0.092  -9.817  1.00 41.96 ? 116 CYS A O   1 
ATOM   257  C CB  . CYS A 1 52  ? -10.348 -0.510  -9.700  1.00 42.99 ? 116 CYS A CB  1 
ATOM   258  S SG  . CYS A 1 52  ? -9.778  -1.837  -10.679 1.00 49.19 ? 116 CYS A SG  1 
ATOM   259  N N   . GLN A 1 53  ? -8.247  1.819   -10.012 1.00 41.54 ? 117 GLN A N   1 
ATOM   260  C CA  . GLN A 1 53  ? -7.153  2.499   -10.735 1.00 42.36 ? 117 GLN A CA  1 
ATOM   261  C C   . GLN A 1 53  ? -5.872  2.694   -9.888  1.00 41.28 ? 117 GLN A C   1 
ATOM   262  O O   . GLN A 1 53  ? -4.764  2.659   -10.422 1.00 40.43 ? 117 GLN A O   1 
ATOM   263  C CB  . GLN A 1 53  ? -7.614  3.825   -11.368 1.00 42.50 ? 117 GLN A CB  1 
ATOM   264  C CG  . GLN A 1 53  ? -6.627  4.359   -12.420 1.00 48.81 ? 117 GLN A CG  1 
ATOM   265  C CD  . GLN A 1 53  ? -7.182  5.517   -13.306 1.00 56.18 ? 117 GLN A CD  1 
ATOM   266  O OE1 . GLN A 1 53  ? -7.761  6.491   -12.798 1.00 58.11 ? 117 GLN A OE1 1 
ATOM   267  N NE2 . GLN A 1 53  ? -6.978  5.409   -14.635 1.00 57.05 ? 117 GLN A NE2 1 
ATOM   268  N N   . GLN A 1 54  ? -6.041  2.903   -8.575  1.00 40.53 ? 118 GLN A N   1 
ATOM   269  C CA  . GLN A 1 54  ? -4.905  3.112   -7.697  1.00 39.65 ? 118 GLN A CA  1 
ATOM   270  C C   . GLN A 1 54  ? -4.167  1.827   -7.470  1.00 38.78 ? 118 GLN A C   1 
ATOM   271  O O   . GLN A 1 54  ? -2.942  1.833   -7.280  1.00 38.28 ? 118 GLN A O   1 
ATOM   272  C CB  . GLN A 1 54  ? -5.376  3.640   -6.370  1.00 40.33 ? 118 GLN A CB  1 
ATOM   273  C CG  . GLN A 1 54  ? -6.166  4.897   -6.478  1.00 42.22 ? 118 GLN A CG  1 
ATOM   274  C CD  . GLN A 1 54  ? -6.558  5.428   -5.118  1.00 46.98 ? 118 GLN A CD  1 
ATOM   275  O OE1 . GLN A 1 54  ? -6.145  4.892   -4.067  1.00 50.90 ? 118 GLN A OE1 1 
ATOM   276  N NE2 . GLN A 1 54  ? -7.352  6.494   -5.115  1.00 45.54 ? 118 GLN A NE2 1 
ATOM   277  N N   . VAL A 1 55  ? -4.914  0.720   -7.473  1.00 37.90 ? 119 VAL A N   1 
ATOM   278  C CA  . VAL A 1 55  ? -4.300  -0.605  -7.405  1.00 37.85 ? 119 VAL A CA  1 
ATOM   279  C C   . VAL A 1 55  ? -3.384  -0.838  -8.618  1.00 38.20 ? 119 VAL A C   1 
ATOM   280  O O   . VAL A 1 55  ? -2.203  -1.191  -8.463  1.00 38.14 ? 119 VAL A O   1 
ATOM   281  C CB  . VAL A 1 55  ? -5.360  -1.745  -7.261  1.00 38.06 ? 119 VAL A CB  1 
ATOM   282  C CG1 . VAL A 1 55  ? -4.731  -3.102  -7.481  1.00 37.68 ? 119 VAL A CG1 1 
ATOM   283  C CG2 . VAL A 1 55  ? -6.004  -1.725  -5.884  1.00 37.64 ? 119 VAL A CG2 1 
ATOM   284  N N   . THR A 1 56  ? -3.915  -0.615  -9.828  1.00 38.13 ? 120 THR A N   1 
ATOM   285  C CA  . THR A 1 56  ? -3.111  -0.728  -11.057 1.00 37.78 ? 120 THR A CA  1 
ATOM   286  C C   . THR A 1 56  ? -1.870  0.137   -10.925 1.00 38.14 ? 120 THR A C   1 
ATOM   287  O O   . THR A 1 56  ? -0.749  -0.299  -11.231 1.00 39.02 ? 120 THR A O   1 
ATOM   288  C CB  . THR A 1 56  ? -3.929  -0.233  -12.234 1.00 37.69 ? 120 THR A CB  1 
ATOM   289  O OG1 . THR A 1 56  ? -5.128  -0.994  -12.273 1.00 39.05 ? 120 THR A OG1 1 
ATOM   290  C CG2 . THR A 1 56  ? -3.169  -0.328  -13.588 1.00 36.31 ? 120 THR A CG2 1 
ATOM   291  N N   . ARG A 1 57  ? -2.073  1.363   -10.452 1.00 37.76 ? 121 ARG A N   1 
ATOM   292  C CA  . ARG A 1 57  ? -0.987  2.302   -10.331 1.00 38.11 ? 121 ARG A CA  1 
ATOM   293  C C   . ARG A 1 57  ? 0.125   1.815   -9.394  1.00 36.84 ? 121 ARG A C   1 
ATOM   294  O O   . ARG A 1 57  ? 1.301   2.018   -9.701  1.00 36.65 ? 121 ARG A O   1 
ATOM   295  C CB  . ARG A 1 57  ? -1.512  3.665   -9.954  1.00 38.34 ? 121 ARG A CB  1 
ATOM   296  C CG  . ARG A 1 57  ? -1.589  4.573   -11.163 1.00 44.39 ? 121 ARG A CG  1 
ATOM   297  C CD  . ARG A 1 57  ? -2.691  5.663   -11.000 1.00 52.94 ? 121 ARG A CD  1 
ATOM   298  N NE  . ARG A 1 57  ? -2.601  6.726   -12.017 1.00 57.90 ? 121 ARG A NE  1 
ATOM   299  C CZ  . ARG A 1 57  ? -3.400  7.797   -12.073 1.00 59.28 ? 121 ARG A CZ  1 
ATOM   300  N NH1 . ARG A 1 57  ? -4.364  7.957   -11.157 1.00 57.25 ? 121 ARG A NH1 1 
ATOM   301  N NH2 . ARG A 1 57  ? -3.232  8.701   -13.047 1.00 58.83 ? 121 ARG A NH2 1 
ATOM   302  N N   . CYS A 1 58  ? -0.236  1.152   -8.298  1.00 35.47 ? 122 CYS A N   1 
ATOM   303  C CA  . CYS A 1 58  ? 0.785   0.539   -7.427  1.00 35.24 ? 122 CYS A CA  1 
ATOM   304  C C   . CYS A 1 58  ? 1.619   -0.450  -8.209  1.00 35.37 ? 122 CYS A C   1 
ATOM   305  O O   . CYS A 1 58  ? 2.854   -0.549  -8.041  1.00 33.63 ? 122 CYS A O   1 
ATOM   306  C CB  . CYS A 1 58  ? 0.142   -0.214  -6.284  1.00 34.75 ? 122 CYS A CB  1 
ATOM   307  S SG  . CYS A 1 58  ? -0.698  0.858   -5.136  1.00 34.37 ? 122 CYS A SG  1 
ATOM   308  N N   . HIS A 1 59  ? 0.928   -1.183  -9.080  1.00 35.69 ? 123 HIS A N   1 
ATOM   309  C CA  . HIS A 1 59  ? 1.617   -2.227  -9.766  1.00 36.18 ? 123 HIS A CA  1 
ATOM   310  C C   . HIS A 1 59  ? 2.522   -1.591  -10.762 1.00 36.09 ? 123 HIS A C   1 
ATOM   311  O O   . HIS A 1 59  ? 3.664   -2.014  -10.877 1.00 36.32 ? 123 HIS A O   1 
ATOM   312  C CB  . HIS A 1 59  ? 0.708   -3.232  -10.439 1.00 36.44 ? 123 HIS A CB  1 
ATOM   313  C CG  . HIS A 1 59  ? 1.438   -4.080  -11.424 1.00 37.44 ? 123 HIS A CG  1 
ATOM   314  N ND1 . HIS A 1 59  ? 1.380   -3.860  -12.788 1.00 38.89 ? 123 HIS A ND1 1 
ATOM   315  C CD2 . HIS A 1 59  ? 2.309   -5.102  -11.241 1.00 37.82 ? 123 HIS A CD2 1 
ATOM   316  C CE1 . HIS A 1 59  ? 2.161   -4.729  -13.407 1.00 37.95 ? 123 HIS A CE1 1 
ATOM   317  N NE2 . HIS A 1 59  ? 2.737   -5.494  -12.488 1.00 37.67 ? 123 HIS A NE2 1 
ATOM   318  N N   . SER A 1 60  ? 2.047   -0.564  -11.462 1.00 36.43 ? 124 SER A N   1 
ATOM   319  C CA  . SER A 1 60  ? 2.915   0.115   -12.451 1.00 37.54 ? 124 SER A CA  1 
ATOM   320  C C   . SER A 1 60  ? 4.108   0.773   -11.778 1.00 37.66 ? 124 SER A C   1 
ATOM   321  O O   . SER A 1 60  ? 5.217   0.708   -12.304 1.00 38.65 ? 124 SER A O   1 
ATOM   322  C CB  . SER A 1 60  ? 2.194   1.210   -13.269 1.00 37.34 ? 124 SER A CB  1 
ATOM   323  O OG  . SER A 1 60  ? 0.915   0.790   -13.666 1.00 40.93 ? 124 SER A OG  1 
ATOM   324  N N   . ALA A 1 61  ? 3.921   1.430   -10.633 1.00 37.21 ? 125 ALA A N   1 
ATOM   325  C CA  . ALA A 1 61  ? 5.118   1.998   -9.987  1.00 36.95 ? 125 ALA A CA  1 
ATOM   326  C C   . ALA A 1 61  ? 6.066   0.873   -9.565  1.00 36.90 ? 125 ALA A C   1 
ATOM   327  O O   . ALA A 1 61  ? 7.276   1.085   -9.486  1.00 36.87 ? 125 ALA A O   1 
ATOM   328  C CB  . ALA A 1 61  ? 4.781   2.919   -8.795  1.00 36.40 ? 125 ALA A CB  1 
ATOM   329  N N   . ASN A 1 62  ? 5.529   -0.315  -9.280  1.00 36.79 ? 126 ASN A N   1 
ATOM   330  C CA  . ASN A 1 62  ? 6.398   -1.428  -8.862  1.00 36.88 ? 126 ASN A CA  1 
ATOM   331  C C   . ASN A 1 62  ? 7.152   -1.958  -10.044 1.00 37.58 ? 126 ASN A C   1 
ATOM   332  O O   . ASN A 1 62  ? 8.339   -2.261  -9.939  1.00 37.24 ? 126 ASN A O   1 
ATOM   333  C CB  . ASN A 1 62  ? 5.643   -2.559  -8.165  1.00 35.74 ? 126 ASN A CB  1 
ATOM   334  C CG  . ASN A 1 62  ? 6.554   -3.410  -7.297  1.00 36.05 ? 126 ASN A CG  1 
ATOM   335  O OD1 . ASN A 1 62  ? 7.512   -2.906  -6.666  1.00 35.14 ? 126 ASN A OD1 1 
ATOM   336  N ND2 . ASN A 1 62  ? 6.267   -4.708  -7.249  1.00 31.19 ? 126 ASN A ND2 1 
ATOM   337  N N   . ARG A 1 63  ? 6.461   -2.021  -11.180 1.00 38.61 ? 127 ARG A N   1 
ATOM   338  C CA  . ARG A 1 63  ? 7.034   -2.544  -12.406 1.00 39.98 ? 127 ARG A CA  1 
ATOM   339  C C   . ARG A 1 63  ? 8.358   -1.881  -12.729 1.00 39.81 ? 127 ARG A C   1 
ATOM   340  O O   . ARG A 1 63  ? 9.275   -2.567  -13.171 1.00 40.75 ? 127 ARG A O   1 
ATOM   341  C CB  . ARG A 1 63  ? 6.076   -2.299  -13.557 1.00 40.86 ? 127 ARG A CB  1 
ATOM   342  C CG  . ARG A 1 63  ? 6.071   -3.356  -14.585 1.00 45.03 ? 127 ARG A CG  1 
ATOM   343  C CD  . ARG A 1 63  ? 4.745   -3.268  -15.347 1.00 54.48 ? 127 ARG A CD  1 
ATOM   344  N NE  . ARG A 1 63  ? 4.942   -3.577  -16.768 1.00 59.86 ? 127 ARG A NE  1 
ATOM   345  C CZ  . ARG A 1 63  ? 4.218   -3.071  -17.767 1.00 63.01 ? 127 ARG A CZ  1 
ATOM   346  N NH1 . ARG A 1 63  ? 3.202   -2.239  -17.521 1.00 64.17 ? 127 ARG A NH1 1 
ATOM   347  N NH2 . ARG A 1 63  ? 4.509   -3.405  -19.020 1.00 63.01 ? 127 ARG A NH2 1 
ATOM   348  N N   . THR A 1 64  ? 8.463   -0.560  -12.516 1.00 39.04 ? 128 THR A N   1 
ATOM   349  C CA  . THR A 1 64  ? 9.693   0.193   -12.822 1.00 37.99 ? 128 THR A CA  1 
ATOM   350  C C   . THR A 1 64  ? 10.522  0.662   -11.647 1.00 38.10 ? 128 THR A C   1 
ATOM   351  O O   . THR A 1 64  ? 11.447  1.485   -11.853 1.00 38.81 ? 128 THR A O   1 
ATOM   352  C CB  . THR A 1 64  ? 9.410   1.453   -13.626 1.00 38.16 ? 128 THR A CB  1 
ATOM   353  O OG1 . THR A 1 64  ? 8.316   2.153   -13.032 1.00 37.80 ? 128 THR A OG1 1 
ATOM   354  C CG2 . THR A 1 64  ? 9.066   1.097   -15.082 1.00 39.48 ? 128 THR A CG2 1 
ATOM   355  N N   . ALA A 1 65  ? 10.232  0.190   -10.425 1.00 36.58 ? 129 ALA A N   1 
ATOM   356  C CA  . ALA A 1 65  ? 11.018  0.630   -9.277  1.00 35.35 ? 129 ALA A CA  1 
ATOM   357  C C   . ALA A 1 65  ? 12.447  0.147   -9.456  1.00 35.44 ? 129 ALA A C   1 
ATOM   358  O O   . ALA A 1 65  ? 12.679  -0.827  -10.164 1.00 35.51 ? 129 ALA A O   1 
ATOM   359  C CB  . ALA A 1 65  ? 10.423  0.107   -7.948  1.00 34.70 ? 129 ALA A CB  1 
ATOM   360  N N   . LEU A 1 66  ? 13.399  0.814   -8.800  1.00 35.97 ? 130 LEU A N   1 
ATOM   361  C CA  . LEU A 1 66  ? 14.767  0.315   -8.722  1.00 36.26 ? 130 LEU A CA  1 
ATOM   362  C C   . LEU A 1 66  ? 14.860  -0.974  -7.872  1.00 37.31 ? 130 LEU A C   1 
ATOM   363  O O   . LEU A 1 66  ? 15.760  -1.840  -8.118  1.00 37.57 ? 130 LEU A O   1 
ATOM   364  C CB  . LEU A 1 66  ? 15.728  1.374   -8.155  1.00 35.56 ? 130 LEU A CB  1 
ATOM   365  C CG  . LEU A 1 66  ? 17.225  0.957   -8.033  1.00 35.71 ? 130 LEU A CG  1 
ATOM   366  C CD1 . LEU A 1 66  ? 17.861  0.799   -9.421  1.00 32.15 ? 130 LEU A CD1 1 
ATOM   367  C CD2 . LEU A 1 66  ? 18.037  1.959   -7.182  1.00 32.82 ? 130 LEU A CD2 1 
ATOM   368  N N   . HIS A 1 67  ? 13.960  -1.079  -6.884  1.00 36.97 ? 131 HIS A N   1 
ATOM   369  C CA  . HIS A 1 67  ? 13.895  -2.211  -5.943  1.00 37.72 ? 131 HIS A CA  1 
ATOM   370  C C   . HIS A 1 67  ? 12.450  -2.723  -5.848  1.00 37.85 ? 131 HIS A C   1 
ATOM   371  O O   . HIS A 1 67  ? 11.728  -2.360  -4.903  1.00 37.88 ? 131 HIS A O   1 
ATOM   372  C CB  . HIS A 1 67  ? 14.375  -1.765  -4.554  1.00 37.23 ? 131 HIS A CB  1 
ATOM   373  C CG  . HIS A 1 67  ? 15.803  -1.303  -4.527  1.00 38.89 ? 131 HIS A CG  1 
ATOM   374  N ND1 . HIS A 1 67  ? 16.867  -2.144  -4.791  1.00 36.66 ? 131 HIS A ND1 1 
ATOM   375  C CD2 . HIS A 1 67  ? 16.345  -0.082  -4.262  1.00 39.12 ? 131 HIS A CD2 1 
ATOM   376  C CE1 . HIS A 1 67  ? 18.000  -1.468  -4.666  1.00 36.63 ? 131 HIS A CE1 1 
ATOM   377  N NE2 . HIS A 1 67  ? 17.713  -0.214  -4.350  1.00 36.48 ? 131 HIS A NE2 1 
ATOM   378  N N   . PRO A 1 68  ? 12.001  -3.527  -6.840  1.00 37.74 ? 132 PRO A N   1 
ATOM   379  C CA  . PRO A 1 68  ? 10.596  -3.947  -6.849  1.00 37.36 ? 132 PRO A CA  1 
ATOM   380  C C   . PRO A 1 68  ? 10.371  -4.868  -5.693  1.00 37.23 ? 132 PRO A C   1 
ATOM   381  O O   . PRO A 1 68  ? 11.289  -5.623  -5.360  1.00 37.77 ? 132 PRO A O   1 
ATOM   382  C CB  . PRO A 1 68  ? 10.472  -4.745  -8.152  1.00 37.52 ? 132 PRO A CB  1 
ATOM   383  C CG  . PRO A 1 68  ? 11.627  -4.347  -8.979  1.00 37.10 ? 132 PRO A CG  1 
ATOM   384  C CD  . PRO A 1 68  ? 12.729  -4.000  -8.034  1.00 37.70 ? 132 PRO A CD  1 
ATOM   385  N N   . VAL A 1 69  ? 9.182   -4.805  -5.083  1.00 37.18 ? 133 VAL A N   1 
ATOM   386  C CA  . VAL A 1 69  ? 8.808   -5.628  -3.913  1.00 36.70 ? 133 VAL A CA  1 
ATOM   387  C C   . VAL A 1 69  ? 7.976   -6.765  -4.425  1.00 38.08 ? 133 VAL A C   1 
ATOM   388  O O   . VAL A 1 69  ? 7.719   -6.811  -5.627  1.00 38.78 ? 133 VAL A O   1 
ATOM   389  C CB  . VAL A 1 69  ? 7.984   -4.816  -2.837  1.00 36.88 ? 133 VAL A CB  1 
ATOM   390  C CG1 . VAL A 1 69  ? 8.771   -3.597  -2.317  1.00 35.28 ? 133 VAL A CG1 1 
ATOM   391  C CG2 . VAL A 1 69  ? 6.577   -4.406  -3.336  1.00 34.59 ? 133 VAL A CG2 1 
ATOM   392  N N   . GLU A 1 70  ? 7.565   -7.696  -3.559  1.00 39.16 ? 134 GLU A N   1 
ATOM   393  C CA  . GLU A 1 70  ? 6.400   -8.535  -3.878  1.00 40.54 ? 134 GLU A CA  1 
ATOM   394  C C   . GLU A 1 70  ? 5.153   -7.803  -3.357  1.00 41.01 ? 134 GLU A C   1 
ATOM   395  O O   . GLU A 1 70  ? 5.014   -7.541  -2.135  1.00 40.80 ? 134 GLU A O   1 
ATOM   396  C CB  . GLU A 1 70  ? 6.462   -9.955  -3.286  1.00 40.61 ? 134 GLU A CB  1 
ATOM   397  C CG  . GLU A 1 70  ? 7.452   -10.894 -3.984  1.00 44.64 ? 134 GLU A CG  1 
ATOM   398  C CD  . GLU A 1 70  ? 6.964   -11.480 -5.322  1.00 49.17 ? 134 GLU A CD  1 
ATOM   399  O OE1 . GLU A 1 70  ? 5.731   -11.560 -5.596  1.00 50.70 ? 134 GLU A OE1 1 
ATOM   400  O OE2 . GLU A 1 70  ? 7.845   -11.896 -6.113  1.00 51.53 ? 134 GLU A OE2 1 
ATOM   401  N N   . LEU A 1 71  ? 4.261   -7.478  -4.294  1.00 40.65 ? 135 LEU A N   1 
ATOM   402  C CA  . LEU A 1 71  ? 3.028   -6.770  -3.981  1.00 40.15 ? 135 LEU A CA  1 
ATOM   403  C C   . LEU A 1 71  ? 1.908   -7.803  -3.794  1.00 40.34 ? 135 LEU A C   1 
ATOM   404  O O   . LEU A 1 71  ? 1.744   -8.702  -4.650  1.00 39.80 ? 135 LEU A O   1 
ATOM   405  C CB  . LEU A 1 71  ? 2.696   -5.779  -5.105  1.00 39.38 ? 135 LEU A CB  1 
ATOM   406  C CG  . LEU A 1 71  ? 1.482   -4.870  -4.919  1.00 39.95 ? 135 LEU A CG  1 
ATOM   407  C CD1 . LEU A 1 71  ? 1.598   -3.976  -3.648  1.00 37.30 ? 135 LEU A CD1 1 
ATOM   408  C CD2 . LEU A 1 71  ? 1.239   -4.036  -6.203  1.00 40.30 ? 135 LEU A CD2 1 
ATOM   409  N N   . PHE A 1 72  ? 1.156   -7.680  -2.682  1.00 39.62 ? 136 PHE A N   1 
ATOM   410  C CA  . PHE A 1 72  ? 0.027   -8.591  -2.393  1.00 38.67 ? 136 PHE A CA  1 
ATOM   411  C C   . PHE A 1 72  ? -1.287  -7.867  -2.383  1.00 37.72 ? 136 PHE A C   1 
ATOM   412  O O   . PHE A 1 72  ? -1.384  -6.707  -1.968  1.00 37.96 ? 136 PHE A O   1 
ATOM   413  C CB  . PHE A 1 72  ? 0.196   -9.240  -1.034  1.00 39.32 ? 136 PHE A CB  1 
ATOM   414  C CG  . PHE A 1 72  ? 1.128   -10.374 -1.039  1.00 41.07 ? 136 PHE A CG  1 
ATOM   415  C CD1 . PHE A 1 72  ? 0.639   -11.678 -1.016  1.00 43.58 ? 136 PHE A CD1 1 
ATOM   416  C CD2 . PHE A 1 72  ? 2.497   -10.157 -1.108  1.00 42.36 ? 136 PHE A CD2 1 
ATOM   417  C CE1 . PHE A 1 72  ? 1.520   -12.773 -1.050  1.00 43.93 ? 136 PHE A CE1 1 
ATOM   418  C CE2 . PHE A 1 72  ? 3.378   -11.222 -1.144  1.00 44.30 ? 136 PHE A CE2 1 
ATOM   419  C CZ  . PHE A 1 72  ? 2.886   -12.545 -1.115  1.00 45.02 ? 136 PHE A CZ  1 
ATOM   420  N N   . ALA A 1 73  ? -2.317  -8.549  -2.823  1.00 36.09 ? 137 ALA A N   1 
ATOM   421  C CA  . ALA A 1 73  ? -3.628  -7.979  -2.718  1.00 35.73 ? 137 ALA A CA  1 
ATOM   422  C C   . ALA A 1 73  ? -4.459  -9.012  -1.962  1.00 36.00 ? 137 ALA A C   1 
ATOM   423  O O   . ALA A 1 73  ? -4.869  -10.028 -2.547  1.00 36.54 ? 137 ALA A O   1 
ATOM   424  C CB  . ALA A 1 73  ? -4.184  -7.699  -4.088  1.00 35.28 ? 137 ALA A CB  1 
ATOM   425  N N   . THR A 1 74  ? -4.650  -8.766  -0.659  1.00 35.50 ? 138 THR A N   1 
ATOM   426  C CA  . THR A 1 74  ? -5.356  -9.682  0.251   1.00 35.73 ? 138 THR A CA  1 
ATOM   427  C C   . THR A 1 74  ? -6.811  -9.322  0.444   1.00 36.59 ? 138 THR A C   1 
ATOM   428  O O   . THR A 1 74  ? -7.206  -8.147  0.354   1.00 36.75 ? 138 THR A O   1 
ATOM   429  C CB  . THR A 1 74  ? -4.661  -9.824  1.612   1.00 35.40 ? 138 THR A CB  1 
ATOM   430  O OG1 . THR A 1 74  ? -4.639  -8.558  2.287   1.00 34.04 ? 138 THR A OG1 1 
ATOM   431  C CG2 . THR A 1 74  ? -3.229  -10.303 1.409   1.00 34.10 ? 138 THR A CG2 1 
ATOM   432  N N   . ASN A 1 75  ? -7.621  -10.353 0.667   1.00 38.29 ? 139 ASN A N   1 
ATOM   433  C CA  . ASN A 1 75  ? -9.079  -10.206 0.641   1.00 39.48 ? 139 ASN A CA  1 
ATOM   434  C C   . ASN A 1 75  ? -9.526  -9.661  -0.701  1.00 40.35 ? 139 ASN A C   1 
ATOM   435  O O   . ASN A 1 75  ? -10.533 -8.931  -0.794  1.00 41.10 ? 139 ASN A O   1 
ATOM   436  C CB  . ASN A 1 75  ? -9.557  -9.263  1.746   1.00 40.12 ? 139 ASN A CB  1 
ATOM   437  C CG  . ASN A 1 75  ? -9.712  -9.957  3.064   1.00 42.21 ? 139 ASN A CG  1 
ATOM   438  O OD1 . ASN A 1 75  ? -10.549 -10.847 3.217   1.00 46.12 ? 139 ASN A OD1 1 
ATOM   439  N ND2 . ASN A 1 75  ? -8.899  -9.579  4.023   1.00 44.11 ? 139 ASN A ND2 1 
ATOM   440  N N   . PHE A 1 76  ? -8.799  -10.019 -1.749  1.00 40.73 ? 140 PHE A N   1 
ATOM   441  C CA  . PHE A 1 76  ? -9.130  -9.477  -3.068  1.00 41.84 ? 140 PHE A CA  1 
ATOM   442  C C   . PHE A 1 76  ? -10.354 -10.198 -3.642  1.00 42.20 ? 140 PHE A C   1 
ATOM   443  O O   . PHE A 1 76  ? -10.340 -11.420 -3.764  1.00 43.91 ? 140 PHE A O   1 
ATOM   444  C CB  . PHE A 1 76  ? -7.922  -9.548  -4.009  1.00 40.95 ? 140 PHE A CB  1 
ATOM   445  C CG  . PHE A 1 76  ? -8.095  -8.754  -5.238  1.00 39.71 ? 140 PHE A CG  1 
ATOM   446  C CD1 . PHE A 1 76  ? -8.348  -9.381  -6.456  1.00 40.31 ? 140 PHE A CD1 1 
ATOM   447  C CD2 . PHE A 1 76  ? -8.029  -7.378  -5.195  1.00 38.47 ? 140 PHE A CD2 1 
ATOM   448  C CE1 . PHE A 1 76  ? -8.529  -8.634  -7.635  1.00 39.20 ? 140 PHE A CE1 1 
ATOM   449  C CE2 . PHE A 1 76  ? -8.201  -6.611  -6.363  1.00 40.58 ? 140 PHE A CE2 1 
ATOM   450  C CZ  . PHE A 1 76  ? -8.466  -7.235  -7.587  1.00 38.65 ? 140 PHE A CZ  1 
ATOM   451  N N   . GLY A 1 77  ? -11.421 -9.468  -3.961  1.00 41.71 ? 141 GLY A N   1 
ATOM   452  C CA  . GLY A 1 77  ? -12.613 -10.118 -4.485  1.00 41.22 ? 141 GLY A CA  1 
ATOM   453  C C   . GLY A 1 77  ? -13.702 -9.150  -4.843  1.00 41.31 ? 141 GLY A C   1 
ATOM   454  O O   . GLY A 1 77  ? -13.450 -7.956  -4.982  1.00 41.26 ? 141 GLY A O   1 
ATOM   455  N N   . GLY A 1 78  ? -14.912 -9.685  -5.004  1.00 41.59 ? 142 GLY A N   1 
ATOM   456  C CA  . GLY A 1 78  ? -16.128 -8.896  -5.148  1.00 42.27 ? 142 GLY A CA  1 
ATOM   457  C C   . GLY A 1 78  ? -16.093 -7.856  -6.239  1.00 42.92 ? 142 GLY A C   1 
ATOM   458  O O   . GLY A 1 78  ? -15.493 -8.075  -7.286  1.00 43.60 ? 142 GLY A O   1 
ATOM   459  N N   . ARG A 1 79  ? -16.732 -6.721  -5.967  1.00 43.44 ? 143 ARG A N   1 
ATOM   460  C CA  . ARG A 1 79  ? -16.834 -5.584  -6.876  1.00 44.20 ? 143 ARG A CA  1 
ATOM   461  C C   . ARG A 1 79  ? -15.485 -5.043  -7.325  1.00 44.90 ? 143 ARG A C   1 
ATOM   462  O O   . ARG A 1 79  ? -15.384 -4.418  -8.399  1.00 45.27 ? 143 ARG A O   1 
ATOM   463  C CB  . ARG A 1 79  ? -17.600 -4.442  -6.205  1.00 44.17 ? 143 ARG A CB  1 
ATOM   464  C CG  . ARG A 1 79  ? -19.011 -4.804  -5.702  1.00 45.57 ? 143 ARG A CG  1 
ATOM   465  C CD  . ARG A 1 79  ? -19.804 -3.536  -5.360  1.00 47.80 ? 143 ARG A CD  1 
ATOM   466  N NE  . ARG A 1 79  ? -19.466 -3.023  -4.031  1.00 45.63 ? 143 ARG A NE  1 
ATOM   467  C CZ  . ARG A 1 79  ? -19.381 -1.730  -3.703  1.00 46.71 ? 143 ARG A CZ  1 
ATOM   468  N NH1 . ARG A 1 79  ? -19.610 -0.782  -4.602  1.00 45.21 ? 143 ARG A NH1 1 
ATOM   469  N NH2 . ARG A 1 79  ? -19.054 -1.376  -2.453  1.00 49.44 ? 143 ARG A NH2 1 
ATOM   470  N N   . LEU A 1 80  ? -14.456 -5.263  -6.502  1.00 45.06 ? 144 LEU A N   1 
ATOM   471  C CA  . LEU A 1 80  ? -13.122 -4.757  -6.816  1.00 45.61 ? 144 LEU A CA  1 
ATOM   472  C C   . LEU A 1 80  ? -12.473 -5.591  -7.897  1.00 45.81 ? 144 LEU A C   1 
ATOM   473  O O   . LEU A 1 80  ? -11.923 -5.047  -8.832  1.00 45.90 ? 144 LEU A O   1 
ATOM   474  C CB  . LEU A 1 80  ? -12.226 -4.699  -5.573  1.00 45.27 ? 144 LEU A CB  1 
ATOM   475  C CG  . LEU A 1 80  ? -10.902 -3.946  -5.785  1.00 45.23 ? 144 LEU A CG  1 
ATOM   476  C CD1 . LEU A 1 80  ? -11.118 -2.510  -6.224  1.00 44.38 ? 144 LEU A CD1 1 
ATOM   477  C CD2 . LEU A 1 80  ? -10.034 -4.000  -4.542  1.00 45.27 ? 144 LEU A CD2 1 
ATOM   478  N N   . LYS A 1 81  ? -12.546 -6.909  -7.750  1.00 46.59 ? 145 LYS A N   1 
ATOM   479  C CA  . LYS A 1 81  ? -12.053 -7.851  -8.753  1.00 47.95 ? 145 LYS A CA  1 
ATOM   480  C C   . LYS A 1 81  ? -12.816 -7.727  -10.080 1.00 48.03 ? 145 LYS A C   1 
ATOM   481  O O   . LYS A 1 81  ? -12.236 -7.822  -11.157 1.00 47.96 ? 145 LYS A O   1 
ATOM   482  C CB  . LYS A 1 81  ? -12.180 -9.272  -8.204  1.00 48.17 ? 145 LYS A CB  1 
ATOM   483  C CG  . LYS A 1 81  ? -11.800 -10.375 -9.178  1.00 50.45 ? 145 LYS A CG  1 
ATOM   484  C CD  . LYS A 1 81  ? -11.632 -11.702 -8.403  1.00 54.79 ? 145 LYS A CD  1 
ATOM   485  C CE  . LYS A 1 81  ? -11.691 -12.946 -9.331  1.00 58.25 ? 145 LYS A CE  1 
ATOM   486  N NZ  . LYS A 1 81  ? -10.568 -13.008 -10.336 1.00 58.32 ? 145 LYS A NZ  1 
ATOM   487  N N   . THR A 1 82  ? -14.120 -7.498  -9.953  1.00 47.64 ? 146 THR A N   1 
ATOM   488  C CA  . THR A 1 82  ? -15.006 -7.347  -11.063 1.00 47.69 ? 146 THR A CA  1 
ATOM   489  C C   . THR A 1 82  ? -14.643 -6.128  -11.877 1.00 47.33 ? 146 THR A C   1 
ATOM   490  O O   . THR A 1 82  ? -14.486 -6.216  -13.093 1.00 47.95 ? 146 THR A O   1 
ATOM   491  C CB  . THR A 1 82  ? -16.472 -7.242  -10.571 1.00 47.97 ? 146 THR A CB  1 
ATOM   492  O OG1 . THR A 1 82  ? -16.739 -8.360  -9.714  1.00 48.69 ? 146 THR A OG1 1 
ATOM   493  C CG2 . THR A 1 82  ? -17.443 -7.270  -11.752 1.00 46.00 ? 146 THR A CG2 1 
ATOM   494  N N   . ARG A 1 83  ? -14.524 -4.993  -11.214 1.00 46.60 ? 147 ARG A N   1 
ATOM   495  C CA  . ARG A 1 83  ? -14.126 -3.783  -11.895 1.00 46.08 ? 147 ARG A CA  1 
ATOM   496  C C   . ARG A 1 83  ? -12.784 -3.963  -12.588 1.00 46.53 ? 147 ARG A C   1 
ATOM   497  O O   . ARG A 1 83  ? -12.616 -3.485  -13.713 1.00 46.29 ? 147 ARG A O   1 
ATOM   498  C CB  . ARG A 1 83  ? -14.035 -2.621  -10.923 1.00 45.44 ? 147 ARG A CB  1 
ATOM   499  C CG  . ARG A 1 83  ? -13.407 -1.400  -11.520 1.00 44.97 ? 147 ARG A CG  1 
ATOM   500  C CD  . ARG A 1 83  ? -14.315 -0.877  -12.592 1.00 45.85 ? 147 ARG A CD  1 
ATOM   501  N NE  . ARG A 1 83  ? -13.869 0.392   -13.144 1.00 47.62 ? 147 ARG A NE  1 
ATOM   502  C CZ  . ARG A 1 83  ? -14.516 1.039   -14.114 1.00 46.84 ? 147 ARG A CZ  1 
ATOM   503  N NH1 . ARG A 1 83  ? -15.630 0.531   -14.625 1.00 44.61 ? 147 ARG A NH1 1 
ATOM   504  N NH2 . ARG A 1 83  ? -14.054 2.200   -14.571 1.00 45.30 ? 147 ARG A NH2 1 
ATOM   505  N N   . GLN A 1 84  ? -11.843 -4.640  -11.920 1.00 46.87 ? 148 GLN A N   1 
ATOM   506  C CA  . GLN A 1 84  ? -10.498 -4.855  -12.479 1.00 48.35 ? 148 GLN A CA  1 
ATOM   507  C C   . GLN A 1 84  ? -10.573 -5.630  -13.810 1.00 49.80 ? 148 GLN A C   1 
ATOM   508  O O   . GLN A 1 84  ? -10.228 -5.063  -14.863 1.00 49.59 ? 148 GLN A O   1 
ATOM   509  C CB  . GLN A 1 84  ? -9.554  -5.540  -11.460 1.00 47.92 ? 148 GLN A CB  1 
ATOM   510  C CG  . GLN A 1 84  ? -8.129  -5.814  -11.952 1.00 47.28 ? 148 GLN A CG  1 
ATOM   511  C CD  . GLN A 1 84  ? -7.198  -6.459  -10.901 1.00 48.79 ? 148 GLN A CD  1 
ATOM   512  O OE1 . GLN A 1 84  ? -7.360  -7.624  -10.499 1.00 50.00 ? 148 GLN A OE1 1 
ATOM   513  N NE2 . GLN A 1 84  ? -6.198  -5.707  -10.482 1.00 46.44 ? 148 GLN A NE2 1 
ATOM   514  N N   . ASP A 1 85  ? -11.044 -6.895  -13.762 1.00 51.05 ? 149 ASP A N   1 
ATOM   515  C CA  . ASP A 1 85  ? -11.233 -7.715  -14.976 1.00 52.56 ? 149 ASP A CA  1 
ATOM   516  C C   . ASP A 1 85  ? -12.020 -6.973  -16.043 1.00 52.61 ? 149 ASP A C   1 
ATOM   517  O O   . ASP A 1 85  ? -11.675 -7.053  -17.214 1.00 53.16 ? 149 ASP A O   1 
ATOM   518  C CB  . ASP A 1 85  ? -11.883 -9.092  -14.707 1.00 53.14 ? 149 ASP A CB  1 
ATOM   519  C CG  . ASP A 1 85  ? -11.636 -10.110 -15.873 1.00 55.94 ? 149 ASP A CG  1 
ATOM   520  O OD1 . ASP A 1 85  ? -10.470 -10.318 -16.311 1.00 56.25 ? 149 ASP A OD1 1 
ATOM   521  O OD2 . ASP A 1 85  ? -12.620 -10.720 -16.359 1.00 59.75 ? 149 ASP A OD2 1 
ATOM   522  N N   . PHE A 1 86  ? -13.050 -6.230  -15.642 1.00 52.52 ? 150 PHE A N   1 
ATOM   523  C CA  . PHE A 1 86  ? -13.789 -5.423  -16.587 1.00 52.25 ? 150 PHE A CA  1 
ATOM   524  C C   . PHE A 1 86  ? -12.835 -4.501  -17.326 1.00 52.78 ? 150 PHE A C   1 
ATOM   525  O O   . PHE A 1 86  ? -12.749 -4.563  -18.556 1.00 53.00 ? 150 PHE A O   1 
ATOM   526  C CB  . PHE A 1 86  ? -14.895 -4.629  -15.903 1.00 52.30 ? 150 PHE A CB  1 
ATOM   527  C CG  . PHE A 1 86  ? -15.605 -3.668  -16.822 1.00 53.15 ? 150 PHE A CG  1 
ATOM   528  C CD1 . PHE A 1 86  ? -15.156 -2.354  -16.957 1.00 54.09 ? 150 PHE A CD1 1 
ATOM   529  C CD2 . PHE A 1 86  ? -16.722 -4.080  -17.560 1.00 54.06 ? 150 PHE A CD2 1 
ATOM   530  C CE1 . PHE A 1 86  ? -15.809 -1.445  -17.833 1.00 55.43 ? 150 PHE A CE1 1 
ATOM   531  C CE2 . PHE A 1 86  ? -17.381 -3.196  -18.418 1.00 55.21 ? 150 PHE A CE2 1 
ATOM   532  C CZ  . PHE A 1 86  ? -16.918 -1.869  -18.563 1.00 55.36 ? 150 PHE A CZ  1 
ATOM   533  N N   . VAL A 1 87  ? -12.088 -3.679  -16.587 1.00 53.28 ? 151 VAL A N   1 
ATOM   534  C CA  . VAL A 1 87  ? -11.225 -2.659  -17.214 1.00 53.56 ? 151 VAL A CA  1 
ATOM   535  C C   . VAL A 1 87  ? -9.985  -3.219  -17.949 1.00 54.23 ? 151 VAL A C   1 
ATOM   536  O O   . VAL A 1 87  ? -9.675  -2.789  -19.068 1.00 54.60 ? 151 VAL A O   1 
ATOM   537  C CB  . VAL A 1 87  ? -10.802 -1.546  -16.243 1.00 53.15 ? 151 VAL A CB  1 
ATOM   538  C CG1 . VAL A 1 87  ? -9.794  -0.591  -16.917 1.00 53.85 ? 151 VAL A CG1 1 
ATOM   539  C CG2 . VAL A 1 87  ? -12.000 -0.757  -15.796 1.00 53.61 ? 151 VAL A CG2 1 
ATOM   540  N N   . LEU A 1 88  ? -9.290  -4.169  -17.331 1.00 54.58 ? 152 LEU A N   1 
ATOM   541  C CA  . LEU A 1 88  ? -8.040  -4.712  -17.891 1.00 54.45 ? 152 LEU A CA  1 
ATOM   542  C C   . LEU A 1 88  ? -8.261  -5.907  -18.826 1.00 55.08 ? 152 LEU A C   1 
ATOM   543  O O   . LEU A 1 88  ? -7.367  -6.287  -19.587 1.00 55.24 ? 152 LEU A O   1 
ATOM   544  C CB  . LEU A 1 88  ? -7.053  -4.980  -16.760 1.00 53.73 ? 152 LEU A CB  1 
ATOM   545  C CG  . LEU A 1 88  ? -6.590  -3.706  -16.071 1.00 51.51 ? 152 LEU A CG  1 
ATOM   546  C CD1 . LEU A 1 88  ? -5.967  -4.082  -14.736 1.00 46.86 ? 152 LEU A CD1 1 
ATOM   547  C CD2 . LEU A 1 88  ? -5.624  -2.935  -16.976 1.00 47.62 ? 152 LEU A CD2 1 
ATOM   548  N N   . LYS A 1 89  ? -9.445  -6.501  -18.739 1.00 55.23 ? 153 LYS A N   1 
ATOM   549  C CA  . LYS A 1 89  ? -9.822  -7.624  -19.591 1.00 55.17 ? 153 LYS A CA  1 
ATOM   550  C C   . LYS A 1 89  ? -8.799  -8.761  -19.519 1.00 54.57 ? 153 LYS A C   1 
ATOM   551  O O   . LYS A 1 89  ? -8.543  -9.424  -20.524 1.00 54.71 ? 153 LYS A O   1 
ATOM   552  C CB  . LYS A 1 89  ? -10.067 -7.239  -21.052 1.00 55.23 ? 153 LYS A CB  1 
ATOM   553  C CG  . LYS A 1 89  ? -11.503 -6.848  -21.358 1.00 57.09 ? 153 LYS A CG  1 
ATOM   554  C CD  . LYS A 1 89  ? -11.564 -5.727  -22.383 0.61 56.65 ? 153 LYS A CD  1 
ATOM   555  C CE  . LYS A 1 89  ? -12.983 -5.207  -22.549 0.00 65.59 ? 153 LYS A CE  1 
ATOM   556  N NZ  . LYS A 1 89  ? -13.337 -5.006  -23.982 0.00 65.72 ? 153 LYS A NZ  1 
ATOM   557  N N   . GLY A 1 90  ? -8.225  -9.000  -18.343 1.00 53.49 ? 154 GLY A N   1 
ATOM   558  C CA  . GLY A 1 90  ? -7.347  -10.167 -18.169 1.00 52.31 ? 154 GLY A CA  1 
ATOM   559  C C   . GLY A 1 90  ? -5.844  -9.934  -18.077 1.00 51.42 ? 154 GLY A C   1 
ATOM   560  O O   . GLY A 1 90  ? -5.115  -10.814 -17.600 1.00 50.86 ? 154 GLY A O   1 
ATOM   561  N N   . GLN A 1 91  ? -5.383  -8.756  -18.511 1.00 50.85 ? 155 GLN A N   1 
ATOM   562  C CA  . GLN A 1 91  ? -3.951  -8.389  -18.416 1.00 50.33 ? 155 GLN A CA  1 
ATOM   563  C C   . GLN A 1 91  ? -3.407  -8.553  -16.990 1.00 49.73 ? 155 GLN A C   1 
ATOM   564  O O   . GLN A 1 91  ? -2.258  -8.936  -16.827 1.00 48.66 ? 155 GLN A O   1 
ATOM   565  C CB  . GLN A 1 91  ? -3.647  -6.977  -18.960 1.00 50.11 ? 155 GLN A CB  1 
ATOM   566  C CG  . GLN A 1 91  ? -4.220  -6.660  -20.370 1.00 50.74 ? 155 GLN A CG  1 
ATOM   567  C CD  . GLN A 1 91  ? -3.836  -5.276  -20.656 0.00 51.79 ? 155 GLN A CD  1 
ATOM   568  O OE1 . GLN A 1 91  ? -2.819  -4.629  -20.407 0.00 51.55 ? 155 GLN A OE1 1 
ATOM   569  N NE2 . GLN A 1 91  ? -4.899  -4.741  -21.246 0.00 52.52 ? 155 GLN A NE2 1 
ATOM   570  N N   . GLN A 1 92  ? -4.251  -8.312  -15.976 1.00 49.55 ? 156 GLN A N   1 
ATOM   571  C CA  . GLN A 1 92  ? -3.847  -8.487  -14.570 1.00 49.82 ? 156 GLN A CA  1 
ATOM   572  C C   . GLN A 1 92  ? -3.254  -9.851  -14.262 1.00 49.93 ? 156 GLN A C   1 
ATOM   573  O O   . GLN A 1 92  ? -2.410  -9.974  -13.376 1.00 49.79 ? 156 GLN A O   1 
ATOM   574  C CB  . GLN A 1 92  ? -4.976  -8.178  -13.574 1.00 50.11 ? 156 GLN A CB  1 
ATOM   575  C CG  . GLN A 1 92  ? -6.148  -9.181  -13.496 1.00 51.36 ? 156 GLN A CG  1 
ATOM   576  C CD  . GLN A 1 92  ? -7.184  -8.948  -14.578 1.00 52.84 ? 156 GLN A CD  1 
ATOM   577  O OE1 . GLN A 1 92  ? -6.959  -8.196  -15.534 1.00 54.96 ? 156 GLN A OE1 1 
ATOM   578  N NE2 . GLN A 1 92  ? -8.318  -9.604  -14.448 1.00 53.47 ? 156 GLN A NE2 1 
ATOM   579  N N   . ASN A 1 93  ? -3.674  -10.874 -14.996 1.00 50.02 ? 157 ASN A N   1 
ATOM   580  C CA  . ASN A 1 93  ? -3.163  -12.206 -14.696 1.00 50.38 ? 157 ASN A CA  1 
ATOM   581  C C   . ASN A 1 93  ? -1.704  -12.355 -15.152 1.00 49.86 ? 157 ASN A C   1 
ATOM   582  O O   . ASN A 1 93  ? -1.026  -13.328 -14.798 1.00 49.36 ? 157 ASN A O   1 
ATOM   583  C CB  . ASN A 1 93  ? -4.044  -13.301 -15.314 1.00 50.69 ? 157 ASN A CB  1 
ATOM   584  C CG  . ASN A 1 93  ? -5.521  -13.126 -15.006 1.00 51.64 ? 157 ASN A CG  1 
ATOM   585  O OD1 . ASN A 1 93  ? -5.927  -12.998 -13.847 1.00 52.21 ? 157 ASN A OD1 1 
ATOM   586  N ND2 . ASN A 1 93  ? -6.341  -13.138 -16.059 1.00 51.96 ? 157 ASN A ND2 1 
ATOM   587  N N   . ASN A 1 94  ? -1.229  -11.379 -15.926 1.00 49.51 ? 158 ASN A N   1 
ATOM   588  C CA  . ASN A 1 94  ? 0.163   -11.367 -16.419 1.00 49.50 ? 158 ASN A CA  1 
ATOM   589  C C   . ASN A 1 94  ? 1.111   -10.559 -15.547 1.00 49.20 ? 158 ASN A C   1 
ATOM   590  O O   . ASN A 1 94  ? 2.321   -10.528 -15.792 1.00 49.45 ? 158 ASN A O   1 
ATOM   591  C CB  . ASN A 1 94  ? 0.236   -10.857 -17.865 1.00 48.81 ? 158 ASN A CB  1 
ATOM   592  C CG  . ASN A 1 94  ? -0.507  -11.752 -18.817 1.00 49.29 ? 158 ASN A CG  1 
ATOM   593  O OD1 . ASN A 1 94  ? -0.574  -12.974 -18.623 1.00 49.85 ? 158 ASN A OD1 1 
ATOM   594  N ND2 . ASN A 1 94  ? -1.082  -11.162 -19.842 1.00 49.19 ? 158 ASN A ND2 1 
ATOM   595  N N   . TRP A 1 95  ? 0.563   -9.910  -14.532 1.00 49.08 ? 159 TRP A N   1 
ATOM   596  C CA  . TRP A 1 95  ? 1.376   -9.117  -13.641 1.00 49.24 ? 159 TRP A CA  1 
ATOM   597  C C   . TRP A 1 95  ? 2.255   -10.000 -12.779 1.00 50.03 ? 159 TRP A C   1 
ATOM   598  O O   . TRP A 1 95  ? 1.801   -10.994 -12.196 1.00 51.09 ? 159 TRP A O   1 
ATOM   599  C CB  . TRP A 1 95  ? 0.506   -8.232  -12.777 1.00 48.95 ? 159 TRP A CB  1 
ATOM   600  C CG  . TRP A 1 95  ? -0.235  -7.184  -13.540 1.00 47.81 ? 159 TRP A CG  1 
ATOM   601  C CD1 . TRP A 1 95  ? -0.116  -6.887  -14.874 1.00 48.43 ? 159 TRP A CD1 1 
ATOM   602  C CD2 . TRP A 1 95  ? -1.179  -6.257  -13.002 1.00 45.44 ? 159 TRP A CD2 1 
ATOM   603  N NE1 . TRP A 1 95  ? -0.964  -5.841  -15.202 1.00 48.53 ? 159 TRP A NE1 1 
ATOM   604  C CE2 . TRP A 1 95  ? -1.610  -5.431  -14.062 1.00 47.19 ? 159 TRP A CE2 1 
ATOM   605  C CE3 . TRP A 1 95  ? -1.705  -6.042  -11.718 1.00 45.66 ? 159 TRP A CE3 1 
ATOM   606  C CZ2 . TRP A 1 95  ? -2.561  -4.409  -13.877 1.00 47.39 ? 159 TRP A CZ2 1 
ATOM   607  C CZ3 . TRP A 1 95  ? -2.638  -5.029  -11.531 1.00 44.44 ? 159 TRP A CZ3 1 
ATOM   608  C CH2 . TRP A 1 95  ? -3.061  -4.226  -12.602 1.00 44.90 ? 159 TRP A CH2 1 
ATOM   609  N N   . LYS A 1 96  ? 3.529   -9.658  -12.754 1.00 50.68 ? 160 LYS A N   1 
ATOM   610  C CA  . LYS A 1 96  ? 4.487   -10.179 -11.780 1.00 51.68 ? 160 LYS A CA  1 
ATOM   611  C C   . LYS A 1 96  ? 4.875   -8.890  -11.098 1.00 51.55 ? 160 LYS A C   1 
ATOM   612  O O   . LYS A 1 96  ? 4.749   -7.856  -11.739 1.00 53.32 ? 160 LYS A O   1 
ATOM   613  C CB  . LYS A 1 96  ? 5.695   -10.746 -12.552 1.00 51.92 ? 160 LYS A CB  1 
ATOM   614  C CG  . LYS A 1 96  ? 4.883   -11.957 -13.225 0.00 52.02 ? 160 LYS A CG  1 
ATOM   615  C CD  . LYS A 1 96  ? 5.996   -12.563 -14.032 0.00 51.87 ? 160 LYS A CD  1 
ATOM   616  C CE  . LYS A 1 96  ? 5.552   -13.794 -14.804 0.00 52.13 ? 160 LYS A CE  1 
ATOM   617  N NZ  . LYS A 1 96  ? 6.668   -14.369 -15.620 0.00 51.92 ? 160 LYS A NZ  1 
ATOM   618  N N   . ARG A 1 97  ? 5.344   -8.827  -9.859  1.00 51.20 ? 161 ARG A N   1 
ATOM   619  C CA  . ARG A 1 97  ? 5.481   -9.843  -8.852  1.00 49.88 ? 161 ARG A CA  1 
ATOM   620  C C   . ARG A 1 97  ? 4.285   -9.421  -8.000  1.00 49.06 ? 161 ARG A C   1 
ATOM   621  O O   . ARG A 1 97  ? 4.332   -8.501  -7.173  1.00 48.71 ? 161 ARG A O   1 
ATOM   622  C CB  . ARG A 1 97  ? 6.805   -9.587  -8.115  1.00 50.20 ? 161 ARG A CB  1 
ATOM   623  C CG  . ARG A 1 97  ? 7.966   -8.979  -8.971  1.00 49.86 ? 161 ARG A CG  1 
ATOM   624  C CD  . ARG A 1 97  ? 9.068   -8.326  -8.096  1.00 54.67 ? 161 ARG A CD  1 
ATOM   625  N NE  . ARG A 1 97  ? 9.989   -9.314  -7.520  1.00 58.94 ? 161 ARG A NE  1 
ATOM   626  C CZ  . ARG A 1 97  ? 10.502  -9.294  -6.283  1.00 61.33 ? 161 ARG A CZ  1 
ATOM   627  N NH1 . ARG A 1 97  ? 10.206  -8.347  -5.407  1.00 60.35 ? 161 ARG A NH1 1 
ATOM   628  N NH2 . ARG A 1 97  ? 11.329  -10.256 -5.912  1.00 64.72 ? 161 ARG A NH2 1 
ATOM   629  N N   . TYR A 1 98  ? 3.165   -10.034 -8.309  1.00 48.22 ? 162 TYR A N   1 
ATOM   630  C CA  . TYR A 1 98  ? 1.904   -9.527  -7.896  1.00 47.10 ? 162 TYR A CA  1 
ATOM   631  C C   . TYR A 1 98  ? 1.082   -10.747 -7.559  1.00 46.94 ? 162 TYR A C   1 
ATOM   632  O O   . TYR A 1 98  ? 0.846   -11.614 -8.434  1.00 47.63 ? 162 TYR A O   1 
ATOM   633  C CB  . TYR A 1 98  ? 1.273   -8.709  -9.019  1.00 46.48 ? 162 TYR A CB  1 
ATOM   634  C CG  . TYR A 1 98  ? -0.200  -8.429  -8.816  1.00 47.75 ? 162 TYR A CG  1 
ATOM   635  C CD1 . TYR A 1 98  ? -1.151  -9.022  -9.654  1.00 50.26 ? 162 TYR A CD1 1 
ATOM   636  C CD2 . TYR A 1 98  ? -0.654  -7.582  -7.788  1.00 44.98 ? 162 TYR A CD2 1 
ATOM   637  C CE1 . TYR A 1 98  ? -2.518  -8.774  -9.494  1.00 48.94 ? 162 TYR A CE1 1 
ATOM   638  C CE2 . TYR A 1 98  ? -2.008  -7.343  -7.606  1.00 45.02 ? 162 TYR A CE2 1 
ATOM   639  C CZ  . TYR A 1 98  ? -2.941  -7.940  -8.467  1.00 47.51 ? 162 TYR A CZ  1 
ATOM   640  O OH  . TYR A 1 98  ? -4.307  -7.726  -8.342  1.00 47.13 ? 162 TYR A OH  1 
ATOM   641  N N   . ASN A 1 99  ? 0.678   -10.790 -6.282  1.00 45.43 ? 163 ASN A N   1 
ATOM   642  C CA  . ASN A 1 99  ? 0.005   -11.902 -5.633  1.00 43.94 ? 163 ASN A CA  1 
ATOM   643  C C   . ASN A 1 99  ? -1.362  -11.462 -5.070  1.00 43.41 ? 163 ASN A C   1 
ATOM   644  O O   . ASN A 1 99  ? -1.448  -10.990 -3.930  1.00 42.95 ? 163 ASN A O   1 
ATOM   645  C CB  . ASN A 1 99  ? 0.872   -12.470 -4.492  1.00 43.42 ? 163 ASN A CB  1 
ATOM   646  C CG  . ASN A 1 99  ? 2.369   -12.542 -4.837  1.00 44.84 ? 163 ASN A CG  1 
ATOM   647  O OD1 . ASN A 1 99  ? 3.076   -11.535 -4.829  1.00 43.46 ? 163 ASN A OD1 1 
ATOM   648  N ND2 . ASN A 1 99  ? 2.856   -13.748 -5.107  1.00 46.06 ? 163 ASN A ND2 1 
ATOM   649  N N   . PRO A 1 100 ? -2.439  -11.613 -5.870  1.00 43.14 ? 164 PRO A N   1 
ATOM   650  C CA  . PRO A 1 100 ? -3.799  -11.422 -5.361  1.00 43.30 ? 164 PRO A CA  1 
ATOM   651  C C   . PRO A 1 100 ? -4.326  -12.691 -4.696  1.00 44.11 ? 164 PRO A C   1 
ATOM   652  O O   . PRO A 1 100 ? -4.010  -13.792 -5.134  1.00 43.89 ? 164 PRO A O   1 
ATOM   653  C CB  . PRO A 1 100 ? -4.599  -11.115 -6.631  1.00 42.61 ? 164 PRO A CB  1 
ATOM   654  C CG  . PRO A 1 100 ? -3.870  -11.815 -7.698  1.00 41.46 ? 164 PRO A CG  1 
ATOM   655  C CD  . PRO A 1 100 ? -2.426  -11.848 -7.328  1.00 42.63 ? 164 PRO A CD  1 
ATOM   656  N N   . THR A 1 101 ? -5.150  -12.547 -3.668  1.00 45.34 ? 165 THR A N   1 
ATOM   657  C CA  . THR A 1 101 ? -5.631  -13.712 -2.944  1.00 47.19 ? 165 THR A CA  1 
ATOM   658  C C   . THR A 1 101 ? -6.888  -13.374 -2.157  1.00 48.59 ? 165 THR A C   1 
ATOM   659  O O   . THR A 1 101 ? -7.027  -12.247 -1.648  1.00 49.44 ? 165 THR A O   1 
ATOM   660  C CB  . THR A 1 101 ? -4.535  -14.333 -2.021  1.00 47.07 ? 165 THR A CB  1 
ATOM   661  O OG1 . THR A 1 101 ? -5.076  -15.449 -1.302  1.00 47.69 ? 165 THR A OG1 1 
ATOM   662  C CG2 . THR A 1 101 ? -3.996  -13.297 -1.002  1.00 48.46 ? 165 THR A CG2 1 
ATOM   663  N N   . THR A 1 102 ? -7.812  -14.340 -2.079  1.00 49.34 ? 166 THR A N   1 
ATOM   664  C CA  . THR A 1 102 ? -9.064  -14.181 -1.322  1.00 49.56 ? 166 THR A CA  1 
ATOM   665  C C   . THR A 1 102 ? -8.759  -14.196 0.175   1.00 49.61 ? 166 THR A C   1 
ATOM   666  O O   . THR A 1 102 ? -9.518  -13.637 0.964   1.00 50.22 ? 166 THR A O   1 
ATOM   667  C CB  . THR A 1 102 ? -10.079 -15.320 -1.609  1.00 49.60 ? 166 THR A CB  1 
ATOM   668  O OG1 . THR A 1 102 ? -9.509  -16.565 -1.193  1.00 50.86 ? 166 THR A OG1 1 
ATOM   669  C CG2 . THR A 1 102 ? -10.429 -15.421 -3.101  1.00 49.81 ? 166 THR A CG2 1 
ATOM   670  N N   . LYS A 1 103 ? -7.650  -14.835 0.548   1.00 49.48 ? 167 LYS A N   1 
ATOM   671  C CA  . LYS A 1 103 ? -7.208  -14.927 1.934   1.00 49.83 ? 167 LYS A CA  1 
ATOM   672  C C   . LYS A 1 103 ? -6.832  -13.574 2.561   1.00 49.92 ? 167 LYS A C   1 
ATOM   673  O O   . LYS A 1 103 ? -6.349  -12.647 1.875   1.00 49.75 ? 167 LYS A O   1 
ATOM   674  C CB  . LYS A 1 103 ? -6.017  -15.876 2.062   1.00 50.06 ? 167 LYS A CB  1 
ATOM   675  C CG  . LYS A 1 103 ? -6.327  -17.364 1.930   1.00 52.48 ? 167 LYS A CG  1 
ATOM   676  C CD  . LYS A 1 103 ? -5.002  -18.159 1.983   1.00 56.86 ? 167 LYS A CD  1 
ATOM   677  C CE  . LYS A 1 103 ? -5.020  -19.361 1.026   1.00 59.65 ? 167 LYS A CE  1 
ATOM   678  N NZ  . LYS A 1 103 ? -3.628  -19.799 0.628   1.00 61.48 ? 167 LYS A NZ  1 
ATOM   679  N N   . SER A 1 104 ? -7.052  -13.471 3.873   1.00 49.33 ? 168 SER A N   1 
ATOM   680  C CA  . SER A 1 104 ? -6.674  -12.274 4.598   1.00 48.95 ? 168 SER A CA  1 
ATOM   681  C C   . SER A 1 104 ? -5.166  -12.317 4.790   1.00 48.40 ? 168 SER A C   1 
ATOM   682  O O   . SER A 1 104 ? -4.577  -13.391 4.812   1.00 48.96 ? 168 SER A O   1 
ATOM   683  C CB  . SER A 1 104 ? -7.386  -12.192 5.947   1.00 48.52 ? 168 SER A CB  1 
ATOM   684  O OG  . SER A 1 104 ? -6.547  -12.674 6.981   1.00 48.97 ? 168 SER A OG  1 
ATOM   685  N N   . TYR A 1 105 ? -4.553  -11.151 4.925   1.00 47.79 ? 169 TYR A N   1 
ATOM   686  C CA  . TYR A 1 105 ? -3.136  -11.066 5.171   1.00 47.80 ? 169 TYR A CA  1 
ATOM   687  C C   . TYR A 1 105 ? -2.762  -11.814 6.454   1.00 49.60 ? 169 TYR A C   1 
ATOM   688  O O   . TYR A 1 105 ? -1.654  -12.358 6.593   1.00 49.77 ? 169 TYR A O   1 
ATOM   689  C CB  . TYR A 1 105 ? -2.670  -9.612  5.205   1.00 46.13 ? 169 TYR A CB  1 
ATOM   690  C CG  . TYR A 1 105 ? -3.323  -8.747  6.240   1.00 43.51 ? 169 TYR A CG  1 
ATOM   691  C CD1 . TYR A 1 105 ? -4.336  -7.857  5.894   1.00 41.32 ? 169 TYR A CD1 1 
ATOM   692  C CD2 . TYR A 1 105 ? -2.914  -8.788  7.578   1.00 41.30 ? 169 TYR A CD2 1 
ATOM   693  C CE1 . TYR A 1 105 ? -4.940  -7.034  6.867   1.00 41.17 ? 169 TYR A CE1 1 
ATOM   694  C CE2 . TYR A 1 105 ? -3.513  -7.975  8.550   1.00 40.99 ? 169 TYR A CE2 1 
ATOM   695  C CZ  . TYR A 1 105 ? -4.524  -7.103  8.192   1.00 39.83 ? 169 TYR A CZ  1 
ATOM   696  O OH  . TYR A 1 105 ? -5.100  -6.295  9.151   1.00 38.70 ? 169 TYR A OH  1 
ATOM   697  N N   . LEU A 1 106 ? -3.706  -11.860 7.382   1.00 51.69 ? 170 LEU A N   1 
ATOM   698  C CA  . LEU A 1 106 ? -3.528  -12.630 8.609   1.00 53.77 ? 170 LEU A CA  1 
ATOM   699  C C   . LEU A 1 106 ? -3.330  -14.138 8.315   1.00 54.95 ? 170 LEU A C   1 
ATOM   700  O O   . LEU A 1 106 ? -2.585  -14.808 9.039   1.00 55.05 ? 170 LEU A O   1 
ATOM   701  C CB  . LEU A 1 106 ? -4.707  -12.386 9.545   1.00 53.38 ? 170 LEU A CB  1 
ATOM   702  C CG  . LEU A 1 106 ? -4.389  -12.303 11.029  1.00 54.16 ? 170 LEU A CG  1 
ATOM   703  C CD1 . LEU A 1 106 ? -3.152  -11.480 11.310  1.00 50.12 ? 170 LEU A CD1 1 
ATOM   704  C CD2 . LEU A 1 106 ? -5.608  -11.722 11.737  1.00 54.36 ? 170 LEU A CD2 1 
ATOM   705  N N   . GLU A 1 107 ? -3.969  -14.645 7.247   1.00 55.73 ? 171 GLU A N   1 
ATOM   706  C CA  . GLU A 1 107 ? -3.815  -16.045 6.831   1.00 56.79 ? 171 GLU A CA  1 
ATOM   707  C C   . GLU A 1 107 ? -2.546  -16.250 6.015   1.00 56.87 ? 171 GLU A C   1 
ATOM   708  O O   . GLU A 1 107 ? -1.713  -17.093 6.380   1.00 57.23 ? 171 GLU A O   1 
ATOM   709  C CB  . GLU A 1 107 ? -5.032  -16.523 6.042   1.00 56.79 ? 171 GLU A CB  1 
ATOM   710  C CG  . GLU A 1 107 ? -6.348  -16.117 6.672   1.00 60.76 ? 171 GLU A CG  1 
ATOM   711  C CD  . GLU A 1 107 ? -7.541  -16.475 5.799   1.00 66.17 ? 171 GLU A CD  1 
ATOM   712  O OE1 . GLU A 1 107 ? -7.641  -17.681 5.449   1.00 70.40 ? 171 GLU A OE1 1 
ATOM   713  O OE2 . GLU A 1 107 ? -8.358  -15.571 5.457   1.00 63.36 ? 171 GLU A OE2 1 
ATOM   714  N N   . GLU A 1 108 ? -2.388  -15.480 4.924   1.00 56.73 ? 172 GLU A N   1 
ATOM   715  C CA  . GLU A 1 108 ? -1.241  -15.647 4.047   1.00 56.33 ? 172 GLU A CA  1 
ATOM   716  C C   . GLU A 1 108 ? -0.019  -15.683 4.884   1.00 55.84 ? 172 GLU A C   1 
ATOM   717  O O   . GLU A 1 108 ? 0.842   -16.512 4.661   1.00 56.07 ? 172 GLU A O   1 
ATOM   718  C CB  . GLU A 1 108 ? -1.074  -14.490 3.080   1.00 56.77 ? 172 GLU A CB  1 
ATOM   719  C CG  . GLU A 1 108 ? -1.515  -14.772 1.668   1.00 57.42 ? 172 GLU A CG  1 
ATOM   720  C CD  . GLU A 1 108 ? -0.723  -15.839 0.933   1.00 57.08 ? 172 GLU A CD  1 
ATOM   721  O OE1 . GLU A 1 108 ? 0.530   -15.766 0.849   1.00 55.41 ? 172 GLU A OE1 1 
ATOM   722  O OE2 . GLU A 1 108 ? -1.404  -16.738 0.393   1.00 58.85 ? 172 GLU A OE2 1 
ATOM   723  N N   . PHE A 1 109 ? 0.060   -14.771 5.845   1.00 55.82 ? 173 PHE A N   1 
ATOM   724  C CA  . PHE A 1 109 ? 1.273   -14.621 6.645   1.00 56.02 ? 173 PHE A CA  1 
ATOM   725  C C   . PHE A 1 109 ? 1.114   -15.158 8.062   1.00 57.06 ? 173 PHE A C   1 
ATOM   726  O O   . PHE A 1 109 ? 1.734   -14.629 8.991   1.00 57.57 ? 173 PHE A O   1 
ATOM   727  C CB  . PHE A 1 109 ? 1.743   -13.168 6.656   1.00 54.48 ? 173 PHE A CB  1 
ATOM   728  C CG  . PHE A 1 109 ? 1.885   -12.577 5.290   1.00 53.06 ? 173 PHE A CG  1 
ATOM   729  C CD1 . PHE A 1 109 ? 0.870   -11.792 4.744   1.00 52.80 ? 173 PHE A CD1 1 
ATOM   730  C CD2 . PHE A 1 109 ? 3.022   -12.817 4.526   1.00 52.05 ? 173 PHE A CD2 1 
ATOM   731  C CE1 . PHE A 1 109 ? 0.999   -11.244 3.477   1.00 50.86 ? 173 PHE A CE1 1 
ATOM   732  C CE2 . PHE A 1 109 ? 3.160   -12.273 3.244   1.00 49.75 ? 173 PHE A CE2 1 
ATOM   733  C CZ  . PHE A 1 109 ? 2.153   -11.492 2.719   1.00 49.79 ? 173 PHE A CZ  1 
ATOM   734  N N   . GLU A 1 110 ? 0.310   -16.222 8.207   1.00 58.40 ? 174 GLU A N   1 
ATOM   735  C CA  . GLU A 1 110 ? 0.115   -16.948 9.491   1.00 59.34 ? 174 GLU A CA  1 
ATOM   736  C C   . GLU A 1 110 ? 1.431   -17.165 10.248  1.00 59.73 ? 174 GLU A C   1 
ATOM   737  O O   . GLU A 1 110 ? 1.526   -16.812 11.435  1.00 59.95 ? 174 GLU A O   1 
ATOM   738  C CB  . GLU A 1 110 ? -0.611  -18.300 9.280   1.00 59.35 ? 174 GLU A CB  1 
ATOM   739  C CG  . GLU A 1 110 ? -1.004  -18.742 10.788  0.00 54.41 ? 174 GLU A CG  1 
ATOM   740  C CD  . GLU A 1 110 ? 0.050   -19.569 11.496  0.00 59.79 ? 174 GLU A CD  1 
ATOM   741  O OE1 . GLU A 1 110 ? 1.099   -19.851 10.881  0.00 63.20 ? 174 GLU A OE1 1 
ATOM   742  O OE2 . GLU A 1 110 ? -0.171  -19.937 12.669  0.00 60.03 ? 174 GLU A OE2 1 
ATOM   743  N N   . SER A 1 111 ? 2.443   -17.701 9.551   1.00 60.13 ? 175 SER A N   1 
ATOM   744  C CA  . SER A 1 111 ? 3.781   -17.947 10.149  1.00 60.73 ? 175 SER A CA  1 
ATOM   745  C C   . SER A 1 111 ? 4.647   -16.709 10.400  1.00 60.73 ? 175 SER A C   1 
ATOM   746  O O   . SER A 1 111 ? 5.680   -16.813 11.066  1.00 61.07 ? 175 SER A O   1 
ATOM   747  C CB  . SER A 1 111 ? 4.589   -19.003 9.369   1.00 60.97 ? 175 SER A CB  1 
ATOM   748  O OG  . SER A 1 111 ? 4.403   -18.899 7.968   1.00 61.71 ? 175 SER A OG  1 
ATOM   749  N N   . GLN A 1 112 ? 4.237   -15.545 9.887   1.00 60.27 ? 176 GLN A N   1 
ATOM   750  C CA  . GLN A 1 112 ? 5.030   -14.343 10.076  1.00 59.29 ? 176 GLN A CA  1 
ATOM   751  C C   . GLN A 1 112 ? 4.277   -13.160 10.651  1.00 58.48 ? 176 GLN A C   1 
ATOM   752  O O   . GLN A 1 112 ? 4.655   -12.018 10.399  1.00 58.36 ? 176 GLN A O   1 
ATOM   753  C CB  . GLN A 1 112 ? 5.658   -13.956 8.758   1.00 59.79 ? 176 GLN A CB  1 
ATOM   754  C CG  . GLN A 1 112 ? 6.510   -15.038 8.149   1.00 60.87 ? 176 GLN A CG  1 
ATOM   755  C CD  . GLN A 1 112 ? 6.964   -14.679 6.753   1.00 64.35 ? 176 GLN A CD  1 
ATOM   756  O OE1 . GLN A 1 112 ? 6.215   -14.846 5.785   1.00 65.95 ? 176 GLN A OE1 1 
ATOM   757  N NE2 . GLN A 1 112 ? 8.196   -14.184 6.635   1.00 64.86 ? 176 GLN A NE2 1 
ATOM   758  N N   . LYS A 1 113 ? 3.246   -13.427 11.451  1.00 57.48 ? 177 LYS A N   1 
ATOM   759  C CA  . LYS A 1 113 ? 2.409   -12.365 12.057  1.00 56.82 ? 177 LYS A CA  1 
ATOM   760  C C   . LYS A 1 113 ? 3.185   -11.199 12.681  1.00 55.72 ? 177 LYS A C   1 
ATOM   761  O O   . LYS A 1 113 ? 2.806   -10.047 12.508  1.00 55.35 ? 177 LYS A O   1 
ATOM   762  C CB  . LYS A 1 113 ? 1.392   -12.939 13.078  1.00 57.12 ? 177 LYS A CB  1 
ATOM   763  C CG  . LYS A 1 113 ? 0.895   -11.931 14.181  1.00 58.58 ? 177 LYS A CG  1 
ATOM   764  C CD  . LYS A 1 113 ? -0.061  -12.553 15.238  1.00 61.10 ? 177 LYS A CD  1 
ATOM   765  C CE  . LYS A 1 113 ? -0.746  -11.506 16.141  1.00 61.16 ? 177 LYS A CE  1 
ATOM   766  N NZ  . LYS A 1 113 ? -1.235  -12.125 17.426  1.00 62.02 ? 177 LYS A NZ  1 
ATOM   767  N N   . GLU A 1 114 ? 4.246   -11.499 13.425  1.00 54.57 ? 178 GLU A N   1 
ATOM   768  C CA  . GLU A 1 114 ? 5.027   -10.451 14.102  1.00 53.68 ? 178 GLU A CA  1 
ATOM   769  C C   . GLU A 1 114 ? 5.887   -9.645  13.126  1.00 52.25 ? 178 GLU A C   1 
ATOM   770  O O   . GLU A 1 114 ? 6.596   -8.737  13.535  1.00 52.36 ? 178 GLU A O   1 
ATOM   771  C CB  . GLU A 1 114 ? 5.890   -11.021 15.256  1.00 54.25 ? 178 GLU A CB  1 
ATOM   772  C CG  . GLU A 1 114 ? 7.213   -11.729 14.851  1.00 55.89 ? 178 GLU A CG  1 
ATOM   773  C CD  . GLU A 1 114 ? 7.017   -12.918 13.876  1.00 58.67 ? 178 GLU A CD  1 
ATOM   774  O OE1 . GLU A 1 114 ? 5.926   -13.552 13.884  1.00 58.00 ? 178 GLU A OE1 1 
ATOM   775  O OE2 . GLU A 1 114 ? 7.963   -13.213 13.091  1.00 61.13 ? 178 GLU A OE2 1 
ATOM   776  N N   . LYS A 1 115 ? 5.805   -9.969  11.843  1.00 50.71 ? 179 LYS A N   1 
ATOM   777  C CA  . LYS A 1 115 ? 6.551   -9.233  10.824  1.00 49.92 ? 179 LYS A CA  1 
ATOM   778  C C   . LYS A 1 115 ? 5.672   -8.227  10.087  1.00 47.94 ? 179 LYS A C   1 
ATOM   779  O O   . LYS A 1 115 ? 6.169   -7.464  9.274   1.00 47.84 ? 179 LYS A O   1 
ATOM   780  C CB  . LYS A 1 115 ? 7.222   -10.206 9.843   1.00 50.44 ? 179 LYS A CB  1 
ATOM   781  C CG  . LYS A 1 115 ? 8.512   -10.821 10.406  1.00 53.92 ? 179 LYS A CG  1 
ATOM   782  C CD  . LYS A 1 115 ? 8.744   -12.257 9.893   1.00 61.62 ? 179 LYS A CD  1 
ATOM   783  C CE  . LYS A 1 115 ? 9.939   -12.941 10.613  1.00 64.76 ? 179 LYS A CE  1 
ATOM   784  N NZ  . LYS A 1 115 ? 10.075  -14.411 10.306  1.00 65.13 ? 179 LYS A NZ  1 
ATOM   785  N N   . LEU A 1 116 ? 4.375   -8.231  10.401  1.00 45.67 ? 180 LEU A N   1 
ATOM   786  C CA  . LEU A 1 116 ? 3.381   -7.350  9.807   1.00 43.73 ? 180 LEU A CA  1 
ATOM   787  C C   . LEU A 1 116 ? 3.373   -5.975  10.443  1.00 43.16 ? 180 LEU A C   1 
ATOM   788  O O   . LEU A 1 116 ? 3.395   -5.869  11.662  1.00 43.67 ? 180 LEU A O   1 
ATOM   789  C CB  . LEU A 1 116 ? 1.997   -7.938  10.000  1.00 43.84 ? 180 LEU A CB  1 
ATOM   790  C CG  . LEU A 1 116 ? 1.650   -9.278  9.350   1.00 42.30 ? 180 LEU A CG  1 
ATOM   791  C CD1 . LEU A 1 116 ? 0.409   -9.845  10.025  1.00 39.54 ? 180 LEU A CD1 1 
ATOM   792  C CD2 . LEU A 1 116 ? 1.420   -9.061  7.870   1.00 40.18 ? 180 LEU A CD2 1 
ATOM   793  N N   . VAL A 1 117 ? 3.332   -4.926  9.605   1.00 42.07 ? 181 VAL A N   1 
ATOM   794  C CA  . VAL A 1 117 ? 3.222   -3.529  10.053  1.00 40.26 ? 181 VAL A CA  1 
ATOM   795  C C   . VAL A 1 117 ? 2.114   -2.870  9.271   1.00 40.13 ? 181 VAL A C   1 
ATOM   796  O O   . VAL A 1 117 ? 2.204   -2.753  8.039   1.00 40.33 ? 181 VAL A O   1 
ATOM   797  C CB  . VAL A 1 117 ? 4.525   -2.718  9.818   1.00 39.97 ? 181 VAL A CB  1 
ATOM   798  C CG1 . VAL A 1 117 ? 4.396   -1.304  10.344  1.00 36.72 ? 181 VAL A CG1 1 
ATOM   799  C CG2 . VAL A 1 117 ? 5.705   -3.406  10.471  1.00 39.88 ? 181 VAL A CG2 1 
ATOM   800  N N   . TYR A 1 118 ? 1.082   -2.420  9.981   1.00 39.40 ? 182 TYR A N   1 
ATOM   801  C CA  . TYR A 1 118 ? -0.043  -1.773  9.342   1.00 38.64 ? 182 TYR A CA  1 
ATOM   802  C C   . TYR A 1 118 ? 0.205   -0.285  9.318   1.00 38.63 ? 182 TYR A C   1 
ATOM   803  O O   . TYR A 1 118 ? 0.337   0.336   10.378  1.00 38.59 ? 182 TYR A O   1 
ATOM   804  C CB  . TYR A 1 118 ? -1.368  -2.057  10.063  1.00 38.13 ? 182 TYR A CB  1 
ATOM   805  C CG  . TYR A 1 118 ? -2.546  -2.013  9.104   1.00 36.92 ? 182 TYR A CG  1 
ATOM   806  C CD1 . TYR A 1 118 ? -3.320  -3.141  8.911   1.00 36.61 ? 182 TYR A CD1 1 
ATOM   807  C CD2 . TYR A 1 118 ? -2.841  -0.855  8.337   1.00 35.83 ? 182 TYR A CD2 1 
ATOM   808  C CE1 . TYR A 1 118 ? -4.387  -3.155  8.014   1.00 37.09 ? 182 TYR A CE1 1 
ATOM   809  C CE2 . TYR A 1 118 ? -3.899  -0.844  7.415   1.00 36.64 ? 182 TYR A CE2 1 
ATOM   810  C CZ  . TYR A 1 118 ? -4.678  -2.030  7.261   1.00 39.64 ? 182 TYR A CZ  1 
ATOM   811  O OH  . TYR A 1 118 ? -5.761  -2.125  6.394   1.00 37.57 ? 182 TYR A OH  1 
ATOM   812  N N   . LEU A 1 119 ? 0.258   0.294   8.123   1.00 37.64 ? 183 LEU A N   1 
ATOM   813  C CA  . LEU A 1 119 ? 0.479   1.715   8.049   1.00 37.87 ? 183 LEU A CA  1 
ATOM   814  C C   . LEU A 1 119 ? -0.791  2.468   8.340   1.00 38.47 ? 183 LEU A C   1 
ATOM   815  O O   . LEU A 1 119 ? -1.846  2.196   7.761   1.00 38.20 ? 183 LEU A O   1 
ATOM   816  C CB  . LEU A 1 119 ? 1.002   2.162   6.681   1.00 38.03 ? 183 LEU A CB  1 
ATOM   817  C CG  . LEU A 1 119 ? 2.085   1.405   5.940   1.00 37.55 ? 183 LEU A CG  1 
ATOM   818  C CD1 . LEU A 1 119 ? 2.326   2.181   4.672   1.00 39.77 ? 183 LEU A CD1 1 
ATOM   819  C CD2 . LEU A 1 119 ? 3.331   1.239   6.721   1.00 35.04 ? 183 LEU A CD2 1 
ATOM   820  N N   . SER A 1 120 ? -0.685  3.464   9.205   1.00 38.94 ? 184 SER A N   1 
ATOM   821  C CA  . SER A 1 120 ? -1.853  4.265   9.544   1.00 39.37 ? 184 SER A CA  1 
ATOM   822  C C   . SER A 1 120 ? -1.393  5.617   10.028  1.00 39.69 ? 184 SER A C   1 
ATOM   823  O O   . SER A 1 120 ? -0.585  5.696   10.966  1.00 40.07 ? 184 SER A O   1 
ATOM   824  C CB  . SER A 1 120 ? -2.707  3.587   10.626  1.00 38.47 ? 184 SER A CB  1 
ATOM   825  O OG  . SER A 1 120 ? -3.418  4.578   11.367  1.00 40.18 ? 184 SER A OG  1 
ATOM   826  N N   . ALA A 1 121 ? -1.933  6.670   9.417   1.00 39.85 ? 185 ALA A N   1 
ATOM   827  C CA  . ALA A 1 121 ? -1.641  8.050   9.837   1.00 40.93 ? 185 ALA A CA  1 
ATOM   828  C C   . ALA A 1 121 ? -1.989  8.336   11.306  1.00 41.55 ? 185 ALA A C   1 
ATOM   829  O O   . ALA A 1 121 ? -1.594  9.407   11.811  1.00 41.10 ? 185 ALA A O   1 
ATOM   830  C CB  . ALA A 1 121 ? -2.371  9.058   8.941   1.00 39.90 ? 185 ALA A CB  1 
ATOM   831  N N   . ASP A 1 122 ? -2.743  7.420   11.943  1.00 41.74 ? 186 ASP A N   1 
ATOM   832  C CA  . ASP A 1 122 ? -3.226  7.596   13.315  1.00 42.94 ? 186 ASP A CA  1 
ATOM   833  C C   . ASP A 1 122 ? -2.307  6.936   14.354  1.00 43.75 ? 186 ASP A C   1 
ATOM   834  O O   . ASP A 1 122 ? -2.538  7.056   15.562  1.00 44.14 ? 186 ASP A O   1 
ATOM   835  C CB  . ASP A 1 122 ? -4.664  7.042   13.481  1.00 42.58 ? 186 ASP A CB  1 
ATOM   836  C CG  . ASP A 1 122 ? -5.694  7.746   12.571  1.00 44.45 ? 186 ASP A CG  1 
ATOM   837  O OD1 . ASP A 1 122 ? -5.697  9.020   12.491  1.00 43.95 ? 186 ASP A OD1 1 
ATOM   838  O OD2 . ASP A 1 122 ? -6.485  7.015   11.908  1.00 41.81 ? 186 ASP A OD2 1 
ATOM   839  N N   . SER A 1 123 ? -1.289  6.219   13.903  1.00 43.38 ? 187 SER A N   1 
ATOM   840  C CA  . SER A 1 123 ? -0.365  5.612   14.825  1.00 43.66 ? 187 SER A CA  1 
ATOM   841  C C   . SER A 1 123 ? 0.440   6.641   15.608  1.00 44.64 ? 187 SER A C   1 
ATOM   842  O O   . SER A 1 123 ? 0.686   7.758   15.115  1.00 44.75 ? 187 SER A O   1 
ATOM   843  C CB  . SER A 1 123 ? 0.594   4.729   14.053  1.00 43.35 ? 187 SER A CB  1 
ATOM   844  O OG  . SER A 1 123 ? 0.965   3.647   14.853  1.00 42.84 ? 187 SER A OG  1 
ATOM   845  N N   . ASP A 1 124 ? 0.864   6.267   16.815  1.00 45.25 ? 188 ASP A N   1 
ATOM   846  C CA  . ASP A 1 124 ? 1.837   7.075   17.548  1.00 46.40 ? 188 ASP A CA  1 
ATOM   847  C C   . ASP A 1 124 ? 3.256   6.641   17.188  1.00 45.75 ? 188 ASP A C   1 
ATOM   848  O O   . ASP A 1 124 ? 4.223   7.338   17.491  1.00 46.01 ? 188 ASP A O   1 
ATOM   849  C CB  . ASP A 1 124 ? 1.635   6.961   19.063  1.00 47.75 ? 188 ASP A CB  1 
ATOM   850  C CG  . ASP A 1 124 ? 0.167   7.005   19.463  1.00 51.60 ? 188 ASP A CG  1 
ATOM   851  O OD1 . ASP A 1 124 ? -0.429  8.105   19.416  1.00 55.70 ? 188 ASP A OD1 1 
ATOM   852  O OD2 . ASP A 1 124 ? -0.390  5.934   19.817  1.00 54.51 ? 188 ASP A OD2 1 
ATOM   853  N N   . ASN A 1 125 ? 3.376   5.483   16.549  1.00 44.92 ? 189 ASN A N   1 
ATOM   854  C CA  . ASN A 1 125 ? 4.634   5.061   15.946  1.00 44.17 ? 189 ASN A CA  1 
ATOM   855  C C   . ASN A 1 125 ? 4.943   5.665   14.609  1.00 43.17 ? 189 ASN A C   1 
ATOM   856  O O   . ASN A 1 125 ? 4.065   5.991   13.854  1.00 42.00 ? 189 ASN A O   1 
ATOM   857  C CB  . ASN A 1 125 ? 4.636   3.565   15.762  1.00 45.10 ? 189 ASN A CB  1 
ATOM   858  C CG  . ASN A 1 125 ? 4.616   2.842   17.070  1.00 46.72 ? 189 ASN A CG  1 
ATOM   859  O OD1 . ASN A 1 125 ? 5.064   3.384   18.102  1.00 49.87 ? 189 ASN A OD1 1 
ATOM   860  N ND2 . ASN A 1 125 ? 4.095   1.622   17.055  1.00 44.94 ? 189 ASN A ND2 1 
ATOM   861  N N   . THR A 1 126 ? 6.225   5.788   14.316  1.00 43.26 ? 190 THR A N   1 
ATOM   862  C CA  . THR A 1 126 ? 6.648   6.298   13.044  1.00 43.26 ? 190 THR A CA  1 
ATOM   863  C C   . THR A 1 126 ? 7.769   5.428   12.514  1.00 44.06 ? 190 THR A C   1 
ATOM   864  O O   . THR A 1 126 ? 8.762   5.162   13.219  1.00 44.79 ? 190 THR A O   1 
ATOM   865  C CB  . THR A 1 126 ? 7.124   7.738   13.139  1.00 42.50 ? 190 THR A CB  1 
ATOM   866  O OG1 . THR A 1 126 ? 6.191   8.496   13.905  1.00 42.54 ? 190 THR A OG1 1 
ATOM   867  C CG2 . THR A 1 126 ? 7.211   8.350   11.782  1.00 43.32 ? 190 THR A CG2 1 
ATOM   868  N N   . ILE A 1 127 ? 7.593   4.985   11.272  1.00 43.84 ? 191 ILE A N   1 
ATOM   869  C CA  . ILE A 1 127 ? 8.674   4.398   10.495  1.00 44.39 ? 191 ILE A CA  1 
ATOM   870  C C   . ILE A 1 127 ? 9.807   5.376   10.287  1.00 44.27 ? 191 ILE A C   1 
ATOM   871  O O   . ILE A 1 127 ? 9.602   6.518   9.901   1.00 45.02 ? 191 ILE A O   1 
ATOM   872  C CB  . ILE A 1 127 ? 8.199   3.994   9.092   1.00 44.13 ? 191 ILE A CB  1 
ATOM   873  C CG1 . ILE A 1 127 ? 7.270   2.807   9.188   1.00 45.50 ? 191 ILE A CG1 1 
ATOM   874  C CG2 . ILE A 1 127 ? 9.368   3.583   8.248   1.00 44.86 ? 191 ILE A CG2 1 
ATOM   875  C CD1 . ILE A 1 127 ? 7.865   1.721   10.040  1.00 47.23 ? 191 ILE A CD1 1 
ATOM   876  N N   . THR A 1 128 ? 11.022  4.931   10.497  1.00 44.68 ? 192 THR A N   1 
ATOM   877  C CA  . THR A 1 128 ? 12.149  5.769   10.077  1.00 45.02 ? 192 THR A CA  1 
ATOM   878  C C   . THR A 1 128 ? 12.944  5.117   8.937   1.00 44.85 ? 192 THR A C   1 
ATOM   879  O O   . THR A 1 128 ? 13.695  5.803   8.246   1.00 44.43 ? 192 THR A O   1 
ATOM   880  C CB  . THR A 1 128 ? 13.046  6.170   11.265  1.00 44.88 ? 192 THR A CB  1 
ATOM   881  O OG1 . THR A 1 128 ? 13.494  4.997   11.949  1.00 46.22 ? 192 THR A OG1 1 
ATOM   882  C CG2 . THR A 1 128 ? 12.250  7.012   12.254  1.00 46.33 ? 192 THR A CG2 1 
ATOM   883  N N   . GLU A 1 129 ? 12.723  3.809   8.744   1.00 45.19 ? 193 GLU A N   1 
ATOM   884  C CA  . GLU A 1 129 ? 13.321  2.987   7.687   1.00 46.50 ? 193 GLU A CA  1 
ATOM   885  C C   . GLU A 1 129 ? 12.435  1.762   7.470   1.00 46.36 ? 193 GLU A C   1 
ATOM   886  O O   . GLU A 1 129 ? 11.712  1.357   8.363   1.00 46.99 ? 193 GLU A O   1 
ATOM   887  C CB  . GLU A 1 129 ? 14.708  2.463   8.079   1.00 46.38 ? 193 GLU A CB  1 
ATOM   888  C CG  . GLU A 1 129 ? 15.767  3.492   8.344   1.00 50.84 ? 193 GLU A CG  1 
ATOM   889  C CD  . GLU A 1 129 ? 16.322  3.332   9.767   1.00 60.41 ? 193 GLU A CD  1 
ATOM   890  O OE1 . GLU A 1 129 ? 16.158  4.281   10.606  1.00 58.10 ? 193 GLU A OE1 1 
ATOM   891  O OE2 . GLU A 1 129 ? 16.887  2.223   10.040  1.00 62.47 ? 193 GLU A OE2 1 
ATOM   892  N N   . LEU A 1 130 ? 12.517  1.150   6.303   1.00 45.98 ? 194 LEU A N   1 
ATOM   893  C CA  . LEU A 1 130 ? 11.837  -0.101  6.081   1.00 46.67 ? 194 LEU A CA  1 
ATOM   894  C C   . LEU A 1 130 ? 12.838  -1.262  6.217   1.00 47.39 ? 194 LEU A C   1 
ATOM   895  O O   . LEU A 1 130 ? 13.945  -1.187  5.687   1.00 48.17 ? 194 LEU A O   1 
ATOM   896  C CB  . LEU A 1 130 ? 11.226  -0.121  4.669   1.00 47.09 ? 194 LEU A CB  1 
ATOM   897  C CG  . LEU A 1 130 ? 10.351  1.052   4.204   1.00 46.01 ? 194 LEU A CG  1 
ATOM   898  C CD1 . LEU A 1 130 ? 9.994   0.882   2.745   1.00 44.34 ? 194 LEU A CD1 1 
ATOM   899  C CD2 . LEU A 1 130 ? 9.105   1.178   5.080   1.00 43.64 ? 194 LEU A CD2 1 
ATOM   900  N N   . ASP A 1 131 ? 12.453  -2.335  6.900   1.00 47.21 ? 195 ASP A N   1 
ATOM   901  C CA  . ASP A 1 131 ? 13.319  -3.501  7.043   1.00 47.32 ? 195 ASP A CA  1 
ATOM   902  C C   . ASP A 1 131 ? 12.949  -4.576  6.020   1.00 46.99 ? 195 ASP A C   1 
ATOM   903  O O   . ASP A 1 131 ? 11.763  -4.794  5.752   1.00 46.87 ? 195 ASP A O   1 
ATOM   904  C CB  . ASP A 1 131 ? 13.225  -4.070  8.462   1.00 48.29 ? 195 ASP A CB  1 
ATOM   905  C CG  . ASP A 1 131 ? 13.411  -2.999  9.552   1.00 50.43 ? 195 ASP A CG  1 
ATOM   906  O OD1 . ASP A 1 131 ? 14.357  -2.193  9.439   1.00 53.43 ? 195 ASP A OD1 1 
ATOM   907  O OD2 . ASP A 1 131 ? 12.615  -2.971  10.524  1.00 53.19 ? 195 ASP A OD2 1 
ATOM   908  N N   . GLU A 1 132 ? 13.967  -5.243  5.471   1.00 46.75 ? 196 GLU A N   1 
ATOM   909  C CA  . GLU A 1 132 ? 13.813  -6.223  4.392   1.00 46.85 ? 196 GLU A CA  1 
ATOM   910  C C   . GLU A 1 132 ? 12.954  -7.435  4.779   1.00 46.41 ? 196 GLU A C   1 
ATOM   911  O O   . GLU A 1 132 ? 12.309  -8.050  3.914   1.00 46.17 ? 196 GLU A O   1 
ATOM   912  C CB  . GLU A 1 132 ? 15.198  -6.690  3.873   1.00 47.73 ? 196 GLU A CB  1 
ATOM   913  C CG  . GLU A 1 132 ? 15.970  -5.687  2.992   1.00 49.98 ? 196 GLU A CG  1 
ATOM   914  C CD  . GLU A 1 132 ? 15.298  -5.425  1.616   1.00 55.74 ? 196 GLU A CD  1 
ATOM   915  O OE1 . GLU A 1 132 ? 15.087  -6.409  0.846   1.00 57.53 ? 196 GLU A OE1 1 
ATOM   916  O OE2 . GLU A 1 132 ? 15.003  -4.232  1.300   1.00 54.21 ? 196 GLU A OE2 1 
ATOM   917  N N   . ASP A 1 133 ? 12.952  -7.773  6.070   1.00 45.93 ? 197 ASP A N   1 
ATOM   918  C CA  . ASP A 1 133 ? 12.177  -8.919  6.589   1.00 46.49 ? 197 ASP A CA  1 
ATOM   919  C C   . ASP A 1 133 ? 10.691  -8.627  6.945   1.00 45.56 ? 197 ASP A C   1 
ATOM   920  O O   . ASP A 1 133 ? 9.969   -9.558  7.371   1.00 46.25 ? 197 ASP A O   1 
ATOM   921  C CB  . ASP A 1 133 ? 12.893  -9.567  7.812   1.00 46.98 ? 197 ASP A CB  1 
ATOM   922  C CG  . ASP A 1 133 ? 13.063  -8.592  8.982   1.00 49.75 ? 197 ASP A CG  1 
ATOM   923  O OD1 . ASP A 1 133 ? 13.638  -7.500  8.763   1.00 52.29 ? 197 ASP A OD1 1 
ATOM   924  O OD2 . ASP A 1 133 ? 12.606  -8.904  10.116  1.00 53.50 ? 197 ASP A OD2 1 
ATOM   925  N N   . LYS A 1 134 ? 10.233  -7.377  6.779   1.00 43.37 ? 198 LYS A N   1 
ATOM   926  C CA  . LYS A 1 134 ? 8.901   -6.988  7.250   1.00 41.53 ? 198 LYS A CA  1 
ATOM   927  C C   . LYS A 1 134 ? 7.876   -6.929  6.140   1.00 40.39 ? 198 LYS A C   1 
ATOM   928  O O   . LYS A 1 134 ? 8.212   -7.047  4.955   1.00 40.30 ? 198 LYS A O   1 
ATOM   929  C CB  . LYS A 1 134 ? 8.937   -5.655  7.979   1.00 41.62 ? 198 LYS A CB  1 
ATOM   930  C CG  . LYS A 1 134 ? 9.713   -5.692  9.267   1.00 43.80 ? 198 LYS A CG  1 
ATOM   931  C CD  . LYS A 1 134 ? 8.820   -5.962  10.473  1.00 46.18 ? 198 LYS A CD  1 
ATOM   932  C CE  . LYS A 1 134 ? 9.624   -6.044  11.770  1.00 49.60 ? 198 LYS A CE  1 
ATOM   933  N NZ  . LYS A 1 134 ? 10.924  -5.255  11.737  1.00 49.94 ? 198 LYS A NZ  1 
ATOM   934  N N   . ILE A 1 135 ? 6.622   -6.758  6.554   1.00 38.34 ? 199 ILE A N   1 
ATOM   935  C CA  . ILE A 1 135 ? 5.472   -6.807  5.682   1.00 37.00 ? 199 ILE A CA  1 
ATOM   936  C C   . ILE A 1 135 ? 4.616   -5.606  6.002   1.00 36.42 ? 199 ILE A C   1 
ATOM   937  O O   . ILE A 1 135 ? 4.059   -5.493  7.097   1.00 36.84 ? 199 ILE A O   1 
ATOM   938  C CB  . ILE A 1 135 ? 4.642   -8.088  5.891   1.00 37.21 ? 199 ILE A CB  1 
ATOM   939  C CG1 . ILE A 1 135 ? 5.512   -9.331  5.675   1.00 37.41 ? 199 ILE A CG1 1 
ATOM   940  C CG2 . ILE A 1 135 ? 3.443   -8.137  4.948   1.00 35.00 ? 199 ILE A CG2 1 
ATOM   941  C CD1 . ILE A 1 135 ? 4.896   -10.569 6.268   1.00 38.99 ? 199 ILE A CD1 1 
ATOM   942  N N   . TYR A 1 136 ? 4.497   -4.730  5.020   1.00 34.79 ? 200 TYR A N   1 
ATOM   943  C CA  . TYR A 1 136 ? 3.846   -3.455  5.180   1.00 32.84 ? 200 TYR A CA  1 
ATOM   944  C C   . TYR A 1 136 ? 2.496   -3.455  4.506   1.00 31.87 ? 200 TYR A C   1 
ATOM   945  O O   . TYR A 1 136 ? 2.389   -3.814  3.296   1.00 31.30 ? 200 TYR A O   1 
ATOM   946  C CB  . TYR A 1 136 ? 4.766   -2.365  4.631   1.00 32.63 ? 200 TYR A CB  1 
ATOM   947  C CG  . TYR A 1 136 ? 6.035   -2.297  5.437   1.00 33.23 ? 200 TYR A CG  1 
ATOM   948  C CD1 . TYR A 1 136 ? 6.058   -1.664  6.687   1.00 33.97 ? 200 TYR A CD1 1 
ATOM   949  C CD2 . TYR A 1 136 ? 7.202   -2.920  4.992   1.00 33.77 ? 200 TYR A CD2 1 
ATOM   950  C CE1 . TYR A 1 136 ? 7.235   -1.638  7.463   1.00 33.87 ? 200 TYR A CE1 1 
ATOM   951  C CE2 . TYR A 1 136 ? 8.388   -2.898  5.755   1.00 33.00 ? 200 TYR A CE2 1 
ATOM   952  C CZ  . TYR A 1 136 ? 8.389   -2.257  6.984   1.00 34.79 ? 200 TYR A CZ  1 
ATOM   953  O OH  . TYR A 1 136 ? 9.547   -2.234  7.738   1.00 37.93 ? 200 TYR A OH  1 
ATOM   954  N N   . ILE A 1 137 ? 1.472   -3.081  5.289   1.00 30.58 ? 201 ILE A N   1 
ATOM   955  C CA  . ILE A 1 137 ? 0.050   -3.122  4.828   1.00 29.60 ? 201 ILE A CA  1 
ATOM   956  C C   . ILE A 1 137 ? -0.498  -1.729  4.573   1.00 29.93 ? 201 ILE A C   1 
ATOM   957  O O   . ILE A 1 137 ? -0.310  -0.810  5.401   1.00 29.68 ? 201 ILE A O   1 
ATOM   958  C CB  . ILE A 1 137 ? -0.905  -3.844  5.823   1.00 29.36 ? 201 ILE A CB  1 
ATOM   959  C CG1 . ILE A 1 137 ? -0.315  -5.195  6.268   1.00 29.16 ? 201 ILE A CG1 1 
ATOM   960  C CG2 . ILE A 1 137 ? -2.265  -4.033  5.209   1.00 27.28 ? 201 ILE A CG2 1 
ATOM   961  C CD1 . ILE A 1 137 ? -0.905  -5.736  7.533   1.00 29.14 ? 201 ILE A CD1 1 
ATOM   962  N N   . ILE A 1 138 ? -1.153  -1.563  3.415   1.00 29.39 ? 202 ILE A N   1 
ATOM   963  C CA  . ILE A 1 138 ? -1.853  -0.328  3.109   1.00 28.74 ? 202 ILE A CA  1 
ATOM   964  C C   . ILE A 1 138 ? -3.333  -0.658  2.972   1.00 29.43 ? 202 ILE A C   1 
ATOM   965  O O   . ILE A 1 138 ? -3.697  -1.551  2.225   1.00 30.85 ? 202 ILE A O   1 
ATOM   966  C CB  . ILE A 1 138 ? -1.327  0.320   1.824   1.00 27.73 ? 202 ILE A CB  1 
ATOM   967  C CG1 . ILE A 1 138 ? 0.183   0.539   1.873   1.00 26.45 ? 202 ILE A CG1 1 
ATOM   968  C CG2 . ILE A 1 138 ? -2.011  1.630   1.559   1.00 27.61 ? 202 ILE A CG2 1 
ATOM   969  C CD1 . ILE A 1 138 ? 0.849   0.735   0.380   1.00 21.01 ? 202 ILE A CD1 1 
ATOM   970  N N   . GLY A 1 139 ? -4.192  0.045   3.697   1.00 30.02 ? 203 GLY A N   1 
ATOM   971  C CA  . GLY A 1 139 ? -5.610  -0.222  3.623   1.00 31.23 ? 203 GLY A CA  1 
ATOM   972  C C   . GLY A 1 139 ? -6.164  0.157   2.272   1.00 33.73 ? 203 GLY A C   1 
ATOM   973  O O   . GLY A 1 139 ? -6.033  1.313   1.840   1.00 34.71 ? 203 GLY A O   1 
ATOM   974  N N   . ALA A 1 140 ? -6.741  -0.802  1.552   1.00 34.64 ? 204 ALA A N   1 
ATOM   975  C CA  . ALA A 1 140 ? -7.257  -0.453  0.239   1.00 35.49 ? 204 ALA A CA  1 
ATOM   976  C C   . ALA A 1 140 ? -8.641  0.187   0.419   1.00 36.18 ? 204 ALA A C   1 
ATOM   977  O O   . ALA A 1 140 ? -9.697  -0.450  0.274   1.00 35.71 ? 204 ALA A O   1 
ATOM   978  C CB  . ALA A 1 140 ? -7.285  -1.679  -0.710  1.00 35.31 ? 204 ALA A CB  1 
ATOM   979  N N   . ILE A 1 141 ? -8.596  1.470   0.743   1.00 37.30 ? 205 ILE A N   1 
ATOM   980  C CA  . ILE A 1 141 ? -9.774  2.260   1.123   1.00 39.51 ? 205 ILE A CA  1 
ATOM   981  C C   . ILE A 1 141 ? -9.632  3.678   0.511   1.00 40.34 ? 205 ILE A C   1 
ATOM   982  O O   . ILE A 1 141 ? -8.542  4.255   0.531   1.00 41.21 ? 205 ILE A O   1 
ATOM   983  C CB  . ILE A 1 141 ? -9.962  2.281   2.708   1.00 38.96 ? 205 ILE A CB  1 
ATOM   984  C CG1 . ILE A 1 141 ? -11.188 3.087   3.164   1.00 40.70 ? 205 ILE A CG1 1 
ATOM   985  C CG2 . ILE A 1 141 ? -8.740  2.846   3.391   1.00 40.09 ? 205 ILE A CG2 1 
ATOM   986  C CD1 . ILE A 1 141 ? -12.541 2.583   2.636   1.00 41.90 ? 205 ILE A CD1 1 
ATOM   987  N N   . VAL A 1 142 ? -10.722 4.203   -0.045  1.00 41.43 ? 206 VAL A N   1 
ATOM   988  C CA  . VAL A 1 142 ? -10.773 5.538   -0.678  1.00 42.55 ? 206 VAL A CA  1 
ATOM   989  C C   . VAL A 1 142 ? -11.493 6.510   0.280   1.00 43.89 ? 206 VAL A C   1 
ATOM   990  O O   . VAL A 1 142 ? -12.392 6.095   1.006   1.00 43.35 ? 206 VAL A O   1 
ATOM   991  C CB  . VAL A 1 142 ? -11.467 5.450   -2.095  1.00 42.04 ? 206 VAL A CB  1 
ATOM   992  C CG1 . VAL A 1 142 ? -12.158 6.712   -2.474  1.00 42.64 ? 206 VAL A CG1 1 
ATOM   993  C CG2 . VAL A 1 142 ? -10.449 5.120   -3.142  1.00 41.56 ? 206 VAL A CG2 1 
ATOM   994  N N   . ASP A 1 143 ? -11.074 7.781   0.306   1.00 46.36 ? 207 ASP A N   1 
ATOM   995  C CA  . ASP A 1 143 ? -11.633 8.787   1.218   1.00 48.65 ? 207 ASP A CA  1 
ATOM   996  C C   . ASP A 1 143 ? -11.562 8.220   2.627   1.00 50.10 ? 207 ASP A C   1 
ATOM   997  O O   . ASP A 1 143 ? -12.575 8.178   3.326   1.00 50.19 ? 207 ASP A O   1 
ATOM   998  C CB  . ASP A 1 143 ? -13.083 9.168   0.814   1.00 49.01 ? 207 ASP A CB  1 
ATOM   999  C CG  . ASP A 1 143 ? -13.495 10.580  1.274   1.00 51.00 ? 207 ASP A CG  1 
ATOM   1000 O OD1 . ASP A 1 143 ? -13.256 11.555  0.518   0.20 50.31 ? 207 ASP A OD1 1 
ATOM   1001 O OD2 . ASP A 1 143 ? -14.048 10.711  2.388   0.20 50.70 ? 207 ASP A OD2 1 
ATOM   1002 N N   . LYS A 1 144 ? -10.404 7.732   3.011   1.00 51.96 ? 208 LYS A N   1 
ATOM   1003 C CA  . LYS A 1 144 ? -10.287 7.065   4.270   1.00 53.35 ? 208 LYS A CA  1 
ATOM   1004 C C   . LYS A 1 144 ? -10.571 8.015   5.394   1.00 55.53 ? 208 LYS A C   1 
ATOM   1005 O O   . LYS A 1 144 ? -10.529 7.643   6.539   1.00 56.12 ? 208 LYS A O   1 
ATOM   1006 C CB  . LYS A 1 144 ? -8.898  6.492   4.414   1.00 53.04 ? 208 LYS A CB  1 
ATOM   1007 C CG  . LYS A 1 144 ? -7.883  7.446   4.906   0.30 51.66 ? 208 LYS A CG  1 
ATOM   1008 C CD  . LYS A 1 144 ? -6.839  7.715   3.859   0.30 49.47 ? 208 LYS A CD  1 
ATOM   1009 C CE  . LYS A 1 144 ? -5.828  8.733   4.325   0.30 47.97 ? 208 LYS A CE  1 
ATOM   1010 N NZ  . LYS A 1 144 ? -4.449  8.399   3.907   0.30 46.45 ? 208 LYS A NZ  1 
ATOM   1011 N N   . ASN A 1 145 ? -10.864 9.257   5.070   1.00 57.28 ? 209 ASN A N   1 
ATOM   1012 C CA  . ASN A 1 145 ? -11.011 10.214  6.117   1.00 58.86 ? 209 ASN A CA  1 
ATOM   1013 C C   . ASN A 1 145 ? -12.334 10.221  6.794   1.00 59.20 ? 209 ASN A C   1 
ATOM   1014 O O   . ASN A 1 145 ? -12.491 10.841  7.820   1.00 60.33 ? 209 ASN A O   1 
ATOM   1015 C CB  . ASN A 1 145 ? -10.720 11.594  5.651   1.00 59.45 ? 209 ASN A CB  1 
ATOM   1016 C CG  . ASN A 1 145 ? -10.217 12.423  6.751   1.00 62.71 ? 209 ASN A CG  1 
ATOM   1017 O OD1 . ASN A 1 145 ? -9.129  12.201  7.214   1.00 66.74 ? 209 ASN A OD1 1 
ATOM   1018 N ND2 . ASN A 1 145 ? -11.022 13.328  7.241   1.00 65.59 ? 209 ASN A ND2 1 
ATOM   1019 N N   . ARG A 1 146 ? -13.290 9.537   6.217   1.00 58.79 ? 210 ARG A N   1 
ATOM   1020 C CA  . ARG A 1 146 ? -14.577 9.442   6.809   1.00 58.23 ? 210 ARG A CA  1 
ATOM   1021 C C   . ARG A 1 146 ? -14.596 8.420   7.894   1.00 57.13 ? 210 ARG A C   1 
ATOM   1022 O O   . ARG A 1 146 ? -15.595 8.222   8.525   1.00 57.67 ? 210 ARG A O   1 
ATOM   1023 C CB  . ARG A 1 146 ? -15.555 9.028   5.752   1.00 58.63 ? 210 ARG A CB  1 
ATOM   1024 C CG  . ARG A 1 146 ? -16.038 10.156  4.933   1.00 62.60 ? 210 ARG A CG  1 
ATOM   1025 C CD  . ARG A 1 146 ? -17.001 9.670   3.921   1.00 68.34 ? 210 ARG A CD  1 
ATOM   1026 N NE  . ARG A 1 146 ? -16.432 8.632   3.091   1.00 71.86 ? 210 ARG A NE  1 
ATOM   1027 C CZ  . ARG A 1 146 ? -17.148 7.763   2.400   1.00 74.08 ? 210 ARG A CZ  1 
ATOM   1028 N NH1 . ARG A 1 146 ? -18.463 7.796   2.436   1.00 75.46 ? 210 ARG A NH1 1 
ATOM   1029 N NH2 . ARG A 1 146 ? -16.545 6.854   1.668   1.00 74.80 ? 210 ARG A NH2 1 
ATOM   1030 N N   . TYR A 1 147 ? -13.483 7.753   8.106   1.00 55.73 ? 211 TYR A N   1 
ATOM   1031 C CA  . TYR A 1 147 ? -13.445 6.634   9.009   1.00 54.59 ? 211 TYR A CA  1 
ATOM   1032 C C   . TYR A 1 147 ? -12.397 6.843   10.063  1.00 54.34 ? 211 TYR A C   1 
ATOM   1033 O O   . TYR A 1 147 ? -11.255 6.617   9.813   1.00 55.53 ? 211 TYR A O   1 
ATOM   1034 C CB  . TYR A 1 147 ? -13.195 5.361   8.210   1.00 54.48 ? 211 TYR A CB  1 
ATOM   1035 C CG  . TYR A 1 147 ? -14.222 5.147   7.137   1.00 53.16 ? 211 TYR A CG  1 
ATOM   1036 C CD1 . TYR A 1 147 ? -15.541 4.973   7.460   1.00 52.54 ? 211 TYR A CD1 1 
ATOM   1037 C CD2 . TYR A 1 147 ? -13.894 5.168   5.813   1.00 51.77 ? 211 TYR A CD2 1 
ATOM   1038 C CE1 . TYR A 1 147 ? -16.484 4.814   6.520   1.00 52.91 ? 211 TYR A CE1 1 
ATOM   1039 C CE2 . TYR A 1 147 ? -14.855 4.999   4.853   1.00 53.12 ? 211 TYR A CE2 1 
ATOM   1040 C CZ  . TYR A 1 147 ? -16.146 4.817   5.219   1.00 52.27 ? 211 TYR A CZ  1 
ATOM   1041 O OH  . TYR A 1 147 ? -17.128 4.647   4.312   1.00 50.75 ? 211 TYR A OH  1 
ATOM   1042 N N   . LYS A 1 148 ? -12.791 7.284   11.247  1.00 53.22 ? 212 LYS A N   1 
ATOM   1043 C CA  . LYS A 1 148 ? -11.823 7.635   12.282  1.00 51.25 ? 212 LYS A CA  1 
ATOM   1044 C C   . LYS A 1 148 ? -11.092 6.423   12.852  1.00 50.36 ? 212 LYS A C   1 
ATOM   1045 O O   . LYS A 1 148 ? -11.707 5.530   13.437  1.00 50.52 ? 212 LYS A O   1 
ATOM   1046 C CB  . LYS A 1 148 ? -12.508 8.410   13.411  0.91 51.66 ? 212 LYS A CB  1 
ATOM   1047 C CG  . LYS A 1 148 ? -13.011 9.785   13.002  0.00 54.47 ? 212 LYS A CG  1 
ATOM   1048 C CD  . LYS A 1 148 ? -13.700 10.488  14.161  0.00 54.38 ? 212 LYS A CD  1 
ATOM   1049 C CE  . LYS A 1 148 ? -14.181 11.873  13.760  0.00 54.26 ? 212 LYS A CE  1 
ATOM   1050 N NZ  . LYS A 1 148 ? -14.879 12.564  14.878  0.00 54.19 ? 212 LYS A NZ  1 
ATOM   1051 N N   . ASN A 1 149 ? -9.773  6.405   12.685  1.00 48.37 ? 213 ASN A N   1 
ATOM   1052 C CA  . ASN A 1 149 ? -8.932  5.359   13.267  1.00 45.76 ? 213 ASN A CA  1 
ATOM   1053 C C   . ASN A 1 149 ? -9.221  4.000   12.686  1.00 44.27 ? 213 ASN A C   1 
ATOM   1054 O O   . ASN A 1 149 ? -8.898  2.975   13.296  1.00 43.98 ? 213 ASN A O   1 
ATOM   1055 C CB  . ASN A 1 149 ? -9.080  5.284   14.791  1.00 46.75 ? 213 ASN A CB  1 
ATOM   1056 C CG  . ASN A 1 149 ? -8.687  6.563   15.498  1.00 48.06 ? 213 ASN A CG  1 
ATOM   1057 O OD1 . ASN A 1 149 ? -7.790  7.285   15.084  1.00 49.64 ? 213 ASN A OD1 1 
ATOM   1058 N ND2 . ASN A 1 149 ? -9.371  6.845   16.598  1.00 51.74 ? 213 ASN A ND2 1 
ATOM   1059 N N   . LEU A 1 150 ? -9.815  3.987   11.497  1.00 42.86 ? 214 LEU A N   1 
ATOM   1060 C CA  . LEU A 1 150 ? -10.272 2.756   10.863  1.00 41.13 ? 214 LEU A CA  1 
ATOM   1061 C C   . LEU A 1 150 ? -9.250  1.642   10.791  1.00 41.51 ? 214 LEU A C   1 
ATOM   1062 O O   . LEU A 1 150 ? -9.537  0.500   11.150  1.00 41.19 ? 214 LEU A O   1 
ATOM   1063 C CB  . LEU A 1 150 ? -10.661 3.037   9.419   1.00 40.63 ? 214 LEU A CB  1 
ATOM   1064 C CG  . LEU A 1 150 ? -10.934 1.777   8.595   1.00 38.22 ? 214 LEU A CG  1 
ATOM   1065 C CD1 . LEU A 1 150 ? -12.244 1.186   9.014   1.00 35.14 ? 214 LEU A CD1 1 
ATOM   1066 C CD2 . LEU A 1 150 ? -10.898 2.060   7.118   1.00 36.13 ? 214 LEU A CD2 1 
ATOM   1067 N N   . CYS A 1 151 ? -8.050  1.983   10.320  1.00 42.00 ? 215 CYS A N   1 
ATOM   1068 C CA  . CYS A 1 151 ? -6.971  0.993   10.173  1.00 42.82 ? 215 CYS A CA  1 
ATOM   1069 C C   . CYS A 1 151 ? -6.210  0.801   11.501  1.00 43.18 ? 215 CYS A C   1 
ATOM   1070 O O   . CYS A 1 151 ? -5.628  -0.242  11.705  1.00 43.78 ? 215 CYS A O   1 
ATOM   1071 C CB  . CYS A 1 151 ? -6.000  1.344   9.026   1.00 42.88 ? 215 CYS A CB  1 
ATOM   1072 S SG  . CYS A 1 151 ? -6.760  1.447   7.337   1.00 43.16 ? 215 CYS A SG  1 
ATOM   1073 N N   . GLN A 1 152 ? -6.207  1.789   12.396  1.00 44.42 ? 216 GLN A N   1 
ATOM   1074 C CA  . GLN A 1 152 ? -5.619  1.620   13.743  1.00 44.85 ? 216 GLN A CA  1 
ATOM   1075 C C   . GLN A 1 152 ? -6.416  0.584   14.506  1.00 45.20 ? 216 GLN A C   1 
ATOM   1076 O O   . GLN A 1 152 ? -5.838  -0.352  15.078  1.00 45.47 ? 216 GLN A O   1 
ATOM   1077 C CB  . GLN A 1 152 ? -5.677  2.913   14.548  1.00 44.53 ? 216 GLN A CB  1 
ATOM   1078 C CG  . GLN A 1 152 ? -4.365  3.626   14.712  1.00 47.87 ? 216 GLN A CG  1 
ATOM   1079 C CD  . GLN A 1 152 ? -3.310  2.843   15.470  1.00 48.45 ? 216 GLN A CD  1 
ATOM   1080 O OE1 . GLN A 1 152 ? -3.580  2.179   16.474  1.00 49.11 ? 216 GLN A OE1 1 
ATOM   1081 N NE2 . GLN A 1 152 ? -2.099  2.921   14.984  1.00 47.47 ? 216 GLN A NE2 1 
ATOM   1082 N N   . ASN A 1 153 ? -7.750  0.764   14.503  1.00 44.89 ? 217 ASN A N   1 
ATOM   1083 C CA  . ASN A 1 153 ? -8.678  -0.123  15.198  1.00 44.49 ? 217 ASN A CA  1 
ATOM   1084 C C   . ASN A 1 153 ? -8.496  -1.553  14.758  1.00 43.48 ? 217 ASN A C   1 
ATOM   1085 O O   . ASN A 1 153 ? -8.426  -2.460  15.586  1.00 43.73 ? 217 ASN A O   1 
ATOM   1086 C CB  . ASN A 1 153 ? -10.119 0.270   14.907  1.00 45.23 ? 217 ASN A CB  1 
ATOM   1087 C CG  . ASN A 1 153 ? -10.590 1.478   15.705  1.00 48.21 ? 217 ASN A CG  1 
ATOM   1088 O OD1 . ASN A 1 153 ? -11.766 1.843   15.609  1.00 49.21 ? 217 ASN A OD1 1 
ATOM   1089 N ND2 . ASN A 1 153 ? -9.683  2.106   16.496  1.00 49.55 ? 217 ASN A ND2 1 
ATOM   1090 N N   . LYS A 1 154 ? -8.431  -1.748  13.449  1.00 42.54 ? 218 LYS A N   1 
ATOM   1091 C CA  . LYS A 1 154 ? -8.306  -3.081  12.881  1.00 42.04 ? 218 LYS A CA  1 
ATOM   1092 C C   . LYS A 1 154 ? -6.996  -3.787  13.273  1.00 42.13 ? 218 LYS A C   1 
ATOM   1093 O O   . LYS A 1 154 ? -7.015  -4.908  13.780  1.00 42.10 ? 218 LYS A O   1 
ATOM   1094 C CB  . LYS A 1 154 ? -8.419  -3.001  11.363  1.00 41.89 ? 218 LYS A CB  1 
ATOM   1095 C CG  . LYS A 1 154 ? -8.135  -4.310  10.681  1.00 40.86 ? 218 LYS A CG  1 
ATOM   1096 C CD  . LYS A 1 154 ? -8.595  -4.293  9.240   1.00 38.02 ? 218 LYS A CD  1 
ATOM   1097 C CE  . LYS A 1 154 ? -8.277  -5.629  8.557   1.00 32.09 ? 218 LYS A CE  1 
ATOM   1098 N NZ  . LYS A 1 154 ? -9.109  -5.685  7.336   1.00 28.48 ? 218 LYS A NZ  1 
ATOM   1099 N N   . ALA A 1 155 ? -5.855  -3.152  13.037  1.00 42.08 ? 219 ALA A N   1 
ATOM   1100 C CA  . ALA A 1 155 ? -4.595  -3.794  13.379  1.00 41.84 ? 219 ALA A CA  1 
ATOM   1101 C C   . ALA A 1 155 ? -4.483  -3.927  14.891  1.00 42.37 ? 219 ALA A C   1 
ATOM   1102 O O   . ALA A 1 155 ? -4.059  -4.976  15.394  1.00 42.28 ? 219 ALA A O   1 
ATOM   1103 C CB  . ALA A 1 155 ? -3.458  -2.997  12.837  1.00 41.97 ? 219 ALA A CB  1 
ATOM   1104 N N   . SER A 1 156 ? -4.865  -2.881  15.622  1.00 42.67 ? 220 SER A N   1 
ATOM   1105 C CA  . SER A 1 156 ? -4.780  -2.917  17.085  1.00 44.36 ? 220 SER A CA  1 
ATOM   1106 C C   . SER A 1 156 ? -5.514  -4.119  17.645  1.00 45.33 ? 220 SER A C   1 
ATOM   1107 O O   . SER A 1 156 ? -4.968  -4.903  18.428  1.00 45.68 ? 220 SER A O   1 
ATOM   1108 C CB  . SER A 1 156 ? -5.332  -1.638  17.687  1.00 44.36 ? 220 SER A CB  1 
ATOM   1109 O OG  . SER A 1 156 ? -4.378  -0.599  17.498  1.00 47.22 ? 220 SER A OG  1 
ATOM   1110 N N   . GLU A 1 157 ? -6.748  -4.290  17.190  1.00 46.00 ? 221 GLU A N   1 
ATOM   1111 C CA  . GLU A 1 157 ? -7.547  -5.433  17.555  1.00 46.90 ? 221 GLU A CA  1 
ATOM   1112 C C   . GLU A 1 157 ? -6.897  -6.776  17.189  1.00 46.69 ? 221 GLU A C   1 
ATOM   1113 O O   . GLU A 1 157 ? -7.179  -7.801  17.822  1.00 46.70 ? 221 GLU A O   1 
ATOM   1114 C CB  . GLU A 1 157 ? -8.933  -5.291  16.915  1.00 47.27 ? 221 GLU A CB  1 
ATOM   1115 C CG  . GLU A 1 157 ? -9.988  -6.194  17.495  1.00 50.34 ? 221 GLU A CG  1 
ATOM   1116 C CD  . GLU A 1 157 ? -11.385 -5.831  17.026  1.00 55.41 ? 221 GLU A CD  1 
ATOM   1117 O OE1 . GLU A 1 157 ? -11.540 -5.576  15.814  1.00 56.56 ? 221 GLU A OE1 1 
ATOM   1118 O OE2 . GLU A 1 157 ? -12.323 -5.800  17.869  1.00 57.53 ? 221 GLU A OE2 1 
ATOM   1119 N N   . GLN A 1 158 ? -6.038  -6.784  16.172  1.00 46.72 ? 222 GLN A N   1 
ATOM   1120 C CA  . GLN A 1 158 ? -5.384  -8.032  15.760  1.00 47.00 ? 222 GLN A CA  1 
ATOM   1121 C C   . GLN A 1 158 ? -4.075  -8.331  16.489  1.00 46.94 ? 222 GLN A C   1 
ATOM   1122 O O   . GLN A 1 158 ? -3.474  -9.402  16.309  1.00 47.05 ? 222 GLN A O   1 
ATOM   1123 C CB  . GLN A 1 158 ? -5.147  -8.044  14.251  1.00 47.12 ? 222 GLN A CB  1 
ATOM   1124 C CG  . GLN A 1 158 ? -6.399  -8.260  13.452  1.00 47.83 ? 222 GLN A CG  1 
ATOM   1125 C CD  . GLN A 1 158 ? -6.189  -8.101  11.944  1.00 50.36 ? 222 GLN A CD  1 
ATOM   1126 O OE1 . GLN A 1 158 ? -6.988  -8.616  11.156  1.00 51.51 ? 222 GLN A OE1 1 
ATOM   1127 N NE2 . GLN A 1 158 ? -5.124  -7.396  11.536  1.00 48.83 ? 222 GLN A NE2 1 
ATOM   1128 N N   . GLY A 1 159 ? -3.626  -7.379  17.295  1.00 46.72 ? 223 GLY A N   1 
ATOM   1129 C CA  . GLY A 1 159 ? -2.367  -7.540  17.982  1.00 46.93 ? 223 GLY A CA  1 
ATOM   1130 C C   . GLY A 1 159 ? -1.145  -7.169  17.157  1.00 47.39 ? 223 GLY A C   1 
ATOM   1131 O O   . GLY A 1 159 ? -0.010  -7.403  17.598  1.00 48.61 ? 223 GLY A O   1 
ATOM   1132 N N   . ILE A 1 160 ? -1.340  -6.570  15.979  1.00 46.56 ? 224 ILE A N   1 
ATOM   1133 C CA  . ILE A 1 160 ? -0.200  -6.210  15.136  1.00 45.14 ? 224 ILE A CA  1 
ATOM   1134 C C   . ILE A 1 160 ? 0.239   -4.746  15.280  1.00 44.49 ? 224 ILE A C   1 
ATOM   1135 O O   . ILE A 1 160 ? -0.521  -3.890  15.720  1.00 44.29 ? 224 ILE A O   1 
ATOM   1136 C CB  . ILE A 1 160 ? -0.402  -6.607  13.659  1.00 44.78 ? 224 ILE A CB  1 
ATOM   1137 C CG1 . ILE A 1 160 ? -1.287  -5.597  12.950  1.00 45.30 ? 224 ILE A CG1 1 
ATOM   1138 C CG2 . ILE A 1 160 ? -0.924  -8.033  13.534  1.00 44.74 ? 224 ILE A CG2 1 
ATOM   1139 C CD1 . ILE A 1 160 ? -1.833  -6.086  11.587  1.00 47.24 ? 224 ILE A CD1 1 
ATOM   1140 N N   . LYS A 1 161 ? 1.491   -4.481  14.935  1.00 43.60 ? 225 LYS A N   1 
ATOM   1141 C CA  . LYS A 1 161 ? 2.063   -3.138  15.055  1.00 43.38 ? 225 LYS A CA  1 
ATOM   1142 C C   . LYS A 1 161 ? 1.530   -2.189  13.949  1.00 42.24 ? 225 LYS A C   1 
ATOM   1143 O O   . LYS A 1 161 ? 1.245   -2.619  12.833  1.00 42.72 ? 225 LYS A O   1 
ATOM   1144 C CB  . LYS A 1 161 ? 3.600   -3.221  15.038  1.00 43.14 ? 225 LYS A CB  1 
ATOM   1145 C CG  . LYS A 1 161 ? 4.299   -2.094  15.823  1.00 47.02 ? 225 LYS A CG  1 
ATOM   1146 C CD  . LYS A 1 161 ? 5.649   -2.534  16.447  0.50 48.03 ? 225 LYS A CD  1 
ATOM   1147 C CE  . LYS A 1 161 ? 5.466   -3.555  17.579  0.20 48.09 ? 225 LYS A CE  1 
ATOM   1148 N NZ  . LYS A 1 161 ? 6.686   -4.382  17.794  0.20 47.54 ? 225 LYS A NZ  1 
ATOM   1149 N N   . THR A 1 162 ? 1.359   -0.920  14.287  1.00 40.42 ? 226 THR A N   1 
ATOM   1150 C CA  . THR A 1 162 ? 0.917   0.070   13.347  1.00 38.75 ? 226 THR A CA  1 
ATOM   1151 C C   . THR A 1 162 ? 2.000   1.103   13.327  1.00 38.22 ? 226 THR A C   1 
ATOM   1152 O O   . THR A 1 162 ? 2.688   1.275   14.326  1.00 38.54 ? 226 THR A O   1 
ATOM   1153 C CB  . THR A 1 162 ? -0.368  0.805   13.813  1.00 38.92 ? 226 THR A CB  1 
ATOM   1154 O OG1 . THR A 1 162 ? -0.102  1.506   15.042  1.00 38.14 ? 226 THR A OG1 1 
ATOM   1155 C CG2 . THR A 1 162 ? -1.538  -0.148  13.976  1.00 36.76 ? 226 THR A CG2 1 
ATOM   1156 N N   . ALA A 1 163 ? 2.161   1.804   12.212  1.00 37.52 ? 227 ALA A N   1 
ATOM   1157 C CA  . ALA A 1 163 ? 3.104   2.937   12.169  1.00 37.23 ? 227 ALA A CA  1 
ATOM   1158 C C   . ALA A 1 163 ? 2.694   3.810   11.047  1.00 37.15 ? 227 ALA A C   1 
ATOM   1159 O O   . ALA A 1 163 ? 2.035   3.344   10.125  1.00 37.72 ? 227 ALA A O   1 
ATOM   1160 C CB  . ALA A 1 163 ? 4.549   2.483   11.950  1.00 36.59 ? 227 ALA A CB  1 
ATOM   1161 N N   . LYS A 1 164 ? 3.089   5.072   11.127  1.00 37.12 ? 228 LYS A N   1 
ATOM   1162 C CA  . LYS A 1 164 ? 2.880   6.021   10.069  1.00 37.47 ? 228 LYS A CA  1 
ATOM   1163 C C   . LYS A 1 164 ? 4.223   6.384   9.418   1.00 38.00 ? 228 LYS A C   1 
ATOM   1164 O O   . LYS A 1 164 ? 5.314   6.052   9.932   1.00 37.96 ? 228 LYS A O   1 
ATOM   1165 C CB  . LYS A 1 164 ? 2.189   7.255   10.632  1.00 37.56 ? 228 LYS A CB  1 
ATOM   1166 C CG  . LYS A 1 164 ? 3.065   8.075   11.533  1.00 38.41 ? 228 LYS A CG  1 
ATOM   1167 C CD  . LYS A 1 164 ? 2.459   9.403   11.863  1.00 41.23 ? 228 LYS A CD  1 
ATOM   1168 C CE  . LYS A 1 164 ? 3.021   9.886   13.181  1.00 44.61 ? 228 LYS A CE  1 
ATOM   1169 N NZ  . LYS A 1 164 ? 1.846   10.433  13.921  1.00 51.23 ? 228 LYS A NZ  1 
ATOM   1170 N N   . LEU A 1 165 ? 4.138   7.044   8.273   1.00 38.43 ? 229 LEU A N   1 
ATOM   1171 C CA  . LEU A 1 165 ? 5.308   7.443   7.530   1.00 39.04 ? 229 LEU A CA  1 
ATOM   1172 C C   . LEU A 1 165 ? 5.847   8.696   8.197   1.00 40.48 ? 229 LEU A C   1 
ATOM   1173 O O   . LEU A 1 165 ? 5.074   9.484   8.724   1.00 40.20 ? 229 LEU A O   1 
ATOM   1174 C CB  . LEU A 1 165 ? 4.899   7.783   6.102   1.00 38.81 ? 229 LEU A CB  1 
ATOM   1175 C CG  . LEU A 1 165 ? 4.354   6.696   5.176   1.00 38.34 ? 229 LEU A CG  1 
ATOM   1176 C CD1 . LEU A 1 165 ? 3.450   7.295   4.122   1.00 37.30 ? 229 LEU A CD1 1 
ATOM   1177 C CD2 . LEU A 1 165 ? 5.486   6.012   4.515   1.00 34.65 ? 229 LEU A CD2 1 
ATOM   1178 N N   . PRO A 1 166 ? 7.177   8.896   8.164   1.00 42.15 ? 230 PRO A N   1 
ATOM   1179 C CA  . PRO A 1 166 ? 7.758   10.036  8.872   1.00 43.02 ? 230 PRO A CA  1 
ATOM   1180 C C   . PRO A 1 166 ? 7.804   11.255  7.972   1.00 44.14 ? 230 PRO A C   1 
ATOM   1181 O O   . PRO A 1 166 ? 8.904   11.695  7.579   1.00 44.76 ? 230 PRO A O   1 
ATOM   1182 C CB  . PRO A 1 166 ? 9.185   9.564   9.158   1.00 42.56 ? 230 PRO A CB  1 
ATOM   1183 C CG  . PRO A 1 166 ? 9.524   8.749   7.938   1.00 42.42 ? 230 PRO A CG  1 
ATOM   1184 C CD  . PRO A 1 166 ? 8.218   8.119   7.449   1.00 42.37 ? 230 PRO A CD  1 
ATOM   1185 N N   . ILE A 1 167 ? 6.631   11.801  7.659   1.00 44.77 ? 231 ILE A N   1 
ATOM   1186 C CA  . ILE A 1 167 ? 6.523   12.817  6.626   1.00 45.73 ? 231 ILE A CA  1 
ATOM   1187 C C   . ILE A 1 167 ? 5.821   14.085  7.127   1.00 47.51 ? 231 ILE A C   1 
ATOM   1188 O O   . ILE A 1 167 ? 5.515   14.972  6.335   1.00 48.13 ? 231 ILE A O   1 
ATOM   1189 C CB  . ILE A 1 167 ? 5.785   12.269  5.344   1.00 45.43 ? 231 ILE A CB  1 
ATOM   1190 C CG1 . ILE A 1 167 ? 4.419   11.677  5.698   1.00 44.46 ? 231 ILE A CG1 1 
ATOM   1191 C CG2 . ILE A 1 167 ? 6.584   11.186  4.627   1.00 45.61 ? 231 ILE A CG2 1 
ATOM   1192 C CD1 . ILE A 1 167 ? 3.445   11.738  4.559   1.00 41.97 ? 231 ILE A CD1 1 
ATOM   1193 N N   . ASP A 1 168 ? 5.570   14.190  8.428   1.00 49.14 ? 232 ASP A N   1 
ATOM   1194 C CA  . ASP A 1 168 ? 4.846   15.345  8.970   1.00 51.24 ? 232 ASP A CA  1 
ATOM   1195 C C   . ASP A 1 168 ? 5.462   16.716  8.656   1.00 51.47 ? 232 ASP A C   1 
ATOM   1196 O O   . ASP A 1 168 ? 4.726   17.679  8.422   1.00 52.33 ? 232 ASP A O   1 
ATOM   1197 C CB  . ASP A 1 168 ? 4.630   15.180  10.469  1.00 52.39 ? 232 ASP A CB  1 
ATOM   1198 C CG  . ASP A 1 168 ? 5.591   14.163  11.083  1.00 57.92 ? 232 ASP A CG  1 
ATOM   1199 O OD1 . ASP A 1 168 ? 6.824   14.436  11.125  1.00 62.08 ? 232 ASP A OD1 1 
ATOM   1200 O OD2 . ASP A 1 168 ? 5.106   13.066  11.490  1.00 65.37 ? 232 ASP A OD2 1 
ATOM   1201 N N   . GLU A 1 169 ? 6.792   16.821  8.635   1.00 51.54 ? 233 GLU A N   1 
ATOM   1202 C CA  . GLU A 1 169 ? 7.466   18.082  8.228   1.00 51.43 ? 233 GLU A CA  1 
ATOM   1203 C C   . GLU A 1 169 ? 7.268   18.487  6.744   1.00 51.35 ? 233 GLU A C   1 
ATOM   1204 O O   . GLU A 1 169 ? 7.684   19.577  6.362   1.00 51.01 ? 233 GLU A O   1 
ATOM   1205 C CB  . GLU A 1 169 ? 8.981   18.045  8.535   1.00 51.51 ? 233 GLU A CB  1 
ATOM   1206 C CG  . GLU A 1 169 ? 9.368   17.542  9.924   0.60 51.33 ? 233 GLU A CG  1 
ATOM   1207 C CD  . GLU A 1 169 ? 10.359  16.388  9.858   0.60 51.58 ? 233 GLU A CD  1 
ATOM   1208 O OE1 . GLU A 1 169 ? 9.917   15.216  9.935   0.20 50.59 ? 233 GLU A OE1 1 
ATOM   1209 O OE2 . GLU A 1 169 ? 11.571  16.656  9.708   0.20 50.53 ? 233 GLU A OE2 1 
ATOM   1210 N N   . TYR A 1 170 ? 6.663   17.619  5.918   1.00 51.29 ? 234 TYR A N   1 
ATOM   1211 C CA  . TYR A 1 170 ? 6.552   17.880  4.463   1.00 51.65 ? 234 TYR A CA  1 
ATOM   1212 C C   . TYR A 1 170 ? 5.132   18.052  3.968   1.00 52.14 ? 234 TYR A C   1 
ATOM   1213 O O   . TYR A 1 170 ? 4.915   18.519  2.861   1.00 51.55 ? 234 TYR A O   1 
ATOM   1214 C CB  . TYR A 1 170 ? 7.205   16.776  3.616   1.00 51.76 ? 234 TYR A CB  1 
ATOM   1215 C CG  . TYR A 1 170 ? 8.458   16.186  4.187   1.00 51.00 ? 234 TYR A CG  1 
ATOM   1216 C CD1 . TYR A 1 170 ? 9.551   16.991  4.502   1.00 50.42 ? 234 TYR A CD1 1 
ATOM   1217 C CD2 . TYR A 1 170 ? 8.556   14.805  4.417   1.00 51.47 ? 234 TYR A CD2 1 
ATOM   1218 C CE1 . TYR A 1 170 ? 10.728  16.436  5.053   1.00 52.20 ? 234 TYR A CE1 1 
ATOM   1219 C CE2 . TYR A 1 170 ? 9.722   14.237  4.970   1.00 52.51 ? 234 TYR A CE2 1 
ATOM   1220 C CZ  . TYR A 1 170 ? 10.805  15.062  5.288   1.00 51.95 ? 234 TYR A CZ  1 
ATOM   1221 O OH  . TYR A 1 170 ? 11.955  14.525  5.826   1.00 50.80 ? 234 TYR A OH  1 
ATOM   1222 N N   . ILE A 1 171 ? 4.167   17.661  4.791   1.00 53.25 ? 235 ILE A N   1 
ATOM   1223 C CA  . ILE A 1 171 ? 2.760   17.698  4.401   1.00 53.75 ? 235 ILE A CA  1 
ATOM   1224 C C   . ILE A 1 171 ? 1.874   18.402  5.448   1.00 54.21 ? 235 ILE A C   1 
ATOM   1225 O O   . ILE A 1 171 ? 2.012   18.151  6.657   1.00 54.33 ? 235 ILE A O   1 
ATOM   1226 C CB  . ILE A 1 171 ? 2.243   16.257  4.028   1.00 53.92 ? 235 ILE A CB  1 
ATOM   1227 C CG1 . ILE A 1 171 ? 0.811   16.320  3.477   1.00 54.87 ? 235 ILE A CG1 1 
ATOM   1228 C CG2 . ILE A 1 171 ? 2.411   15.243  5.209   1.00 52.28 ? 235 ILE A CG2 1 
ATOM   1229 C CD1 . ILE A 1 171 ? 0.632   15.605  2.166   1.00 55.48 ? 235 ILE A CD1 1 
ATOM   1230 N N   . LYS A 1 172 ? 0.991   19.287  4.968   1.00 54.51 ? 236 LYS A N   1 
ATOM   1231 C CA  . LYS A 1 172 ? -0.048  19.894  5.802   1.00 55.05 ? 236 LYS A CA  1 
ATOM   1232 C C   . LYS A 1 172 ? -0.974  18.779  6.242   1.00 56.23 ? 236 LYS A C   1 
ATOM   1233 O O   . LYS A 1 172 ? -1.453  17.994  5.411   1.00 57.00 ? 236 LYS A O   1 
ATOM   1234 C CB  . LYS A 1 172 ? -0.874  20.934  5.035   1.00 54.83 ? 236 LYS A CB  1 
ATOM   1235 C CG  . LYS A 1 172 ? -0.169  22.231  4.701   1.00 53.34 ? 236 LYS A CG  1 
ATOM   1236 C CD  . LYS A 1 172 ? -1.170  23.286  4.213   0.50 53.77 ? 236 LYS A CD  1 
ATOM   1237 C CE  . LYS A 1 172 ? -1.853  22.884  2.907   0.20 52.95 ? 236 LYS A CE  1 
ATOM   1238 N NZ  . LYS A 1 172 ? -3.180  23.536  2.737   0.20 51.95 ? 236 LYS A NZ  1 
ATOM   1239 N N   . ILE A 1 173 ? -1.227  18.729  7.547   1.00 57.04 ? 237 ILE A N   1 
ATOM   1240 C CA  . ILE A 1 173 ? -2.138  17.772  8.210   1.00 57.72 ? 237 ILE A CA  1 
ATOM   1241 C C   . ILE A 1 173 ? -3.484  17.510  7.473   1.00 57.31 ? 237 ILE A C   1 
ATOM   1242 O O   . ILE A 1 173 ? -3.973  16.373  7.447   1.00 57.43 ? 237 ILE A O   1 
ATOM   1243 C CB  . ILE A 1 173 ? -2.340  18.180  9.734   1.00 58.34 ? 237 ILE A CB  1 
ATOM   1244 C CG1 . ILE A 1 173 ? -0.970  18.419  10.410  1.00 59.84 ? 237 ILE A CG1 1 
ATOM   1245 C CG2 . ILE A 1 173 ? -3.158  17.123  10.526  1.00 58.75 ? 237 ILE A CG2 1 
ATOM   1246 C CD1 . ILE A 1 173 ? -0.848  19.705  11.316  1.00 62.60 ? 237 ILE A CD1 1 
ATOM   1247 N N   . THR A 1 174 ? -4.061  18.544  6.869   1.00 56.85 ? 238 THR A N   1 
ATOM   1248 C CA  . THR A 1 174 ? -5.284  18.371  6.079   1.00 56.73 ? 238 THR A CA  1 
ATOM   1249 C C   . THR A 1 174 ? -5.027  17.715  4.711   1.00 57.24 ? 238 THR A C   1 
ATOM   1250 O O   . THR A 1 174 ? -5.926  17.081  4.135   1.00 58.07 ? 238 THR A O   1 
ATOM   1251 C CB  . THR A 1 174 ? -6.127  19.697  5.921   1.00 56.43 ? 238 THR A CB  1 
ATOM   1252 O OG1 . THR A 1 174 ? -5.390  20.676  5.172   1.00 55.14 ? 238 THR A OG1 1 
ATOM   1253 C CG2 . THR A 1 174 ? -6.539  20.268  7.293   1.00 55.90 ? 238 THR A CG2 1 
ATOM   1254 N N   . ASP A 1 175 ? -3.819  17.861  4.178   1.00 57.07 ? 239 ASP A N   1 
ATOM   1255 C CA  . ASP A 1 175 ? -3.480  17.146  2.959   1.00 57.17 ? 239 ASP A CA  1 
ATOM   1256 C C   . ASP A 1 175 ? -3.047  15.733  3.303   1.00 57.51 ? 239 ASP A C   1 
ATOM   1257 O O   . ASP A 1 175 ? -3.300  14.806  2.542   1.00 57.31 ? 239 ASP A O   1 
ATOM   1258 C CB  . ASP A 1 175 ? -2.375  17.842  2.190   1.00 56.96 ? 239 ASP A CB  1 
ATOM   1259 C CG  . ASP A 1 175 ? -2.810  19.156  1.605   1.00 57.44 ? 239 ASP A CG  1 
ATOM   1260 O OD1 . ASP A 1 175 ? -4.035  19.402  1.449   1.00 58.14 ? 239 ASP A OD1 1 
ATOM   1261 O OD2 . ASP A 1 175 ? -1.901  19.953  1.307   1.00 57.25 ? 239 ASP A OD2 1 
ATOM   1262 N N   . ARG A 1 176 ? -2.396  15.561  4.454   1.00 58.11 ? 240 ARG A N   1 
ATOM   1263 C CA  . ARG A 1 176 ? -1.915  14.246  4.817   1.00 58.22 ? 240 ARG A CA  1 
ATOM   1264 C C   . ARG A 1 176 ? -3.082  13.274  4.750   1.00 58.45 ? 240 ARG A C   1 
ATOM   1265 O O   . ARG A 1 176 ? -2.968  12.182  4.175   1.00 59.34 ? 240 ARG A O   1 
ATOM   1266 C CB  . ARG A 1 176 ? -1.283  14.232  6.199   1.00 58.46 ? 240 ARG A CB  1 
ATOM   1267 C CG  . ARG A 1 176 ? -0.898  12.835  6.630   1.00 58.41 ? 240 ARG A CG  1 
ATOM   1268 C CD  . ARG A 1 176 ? 0.396   12.806  7.411   1.00 58.65 ? 240 ARG A CD  1 
ATOM   1269 N NE  . ARG A 1 176 ? 0.923   11.442  7.469   1.00 58.45 ? 240 ARG A NE  1 
ATOM   1270 C CZ  . ARG A 1 176 ? 1.860   11.027  8.311   1.00 56.17 ? 240 ARG A CZ  1 
ATOM   1271 N NH1 . ARG A 1 176 ? 2.266   9.761   8.259   1.00 55.00 ? 240 ARG A NH1 1 
ATOM   1272 N NH2 . ARG A 1 176 ? 2.388   11.876  9.191   1.00 56.55 ? 240 ARG A NH2 1 
ATOM   1273 N N   . LYS A 1 177 ? -4.224  13.643  5.325   1.00 57.55 ? 241 LYS A N   1 
ATOM   1274 C CA  . LYS A 1 177 ? -5.383  12.739  5.370   1.00 56.27 ? 241 LYS A CA  1 
ATOM   1275 C C   . LYS A 1 177 ? -5.908  12.323  3.987   1.00 55.09 ? 241 LYS A C   1 
ATOM   1276 O O   . LYS A 1 177 ? -6.593  11.310  3.845   1.00 55.32 ? 241 LYS A O   1 
ATOM   1277 C CB  . LYS A 1 177 ? -6.514  13.364  6.190   1.00 56.30 ? 241 LYS A CB  1 
ATOM   1278 C CG  . LYS A 1 177 ? -6.095  13.818  7.579   0.00 65.70 ? 241 LYS A CG  1 
ATOM   1279 C CD  . LYS A 1 177 ? -6.888  15.035  8.025   0.00 63.64 ? 241 LYS A CD  1 
ATOM   1280 C CE  . LYS A 1 177 ? -7.687  14.743  9.285   0.00 62.42 ? 241 LYS A CE  1 
ATOM   1281 N NZ  . LYS A 1 177 ? -8.504  15.914  9.710   0.00 61.39 ? 241 LYS A NZ  1 
ATOM   1282 N N   . ILE A 1 178 ? -5.575  13.124  2.984   1.00 53.14 ? 242 ILE A N   1 
ATOM   1283 C CA  . ILE A 1 178 ? -6.013  12.949  1.559   1.00 51.15 ? 242 ILE A CA  1 
ATOM   1284 C C   . ILE A 1 178 ? -5.095  12.111  0.642   1.00 49.39 ? 242 ILE A C   1 
ATOM   1285 O O   . ILE A 1 178 ? -5.370  12.010  -0.579  1.00 49.36 ? 242 ILE A O   1 
ATOM   1286 C CB  . ILE A 1 178 ? -6.193  14.382  0.900   1.00 51.39 ? 242 ILE A CB  1 
ATOM   1287 C CG1 . ILE A 1 178 ? -7.413  15.116  1.482   1.00 53.12 ? 242 ILE A CG1 1 
ATOM   1288 C CG2 . ILE A 1 178 ? -6.267  14.364  -0.613  1.00 52.78 ? 242 ILE A CG2 1 
ATOM   1289 C CD1 . ILE A 1 178 ? -8.720  14.270  1.550   1.00 56.75 ? 242 ILE A CD1 1 
ATOM   1290 N N   . LEU A 1 179 ? -4.018  11.528  1.207   1.00 46.54 ? 243 LEU A N   1 
ATOM   1291 C CA  . LEU A 1 179 ? -3.045  10.694  0.440   1.00 43.89 ? 243 LEU A CA  1 
ATOM   1292 C C   . LEU A 1 179 ? -3.657  9.384   -0.040  1.00 42.25 ? 243 LEU A C   1 
ATOM   1293 O O   . LEU A 1 179 ? -4.312  8.670   0.724   1.00 41.46 ? 243 LEU A O   1 
ATOM   1294 C CB  . LEU A 1 179 ? -1.791  10.359  1.269   1.00 43.88 ? 243 LEU A CB  1 
ATOM   1295 C CG  . LEU A 1 179 ? -0.752  11.427  1.621   1.00 43.13 ? 243 LEU A CG  1 
ATOM   1296 C CD1 . LEU A 1 179 ? 0.460   10.743  2.190   1.00 41.71 ? 243 LEU A CD1 1 
ATOM   1297 C CD2 . LEU A 1 179 ? -0.337  12.216  0.405   1.00 40.76 ? 243 LEU A CD2 1 
ATOM   1298 N N   . THR A 1 180 ? -3.442  9.069   -1.308  1.00 40.44 ? 244 THR A N   1 
ATOM   1299 C CA  . THR A 1 180 ? -4.097  7.904   -1.885  1.00 38.86 ? 244 THR A CA  1 
ATOM   1300 C C   . THR A 1 180 ? -3.301  6.619   -1.602  1.00 37.68 ? 244 THR A C   1 
ATOM   1301 O O   . THR A 1 180 ? -2.195  6.651   -1.017  1.00 37.60 ? 244 THR A O   1 
ATOM   1302 C CB  . THR A 1 180 ? -4.291  8.048   -3.384  1.00 38.78 ? 244 THR A CB  1 
ATOM   1303 O OG1 . THR A 1 180 ? -3.002  7.962   -3.999  1.00 40.55 ? 244 THR A OG1 1 
ATOM   1304 C CG2 . THR A 1 180 ? -4.959  9.392   -3.729  1.00 36.55 ? 244 THR A CG2 1 
ATOM   1305 N N   . VAL A 1 181 ? -3.880  5.491   -2.016  1.00 35.54 ? 245 VAL A N   1 
ATOM   1306 C CA  . VAL A 1 181 ? -3.250  4.193   -1.826  1.00 33.48 ? 245 VAL A CA  1 
ATOM   1307 C C   . VAL A 1 181 ? -1.937  4.072   -2.634  1.00 32.37 ? 245 VAL A C   1 
ATOM   1308 O O   . VAL A 1 181 ? -0.921  3.565   -2.105  1.00 31.20 ? 245 VAL A O   1 
ATOM   1309 C CB  . VAL A 1 181 ? -4.272  3.029   -2.103  1.00 33.98 ? 245 VAL A CB  1 
ATOM   1310 C CG1 . VAL A 1 181 ? -3.578  1.644   -2.157  1.00 32.52 ? 245 VAL A CG1 1 
ATOM   1311 C CG2 . VAL A 1 181 ? -5.397  3.064   -1.045  1.00 31.95 ? 245 VAL A CG2 1 
ATOM   1312 N N   . ASN A 1 182 ? -1.930  4.576   -3.873  1.00 30.91 ? 246 ASN A N   1 
ATOM   1313 C CA  . ASN A 1 182 ? -0.700  4.505   -4.696  1.00 31.26 ? 246 ASN A CA  1 
ATOM   1314 C C   . ASN A 1 182 ? 0.352   5.519   -4.246  1.00 30.97 ? 246 ASN A C   1 
ATOM   1315 O O   . ASN A 1 182 ? 1.558   5.257   -4.279  1.00 30.90 ? 246 ASN A O   1 
ATOM   1316 C CB  . ASN A 1 182 ? -1.002  4.662   -6.187  1.00 31.14 ? 246 ASN A CB  1 
ATOM   1317 C CG  . ASN A 1 182 ? -1.824  5.873   -6.458  1.00 31.74 ? 246 ASN A CG  1 
ATOM   1318 O OD1 . ASN A 1 182 ? -2.988  5.937   -6.062  1.00 35.37 ? 246 ASN A OD1 1 
ATOM   1319 N ND2 . ASN A 1 182 ? -1.221  6.870   -7.050  1.00 27.92 ? 246 ASN A ND2 1 
ATOM   1320 N N   . GLN A 1 183 ? -0.116  6.663   -3.798  1.00 30.98 ? 247 GLN A N   1 
ATOM   1321 C CA  . GLN A 1 183 ? 0.780   7.638   -3.196  1.00 32.72 ? 247 GLN A CA  1 
ATOM   1322 C C   . GLN A 1 183 ? 1.585   7.093   -2.028  1.00 31.86 ? 247 GLN A C   1 
ATOM   1323 O O   . GLN A 1 183 ? 2.809   7.239   -2.024  1.00 32.43 ? 247 GLN A O   1 
ATOM   1324 C CB  . GLN A 1 183 ? 0.053   8.946   -2.842  1.00 32.91 ? 247 GLN A CB  1 
ATOM   1325 C CG  . GLN A 1 183 ? -0.171  9.814   -4.112  1.00 33.05 ? 247 GLN A CG  1 
ATOM   1326 C CD  . GLN A 1 183 ? -1.040  11.023  -3.800  1.00 35.58 ? 247 GLN A CD  1 
ATOM   1327 O OE1 . GLN A 1 183 ? -1.986  10.936  -3.033  1.00 37.85 ? 247 GLN A OE1 1 
ATOM   1328 N NE2 . GLN A 1 183 ? -0.685  12.161  -4.355  1.00 36.06 ? 247 GLN A NE2 1 
ATOM   1329 N N   . VAL A 1 184 ? 0.917   6.460   -1.068  1.00 31.65 ? 248 VAL A N   1 
ATOM   1330 C CA  . VAL A 1 184 ? 1.606   5.797   0.058   1.00 31.94 ? 248 VAL A CA  1 
ATOM   1331 C C   . VAL A 1 184 ? 2.552   4.676   -0.443  1.00 33.04 ? 248 VAL A C   1 
ATOM   1332 O O   . VAL A 1 184 ? 3.682   4.547   0.038   1.00 33.66 ? 248 VAL A O   1 
ATOM   1333 C CB  . VAL A 1 184 ? 0.605   5.160   1.032   1.00 32.07 ? 248 VAL A CB  1 
ATOM   1334 C CG1 . VAL A 1 184 ? 1.364   4.483   2.117   1.00 33.38 ? 248 VAL A CG1 1 
ATOM   1335 C CG2 . VAL A 1 184 ? -0.316  6.203   1.625   1.00 30.21 ? 248 VAL A CG2 1 
ATOM   1336 N N   . PHE A 1 185 ? 2.089   3.875   -1.421  1.00 33.06 ? 249 PHE A N   1 
ATOM   1337 C CA  . PHE A 1 185 ? 2.922   2.847   -2.015  1.00 32.32 ? 249 PHE A CA  1 
ATOM   1338 C C   . PHE A 1 185 ? 4.164   3.446   -2.680  1.00 32.68 ? 249 PHE A C   1 
ATOM   1339 O O   . PHE A 1 185 ? 5.290   2.955   -2.453  1.00 31.20 ? 249 PHE A O   1 
ATOM   1340 C CB  . PHE A 1 185 ? 2.132   1.988   -3.019  1.00 32.42 ? 249 PHE A CB  1 
ATOM   1341 C CG  . PHE A 1 185 ? 2.985   0.954   -3.707  1.00 31.58 ? 249 PHE A CG  1 
ATOM   1342 C CD1 . PHE A 1 185 ? 3.114   -0.332  -3.179  1.00 32.87 ? 249 PHE A CD1 1 
ATOM   1343 C CD2 . PHE A 1 185 ? 3.710   1.284   -4.858  1.00 31.82 ? 249 PHE A CD2 1 
ATOM   1344 C CE1 . PHE A 1 185 ? 3.942   -1.303  -3.810  1.00 34.43 ? 249 PHE A CE1 1 
ATOM   1345 C CE2 . PHE A 1 185 ? 4.547   0.332   -5.495  1.00 32.77 ? 249 PHE A CE2 1 
ATOM   1346 C CZ  . PHE A 1 185 ? 4.665   -0.960  -4.965  1.00 33.54 ? 249 PHE A CZ  1 
ATOM   1347 N N   . GLU A 1 186 ? 3.932   4.478   -3.512  1.00 32.78 ? 250 GLU A N   1 
ATOM   1348 C CA  . GLU A 1 186 ? 4.988   5.172   -4.284  1.00 33.37 ? 250 GLU A CA  1 
ATOM   1349 C C   . GLU A 1 186 ? 6.017   5.771   -3.360  1.00 32.80 ? 250 GLU A C   1 
ATOM   1350 O O   . GLU A 1 186 ? 7.207   5.667   -3.600  1.00 33.06 ? 250 GLU A O   1 
ATOM   1351 C CB  . GLU A 1 186 ? 4.410   6.262   -5.227  1.00 33.74 ? 250 GLU A CB  1 
ATOM   1352 C CG  . GLU A 1 186 ? 3.743   5.698   -6.583  1.00 38.49 ? 250 GLU A CG  1 
ATOM   1353 C CD  . GLU A 1 186 ? 2.831   6.735   -7.402  1.00 45.62 ? 250 GLU A CD  1 
ATOM   1354 O OE1 . GLU A 1 186 ? 2.138   6.314   -8.384  1.00 48.47 ? 250 GLU A OE1 1 
ATOM   1355 O OE2 . GLU A 1 186 ? 2.800   7.957   -7.089  1.00 46.86 ? 250 GLU A OE2 1 
ATOM   1356 N N   . ILE A 1 187 ? 5.566   6.391   -2.279  1.00 32.64 ? 251 ILE A N   1 
ATOM   1357 C CA  . ILE A 1 187 ? 6.513   6.864   -1.256  1.00 32.64 ? 251 ILE A CA  1 
ATOM   1358 C C   . ILE A 1 187 ? 7.401   5.727   -0.717  1.00 32.06 ? 251 ILE A C   1 
ATOM   1359 O O   . ILE A 1 187 ? 8.596   5.909   -0.560  1.00 31.79 ? 251 ILE A O   1 
ATOM   1360 C CB  . ILE A 1 187 ? 5.772   7.594   -0.086  1.00 32.63 ? 251 ILE A CB  1 
ATOM   1361 C CG1 . ILE A 1 187 ? 5.115   8.885   -0.616  1.00 33.62 ? 251 ILE A CG1 1 
ATOM   1362 C CG2 . ILE A 1 187 ? 6.724   7.871   1.046   1.00 30.43 ? 251 ILE A CG2 1 
ATOM   1363 C CD1 . ILE A 1 187 ? 3.958   9.420   0.236   1.00 33.64 ? 251 ILE A CD1 1 
ATOM   1364 N N   . LEU A 1 188 ? 6.825   4.557   -0.463  1.00 32.07 ? 252 LEU A N   1 
ATOM   1365 C CA  . LEU A 1 188 ? 7.608   3.466   0.113   1.00 33.84 ? 252 LEU A CA  1 
ATOM   1366 C C   . LEU A 1 188 ? 8.637   2.917   -0.876  1.00 35.13 ? 252 LEU A C   1 
ATOM   1367 O O   . LEU A 1 188 ? 9.820   2.728   -0.556  1.00 35.14 ? 252 LEU A O   1 
ATOM   1368 C CB  . LEU A 1 188 ? 6.690   2.344   0.512   1.00 33.73 ? 252 LEU A CB  1 
ATOM   1369 C CG  . LEU A 1 188 ? 5.659   2.741   1.548   1.00 34.53 ? 252 LEU A CG  1 
ATOM   1370 C CD1 . LEU A 1 188 ? 4.730   1.579   1.620   1.00 33.92 ? 252 LEU A CD1 1 
ATOM   1371 C CD2 . LEU A 1 188 ? 6.372   2.986   2.888   1.00 33.75 ? 252 LEU A CD2 1 
ATOM   1372 N N   . SER A 1 189 ? 8.147   2.671   -2.082  1.00 35.72 ? 253 SER A N   1 
ATOM   1373 C CA  . SER A 1 189 ? 8.934   2.235   -3.179  1.00 36.20 ? 253 SER A CA  1 
ATOM   1374 C C   . SER A 1 189 ? 10.046  3.241   -3.442  1.00 37.23 ? 253 SER A C   1 
ATOM   1375 O O   . SER A 1 189 ? 11.235  2.911   -3.378  1.00 37.38 ? 253 SER A O   1 
ATOM   1376 C CB  . SER A 1 189 ? 8.022   2.109   -4.377  1.00 35.36 ? 253 SER A CB  1 
ATOM   1377 O OG  . SER A 1 189 ? 8.793   1.733   -5.464  1.00 36.01 ? 253 SER A OG  1 
ATOM   1378 N N   . LEU A 1 190 ? 9.680   4.485   -3.698  1.00 38.17 ? 254 LEU A N   1 
ATOM   1379 C CA  . LEU A 1 190 ? 10.712  5.506   -3.841  1.00 39.45 ? 254 LEU A CA  1 
ATOM   1380 C C   . LEU A 1 190 ? 11.677  5.623   -2.621  1.00 40.40 ? 254 LEU A C   1 
ATOM   1381 O O   . LEU A 1 190 ? 12.838  6.107   -2.793  1.00 40.63 ? 254 LEU A O   1 
ATOM   1382 C CB  . LEU A 1 190 ? 10.132  6.861   -4.264  1.00 38.84 ? 254 LEU A CB  1 
ATOM   1383 C CG  . LEU A 1 190 ? 9.724   6.928   -5.749  1.00 39.48 ? 254 LEU A CG  1 
ATOM   1384 C CD1 . LEU A 1 190 ? 8.903   8.183   -6.140  1.00 39.75 ? 254 LEU A CD1 1 
ATOM   1385 C CD2 . LEU A 1 190 ? 10.959  6.841   -6.611  1.00 37.06 ? 254 LEU A CD2 1 
ATOM   1386 N N   . TRP A 1 191 ? 11.250  5.194   -1.416  1.00 39.65 ? 255 TRP A N   1 
ATOM   1387 C CA  . TRP A 1 191 ? 12.184  5.315   -0.274  1.00 39.53 ? 255 TRP A CA  1 
ATOM   1388 C C   . TRP A 1 191 ? 13.312  4.321   -0.411  1.00 38.86 ? 255 TRP A C   1 
ATOM   1389 O O   . TRP A 1 191 ? 14.436  4.566   0.003   1.00 39.06 ? 255 TRP A O   1 
ATOM   1390 C CB  . TRP A 1 191 ? 11.545  5.116   1.096   1.00 39.45 ? 255 TRP A CB  1 
ATOM   1391 C CG  . TRP A 1 191 ? 12.625  5.275   2.190   1.00 39.47 ? 255 TRP A CG  1 
ATOM   1392 C CD1 . TRP A 1 191 ? 13.067  6.458   2.733   1.00 39.92 ? 255 TRP A CD1 1 
ATOM   1393 C CD2 . TRP A 1 191 ? 13.407  4.240   2.809   1.00 37.83 ? 255 TRP A CD2 1 
ATOM   1394 N NE1 . TRP A 1 191 ? 14.046  6.218   3.659   1.00 41.25 ? 255 TRP A NE1 1 
ATOM   1395 C CE2 . TRP A 1 191 ? 14.276  4.869   3.732   1.00 40.20 ? 255 TRP A CE2 1 
ATOM   1396 C CE3 . TRP A 1 191 ? 13.440  2.846   2.697   1.00 37.26 ? 255 TRP A CE3 1 
ATOM   1397 C CZ2 . TRP A 1 191 ? 15.182  4.149   4.526   1.00 40.43 ? 255 TRP A CZ2 1 
ATOM   1398 C CZ3 . TRP A 1 191 ? 14.334  2.136   3.459   1.00 37.92 ? 255 TRP A CZ3 1 
ATOM   1399 C CH2 . TRP A 1 191 ? 15.195  2.783   4.377   1.00 39.21 ? 255 TRP A CH2 1 
ATOM   1400 N N   . LEU A 1 192 ? 12.990  3.182   -0.983  1.00 38.82 ? 256 LEU A N   1 
ATOM   1401 C CA  . LEU A 1 192 ? 13.966  2.124   -1.177  1.00 39.09 ? 256 LEU A CA  1 
ATOM   1402 C C   . LEU A 1 192 ? 15.039  2.541   -2.157  1.00 39.98 ? 256 LEU A C   1 
ATOM   1403 O O   . LEU A 1 192 ? 16.169  2.072   -2.105  1.00 41.14 ? 256 LEU A O   1 
ATOM   1404 C CB  . LEU A 1 192 ? 13.282  0.859   -1.687  1.00 37.97 ? 256 LEU A CB  1 
ATOM   1405 C CG  . LEU A 1 192 ? 12.337  0.133   -0.731  1.00 35.28 ? 256 LEU A CG  1 
ATOM   1406 C CD1 . LEU A 1 192 ? 11.666  -0.928  -1.546  1.00 31.58 ? 256 LEU A CD1 1 
ATOM   1407 C CD2 . LEU A 1 192 ? 13.077  -0.470  0.460   1.00 30.07 ? 256 LEU A CD2 1 
ATOM   1408 N N   . GLU A 1 193 ? 14.679  3.436   -3.054  1.00 41.00 ? 257 GLU A N   1 
ATOM   1409 C CA  . GLU A 1 193 ? 15.607  3.892   -4.045  1.00 41.59 ? 257 GLU A CA  1 
ATOM   1410 C C   . GLU A 1 193 ? 16.570  4.951   -3.484  1.00 41.39 ? 257 GLU A C   1 
ATOM   1411 O O   . GLU A 1 193 ? 17.786  4.828   -3.671  1.00 40.84 ? 257 GLU A O   1 
ATOM   1412 C CB  . GLU A 1 193 ? 14.829  4.382   -5.267  1.00 41.68 ? 257 GLU A CB  1 
ATOM   1413 C CG  . GLU A 1 193 ? 15.628  5.230   -6.208  1.00 44.78 ? 257 GLU A CG  1 
ATOM   1414 C CD  . GLU A 1 193 ? 14.999  5.319   -7.600  1.00 48.26 ? 257 GLU A CD  1 
ATOM   1415 O OE1 . GLU A 1 193 ? 14.062  4.529   -7.892  1.00 52.15 ? 257 GLU A OE1 1 
ATOM   1416 O OE2 . GLU A 1 193 ? 15.466  6.175   -8.391  1.00 48.82 ? 257 GLU A OE2 1 
ATOM   1417 N N   . TYR A 1 194 ? 16.019  5.973   -2.813  1.00 40.98 ? 258 TYR A N   1 
ATOM   1418 C CA  . TYR A 1 194 ? 16.796  7.113   -2.332  1.00 40.95 ? 258 TYR A CA  1 
ATOM   1419 C C   . TYR A 1 194 ? 17.237  7.002   -0.863  1.00 41.31 ? 258 TYR A C   1 
ATOM   1420 O O   . TYR A 1 194 ? 18.151  7.734   -0.445  1.00 41.31 ? 258 TYR A O   1 
ATOM   1421 C CB  . TYR A 1 194 ? 15.976  8.387   -2.394  1.00 41.36 ? 258 TYR A CB  1 
ATOM   1422 C CG  . TYR A 1 194 ? 15.450  8.876   -3.739  1.00 43.10 ? 258 TYR A CG  1 
ATOM   1423 C CD1 . TYR A 1 194 ? 16.317  9.348   -4.729  1.00 45.13 ? 258 TYR A CD1 1 
ATOM   1424 C CD2 . TYR A 1 194 ? 14.082  8.975   -3.964  1.00 41.90 ? 258 TYR A CD2 1 
ATOM   1425 C CE1 . TYR A 1 194 ? 15.837  9.829   -5.917  1.00 46.85 ? 258 TYR A CE1 1 
ATOM   1426 C CE2 . TYR A 1 194 ? 13.597  9.460   -5.161  1.00 45.34 ? 258 TYR A CE2 1 
ATOM   1427 C CZ  . TYR A 1 194 ? 14.477  9.878   -6.129  1.00 47.10 ? 258 TYR A CZ  1 
ATOM   1428 O OH  . TYR A 1 194 ? 13.999  10.366  -7.316  1.00 52.05 ? 258 TYR A OH  1 
ATOM   1429 N N   . ARG A 1 195 ? 16.576  6.139   -0.085  1.00 40.67 ? 259 ARG A N   1 
ATOM   1430 C CA  . ARG A 1 195 ? 16.784  6.050   1.372   1.00 41.88 ? 259 ARG A CA  1 
ATOM   1431 C C   . ARG A 1 195 ? 16.785  7.422   2.062   1.00 42.06 ? 259 ARG A C   1 
ATOM   1432 O O   . ARG A 1 195 ? 17.492  7.649   3.028   1.00 42.37 ? 259 ARG A O   1 
ATOM   1433 C CB  . ARG A 1 195 ? 18.023  5.197   1.739   1.00 42.14 ? 259 ARG A CB  1 
ATOM   1434 C CG  . ARG A 1 195 ? 17.930  3.742   1.192   1.00 43.07 ? 259 ARG A CG  1 
ATOM   1435 C CD  . ARG A 1 195 ? 19.056  2.859   1.672   1.00 46.88 ? 259 ARG A CD  1 
ATOM   1436 N NE  . ARG A 1 195 ? 18.732  2.065   2.873   1.00 49.16 ? 259 ARG A NE  1 
ATOM   1437 C CZ  . ARG A 1 195 ? 17.985  0.948   2.883   1.00 50.13 ? 259 ARG A CZ  1 
ATOM   1438 N NH1 . ARG A 1 195 ? 17.419  0.475   1.757   1.00 48.19 ? 259 ARG A NH1 1 
ATOM   1439 N NH2 . ARG A 1 195 ? 17.778  0.308   4.033   1.00 50.35 ? 259 ARG A NH2 1 
ATOM   1440 N N   . ASP A 1 196 ? 15.936  8.307   1.551   1.00 42.25 ? 260 ASP A N   1 
ATOM   1441 C CA  . ASP A 1 196 ? 15.775  9.652   2.027   1.00 42.15 ? 260 ASP A CA  1 
ATOM   1442 C C   . ASP A 1 196 ? 14.295  10.003  1.991   1.00 41.31 ? 260 ASP A C   1 
ATOM   1443 O O   . ASP A 1 196 ? 13.766  10.232  0.914   1.00 40.96 ? 260 ASP A O   1 
ATOM   1444 C CB  . ASP A 1 196 ? 16.524  10.568  1.070   1.00 42.81 ? 260 ASP A CB  1 
ATOM   1445 C CG  . ASP A 1 196 ? 16.525  11.996  1.536   1.00 45.56 ? 260 ASP A CG  1 
ATOM   1446 O OD1 . ASP A 1 196 ? 17.568  12.691  1.386   1.00 46.43 ? 260 ASP A OD1 1 
ATOM   1447 O OD2 . ASP A 1 196 ? 15.476  12.395  2.096   1.00 47.43 ? 260 ASP A OD2 1 
ATOM   1448 N N   . TRP A 1 197 ? 13.623  10.067  3.142   1.00 41.24 ? 261 TRP A N   1 
ATOM   1449 C CA  . TRP A 1 197 ? 12.152  10.207  3.141   1.00 41.35 ? 261 TRP A CA  1 
ATOM   1450 C C   . TRP A 1 197 ? 11.619  11.463  2.431   1.00 42.53 ? 261 TRP A C   1 
ATOM   1451 O O   . TRP A 1 197 ? 10.522  11.474  1.886   1.00 42.90 ? 261 TRP A O   1 
ATOM   1452 C CB  . TRP A 1 197 ? 11.574  10.124  4.541   1.00 40.46 ? 261 TRP A CB  1 
ATOM   1453 C CG  . TRP A 1 197 ? 11.551  8.751   5.109   1.00 39.66 ? 261 TRP A CG  1 
ATOM   1454 C CD1 . TRP A 1 197 ? 12.369  8.278   6.060   1.00 40.67 ? 261 TRP A CD1 1 
ATOM   1455 C CD2 . TRP A 1 197 ? 10.667  7.667   4.761   1.00 38.51 ? 261 TRP A CD2 1 
ATOM   1456 N NE1 . TRP A 1 197 ? 12.069  6.964   6.347   1.00 40.56 ? 261 TRP A NE1 1 
ATOM   1457 C CE2 . TRP A 1 197 ? 11.032  6.562   5.559   1.00 39.10 ? 261 TRP A CE2 1 
ATOM   1458 C CE3 . TRP A 1 197 ? 9.604   7.523   3.853   1.00 39.44 ? 261 TRP A CE3 1 
ATOM   1459 C CZ2 . TRP A 1 197 ? 10.381  5.311   5.481   1.00 39.13 ? 261 TRP A CZ2 1 
ATOM   1460 C CZ3 . TRP A 1 197 ? 8.936   6.280   3.775   1.00 39.31 ? 261 TRP A CZ3 1 
ATOM   1461 C CH2 . TRP A 1 197 ? 9.338   5.187   4.588   1.00 39.14 ? 261 TRP A CH2 1 
ATOM   1462 N N   . GLU A 1 198 ? 12.407  12.524  2.446   1.00 43.48 ? 262 GLU A N   1 
ATOM   1463 C CA  . GLU A 1 198 ? 12.046  13.765  1.807   1.00 44.64 ? 262 GLU A CA  1 
ATOM   1464 C C   . GLU A 1 198 ? 12.209  13.740  0.289   1.00 44.45 ? 262 GLU A C   1 
ATOM   1465 O O   . GLU A 1 198 ? 11.378  14.309  -0.404  1.00 44.03 ? 262 GLU A O   1 
ATOM   1466 C CB  . GLU A 1 198 ? 12.865  14.906  2.429   1.00 44.93 ? 262 GLU A CB  1 
ATOM   1467 C CG  . GLU A 1 198 ? 13.159  16.072  1.511   1.00 48.05 ? 262 GLU A CG  1 
ATOM   1468 C CD  . GLU A 1 198 ? 13.609  17.317  2.266   1.00 52.73 ? 262 GLU A CD  1 
ATOM   1469 O OE1 . GLU A 1 198 ? 14.642  17.290  2.983   1.00 51.26 ? 262 GLU A OE1 1 
ATOM   1470 O OE2 . GLU A 1 198 ? 12.902  18.334  2.137   1.00 56.14 ? 262 GLU A OE2 1 
ATOM   1471 N N   . LYS A 1 199 ? 13.279  13.118  -0.223  1.00 45.03 ? 263 LYS A N   1 
ATOM   1472 C CA  . LYS A 1 199 ? 13.465  13.011  -1.684  1.00 45.64 ? 263 LYS A CA  1 
ATOM   1473 C C   . LYS A 1 199 ? 12.300  12.194  -2.179  1.00 45.66 ? 263 LYS A C   1 
ATOM   1474 O O   . LYS A 1 199 ? 11.657  12.571  -3.180  1.00 46.01 ? 263 LYS A O   1 
ATOM   1475 C CB  . LYS A 1 199 ? 14.770  12.318  -2.083  1.00 45.51 ? 263 LYS A CB  1 
ATOM   1476 C CG  . LYS A 1 199 ? 16.045  13.079  -1.723  1.00 48.57 ? 263 LYS A CG  1 
ATOM   1477 C CD  . LYS A 1 199 ? 17.369  12.338  -2.135  1.00 49.72 ? 263 LYS A CD  1 
ATOM   1478 C CE  . LYS A 1 199 ? 18.428  13.467  -1.661  0.00 52.04 ? 263 LYS A CE  1 
ATOM   1479 N NZ  . LYS A 1 199 ? 19.693  12.904  -2.204  0.00 52.40 ? 263 LYS A NZ  1 
ATOM   1480 N N   . ALA A 1 200 ? 12.019  11.102  -1.452  1.00 45.26 ? 264 ALA A N   1 
ATOM   1481 C CA  . ALA A 1 200 ? 10.906  10.194  -1.766  1.00 45.27 ? 264 ALA A CA  1 
ATOM   1482 C C   . ALA A 1 200 ? 9.573   10.916  -1.765  1.00 45.47 ? 264 ALA A C   1 
ATOM   1483 O O   . ALA A 1 200 ? 8.787   10.794  -2.711  1.00 45.16 ? 264 ALA A O   1 
ATOM   1484 C CB  . ALA A 1 200 ? 10.864  9.013   -0.796  1.00 44.47 ? 264 ALA A CB  1 
ATOM   1485 N N   . PHE A 1 201 ? 9.321   11.695  -0.726  1.00 45.78 ? 265 PHE A N   1 
ATOM   1486 C CA  . PHE A 1 201 ? 8.019   12.308  -0.631  1.00 47.52 ? 265 PHE A CA  1 
ATOM   1487 C C   . PHE A 1 201 ? 7.829   13.316  -1.766  1.00 48.61 ? 265 PHE A C   1 
ATOM   1488 O O   . PHE A 1 201 ? 6.807   13.322  -2.443  1.00 48.94 ? 265 PHE A O   1 
ATOM   1489 C CB  . PHE A 1 201 ? 7.799   12.950  0.738   1.00 47.23 ? 265 PHE A CB  1 
ATOM   1490 C CG  . PHE A 1 201 ? 6.589   13.805  0.791   1.00 48.45 ? 265 PHE A CG  1 
ATOM   1491 C CD1 . PHE A 1 201 ? 6.675   15.176  0.505   1.00 51.54 ? 265 PHE A CD1 1 
ATOM   1492 C CD2 . PHE A 1 201 ? 5.354   13.254  1.073   1.00 48.80 ? 265 PHE A CD2 1 
ATOM   1493 C CE1 . PHE A 1 201 ? 5.534   16.007  0.524   1.00 51.43 ? 265 PHE A CE1 1 
ATOM   1494 C CE2 . PHE A 1 201 ? 4.208   14.054  1.101   1.00 50.06 ? 265 PHE A CE2 1 
ATOM   1495 C CZ  . PHE A 1 201 ? 4.297   15.441  0.821   1.00 52.93 ? 265 PHE A CZ  1 
ATOM   1496 N N   . MET A 1 202 ? 8.837   14.153  -1.975  1.00 49.86 ? 266 MET A N   1 
ATOM   1497 C CA  . MET A 1 202 ? 8.770   15.214  -2.958  1.00 50.80 ? 266 MET A CA  1 
ATOM   1498 C C   . MET A 1 202 ? 8.602   14.661  -4.369  1.00 51.55 ? 266 MET A C   1 
ATOM   1499 O O   . MET A 1 202 ? 7.913   15.245  -5.213  1.00 50.66 ? 266 MET A O   1 
ATOM   1500 C CB  . MET A 1 202 ? 10.004  16.113  -2.835  1.00 50.82 ? 266 MET A CB  1 
ATOM   1501 C CG  . MET A 1 202 ? 10.045  16.930  -1.513  1.00 50.55 ? 266 MET A CG  1 
ATOM   1502 S SD  . MET A 1 202 ? 8.615   18.042  -1.253  0.50 52.11 ? 266 MET A SD  1 
ATOM   1503 C CE  . MET A 1 202 ? 9.013   19.344  -2.431  0.50 51.83 ? 266 MET A CE  1 
ATOM   1504 N N   . GLU A 1 203 ? 9.218   13.514  -4.620  1.00 52.68 ? 267 GLU A N   1 
ATOM   1505 C CA  . GLU A 1 203 ? 9.037   12.882  -5.895  1.00 53.87 ? 267 GLU A CA  1 
ATOM   1506 C C   . GLU A 1 203 ? 7.572   12.542  -6.172  1.00 54.55 ? 267 GLU A C   1 
ATOM   1507 O O   . GLU A 1 203 ? 7.145   12.554  -7.314  1.00 54.58 ? 267 GLU A O   1 
ATOM   1508 C CB  . GLU A 1 203 ? 9.893   11.653  -5.993  1.00 54.06 ? 267 GLU A CB  1 
ATOM   1509 C CG  . GLU A 1 203 ? 11.009  11.824  -6.966  1.00 57.53 ? 267 GLU A CG  1 
ATOM   1510 C CD  . GLU A 1 203 ? 10.490  11.847  -8.375  1.00 61.28 ? 267 GLU A CD  1 
ATOM   1511 O OE1 . GLU A 1 203 ? 9.382   11.304  -8.600  1.00 60.98 ? 267 GLU A OE1 1 
ATOM   1512 O OE2 . GLU A 1 203 ? 11.172  12.413  -9.253  1.00 62.21 ? 267 GLU A OE2 1 
ATOM   1513 N N   . VAL A 1 204 ? 6.801   12.264  -5.130  1.00 55.22 ? 268 VAL A N   1 
ATOM   1514 C CA  . VAL A 1 204 ? 5.449   11.757  -5.319  1.00 56.37 ? 268 VAL A CA  1 
ATOM   1515 C C   . VAL A 1 204 ? 4.429   12.871  -5.296  1.00 57.85 ? 268 VAL A C   1 
ATOM   1516 O O   . VAL A 1 204 ? 3.435   12.809  -6.020  1.00 57.57 ? 268 VAL A O   1 
ATOM   1517 C CB  . VAL A 1 204 ? 5.055   10.666  -4.254  1.00 56.07 ? 268 VAL A CB  1 
ATOM   1518 C CG1 . VAL A 1 204 ? 3.676   10.135  -4.515  1.00 54.87 ? 268 VAL A CG1 1 
ATOM   1519 C CG2 . VAL A 1 204 ? 6.058   9.516   -4.236  1.00 55.83 ? 268 VAL A CG2 1 
ATOM   1520 N N   . ILE A 1 205 ? 4.650   13.877  -4.456  1.00 60.10 ? 269 ILE A N   1 
ATOM   1521 C CA  . ILE A 1 205 ? 3.628   14.899  -4.282  1.00 63.17 ? 269 ILE A CA  1 
ATOM   1522 C C   . ILE A 1 205 ? 3.688   16.213  -5.075  1.00 65.27 ? 269 ILE A C   1 
ATOM   1523 O O   . ILE A 1 205 ? 2.642   16.685  -5.524  1.00 66.58 ? 269 ILE A O   1 
ATOM   1524 C CB  . ILE A 1 205 ? 3.371   15.260  -2.799  1.00 63.03 ? 269 ILE A CB  1 
ATOM   1525 C CG1 . ILE A 1 205 ? 2.490   14.196  -2.163  1.00 63.81 ? 269 ILE A CG1 1 
ATOM   1526 C CG2 . ILE A 1 205 ? 2.599   16.556  -2.662  1.00 64.13 ? 269 ILE A CG2 1 
ATOM   1527 C CD1 . ILE A 1 205 ? 3.151   12.868  -1.974  1.00 64.73 ? 269 ILE A CD1 1 
ATOM   1528 N N   . PRO A 1 206 ? 4.883   16.812  -5.255  1.00 66.69 ? 270 PRO A N   1 
ATOM   1529 C CA  . PRO A 1 206 ? 4.801   18.128  -5.927  1.00 67.66 ? 270 PRO A CA  1 
ATOM   1530 C C   . PRO A 1 206 ? 5.727   18.032  -7.144  1.00 68.48 ? 270 PRO A C   1 
ATOM   1531 O O   . PRO A 1 206 ? 6.251   16.950  -7.440  1.00 69.60 ? 270 PRO A O   1 
ATOM   1532 C CB  . PRO A 1 206 ? 5.251   19.266  -4.989  1.00 67.80 ? 270 PRO A CB  1 
ATOM   1533 C CG  . PRO A 1 206 ? 5.711   18.547  -3.662  1.00 68.29 ? 270 PRO A CG  1 
ATOM   1534 C CD  . PRO A 1 206 ? 5.804   17.075  -3.965  1.00 66.47 ? 270 PRO A CD  1 
HETATM 1535 C C   . ACY B 2 .   ? -14.106 -7.433  0.886   1.00 64.81 ? 301 ACY A C   1 
HETATM 1536 O O   . ACY B 2 .   ? -13.858 -6.259  0.469   1.00 64.08 ? 301 ACY A O   1 
HETATM 1537 O OXT . ACY B 2 .   ? -13.788 -8.505  0.282   1.00 64.48 ? 301 ACY A OXT 1 
HETATM 1538 C CH3 . ACY B 2 .   ? -14.819 -7.558  2.212   1.00 65.04 ? 301 ACY A CH3 1 
HETATM 1539 C C   . ACY C 2 .   ? -3.512  3.623   4.762   1.00 48.54 ? 302 ACY A C   1 
HETATM 1540 O O   . ACY C 2 .   ? -3.144  2.511   5.312   1.00 46.48 ? 302 ACY A O   1 
HETATM 1541 O OXT . ACY C 2 .   ? -2.844  4.745   4.595   1.00 47.78 ? 302 ACY A OXT 1 
HETATM 1542 C CH3 . ACY C 2 .   ? -4.922  3.616   4.216   1.00 47.91 ? 302 ACY A CH3 1 
HETATM 1543 C C   . ACY D 2 .   ? -8.194  1.244   -13.794 1.00 72.78 ? 303 ACY A C   1 
HETATM 1544 O O   . ACY D 2 .   ? -9.110  1.856   -13.197 1.00 72.76 ? 303 ACY A O   1 
HETATM 1545 O OXT . ACY D 2 .   ? -7.593  0.228   -13.361 1.00 71.81 ? 303 ACY A OXT 1 
HETATM 1546 C CH3 . ACY D 2 .   ? -7.808  1.801   -15.142 1.00 73.60 ? 303 ACY A CH3 1 
HETATM 1547 O O   . HOH E 3 .   ? -4.289  6.406   7.401   1.00 33.04 ? 401 HOH A O   1 
HETATM 1548 O O   . HOH E 3 .   ? -0.851  2.828   -14.034 1.00 39.82 ? 402 HOH A O   1 
HETATM 1549 O O   . HOH E 3 .   ? 12.688  -11.028 -4.177  1.00 40.23 ? 403 HOH A O   1 
HETATM 1550 O O   . HOH E 3 .   ? 19.339  -2.737  -13.635 1.00 38.60 ? 404 HOH A O   1 
HETATM 1551 O O   . HOH E 3 .   ? -6.747  -8.347  3.600   1.00 36.57 ? 405 HOH A O   1 
HETATM 1552 O O   . HOH E 3 .   ? 14.005  11.588  -10.547 1.00 42.87 ? 406 HOH A O   1 
HETATM 1553 O O   . HOH E 3 .   ? 15.761  7.634   5.522   1.00 47.05 ? 407 HOH A O   1 
HETATM 1554 O O   . HOH E 3 .   ? 10.213  -0.586  9.766   1.00 49.39 ? 408 HOH A O   1 
HETATM 1555 O O   . HOH E 3 .   ? -11.629 -6.696  -2.650  1.00 34.27 ? 409 HOH A O   1 
HETATM 1556 O O   . HOH E 3 .   ? -11.170 -2.809  -0.198  1.00 32.75 ? 410 HOH A O   1 
HETATM 1557 O O   . HOH E 3 .   ? 9.001   -1.099  -5.120  1.00 34.60 ? 411 HOH A O   1 
HETATM 1558 O O   . HOH E 3 .   ? 17.306  -4.582  -2.733  1.00 51.38 ? 412 HOH A O   1 
HETATM 1559 O O   . HOH E 3 .   ? -6.559  -19.713 4.458   1.00 55.06 ? 413 HOH A O   1 
HETATM 1560 O O   . HOH E 3 .   ? 2.879   -17.599 6.435   1.00 49.02 ? 414 HOH A O   1 
HETATM 1561 O O   . HOH E 3 .   ? -0.707  3.958   17.852  1.00 44.28 ? 415 HOH A O   1 
HETATM 1562 O O   . HOH E 3 .   ? -0.527  11.809  11.039  1.00 45.71 ? 416 HOH A O   1 
HETATM 1563 O O   . HOH E 3 .   ? -8.476  9.437   -0.693  1.00 47.17 ? 417 HOH A O   1 
HETATM 1564 O O   . HOH E 3 .   ? -18.378 8.505   8.145   0.50 48.40 ? 418 HOH A O   1 
HETATM 1565 O O   . HOH E 3 .   ? 4.409   20.556  7.475   1.00 43.53 ? 419 HOH A O   1 
HETATM 1566 O O   . HOH E 3 .   ? 4.530   22.040  5.474   1.00 40.26 ? 420 HOH A O   1 
HETATM 1567 O O   . HOH E 3 .   ? 15.463  10.778  5.523   1.00 50.96 ? 421 HOH A O   1 
HETATM 1568 O O   . HOH E 3 .   ? 18.461  3.077   -13.510 1.00 44.85 ? 422 HOH A O   1 
HETATM 1569 O O   . HOH E 3 .   ? 4.148   -16.751 3.789   1.00 37.31 ? 423 HOH A O   1 
HETATM 1570 O O   . HOH E 3 .   ? 3.464   -15.181 1.783   1.00 48.20 ? 424 HOH A O   1 
HETATM 1571 O O   . HOH E 3 .   ? -17.882 -0.549  -9.890  1.00 53.09 ? 425 HOH A O   1 
HETATM 1572 O O   . HOH E 3 .   ? -15.225 -12.437 -4.933  1.00 46.79 ? 426 HOH A O   1 
HETATM 1573 O O   . HOH E 3 .   ? -4.373  -17.017 10.866  1.00 56.06 ? 427 HOH A O   1 
HETATM 1574 O O   . HOH E 3 .   ? 0.579   8.346   6.414   1.00 25.89 ? 428 HOH A O   1 
HETATM 1575 O O   . HOH E 3 .   ? -7.582  4.271   8.338   1.00 36.30 ? 429 HOH A O   1 
HETATM 1576 O O   . HOH E 3 .   ? -11.650 4.516   17.453  1.00 53.35 ? 430 HOH A O   1 
HETATM 1577 O O   . HOH E 3 .   ? -8.604  0.440   19.248  1.00 47.52 ? 431 HOH A O   1 
HETATM 1578 O O   . HOH E 3 .   ? 0.643   20.069  2.342   1.00 43.71 ? 432 HOH A O   1 
HETATM 1579 O O   . HOH E 3 .   ? 2.004   17.107  9.470   1.00 53.45 ? 433 HOH A O   1 
HETATM 1580 O O   . HOH E 3 .   ? -16.059 -10.926 -8.315  1.00 49.15 ? 434 HOH A O   1 
HETATM 1581 O O   . HOH E 3 .   ? 1.785   5.010   -10.587 1.00 50.51 ? 435 HOH A O   1 
HETATM 1582 O O   . HOH E 3 .   ? -8.153  8.110   1.569   1.00 59.10 ? 436 HOH A O   1 
# 
loop_
_pdbx_poly_seq_scheme.asym_id 
_pdbx_poly_seq_scheme.entity_id 
_pdbx_poly_seq_scheme.seq_id 
_pdbx_poly_seq_scheme.mon_id 
_pdbx_poly_seq_scheme.ndb_seq_num 
_pdbx_poly_seq_scheme.pdb_seq_num 
_pdbx_poly_seq_scheme.auth_seq_num 
_pdbx_poly_seq_scheme.pdb_mon_id 
_pdbx_poly_seq_scheme.auth_mon_id 
_pdbx_poly_seq_scheme.pdb_strand_id 
_pdbx_poly_seq_scheme.pdb_ins_code 
_pdbx_poly_seq_scheme.hetero 
A 1 1   MET 1   65  ?   ?   ?   A . n 
A 1 2   GLY 2   66  ?   ?   ?   A . n 
A 1 3   HIS 3   67  ?   ?   ?   A . n 
A 1 4   HIS 4   68  ?   ?   ?   A . n 
A 1 5   HIS 5   69  ?   ?   ?   A . n 
A 1 6   HIS 6   70  ?   ?   ?   A . n 
A 1 7   HIS 7   71  ?   ?   ?   A . n 
A 1 8   HIS 8   72  ?   ?   ?   A . n 
A 1 9   MET 9   73  ?   ?   ?   A . n 
A 1 10  ALA 10  74  ?   ?   ?   A . n 
A 1 11  GLY 11  75  ?   ?   ?   A . n 
A 1 12  GLU 12  76  ?   ?   ?   A . n 
A 1 13  VAL 13  77  ?   ?   ?   A . n 
A 1 14  VAL 14  78  ?   ?   ?   A . n 
A 1 15  LYS 15  79  ?   ?   ?   A . n 
A 1 16  SER 16  80  ?   ?   ?   A . n 
A 1 17  GLN 17  81  ?   ?   ?   A . n 
A 1 18  LYS 18  82  ?   ?   ?   A . n 
A 1 19  LYS 19  83  ?   ?   ?   A . n 
A 1 20  ARG 20  84  84  ARG ARG A . n 
A 1 21  ILE 21  85  85  ILE ILE A . n 
A 1 22  ARG 22  86  86  ARG ARG A . n 
A 1 23  LEU 23  87  87  LEU LEU A . n 
A 1 24  GLY 24  88  88  GLY GLY A . n 
A 1 25  LYS 25  89  89  LYS LYS A . n 
A 1 26  VAL 26  90  90  VAL VAL A . n 
A 1 27  VAL 27  91  91  VAL VAL A . n 
A 1 28  PRO 28  92  92  PRO PRO A . n 
A 1 29  SER 29  93  93  SER SER A . n 
A 1 30  SER 30  94  94  SER SER A . n 
A 1 31  ILE 31  95  95  ILE ILE A . n 
A 1 32  ARG 32  96  96  ARG ARG A . n 
A 1 33  ILE 33  97  97  ILE ILE A . n 
A 1 34  VAL 34  98  98  VAL VAL A . n 
A 1 35  LEU 35  99  99  LEU LEU A . n 
A 1 36  ASP 36  100 100 ASP ASP A . n 
A 1 37  CYS 37  101 101 CYS CYS A . n 
A 1 38  ALA 38  102 102 ALA ALA A . n 
A 1 39  PHE 39  103 103 PHE PHE A . n 
A 1 40  ASP 40  104 104 ASP ASP A . n 
A 1 41  ASP 41  105 105 ASP ASP A . n 
A 1 42  LEU 42  106 106 LEU LEU A . n 
A 1 43  MET 43  107 107 MET MET A . n 
A 1 44  ASN 44  108 108 ASN ASN A . n 
A 1 45  ASP 45  109 109 ASP ASP A . n 
A 1 46  LYS 46  110 110 LYS LYS A . n 
A 1 47  GLU 47  111 111 GLU GLU A . n 
A 1 48  ILE 48  112 112 ILE ILE A . n 
A 1 49  ASN 49  113 113 ASN ASN A . n 
A 1 50  SER 50  114 114 SER SER A . n 
A 1 51  LEU 51  115 115 LEU LEU A . n 
A 1 52  CYS 52  116 116 CYS CYS A . n 
A 1 53  GLN 53  117 117 GLN GLN A . n 
A 1 54  GLN 54  118 118 GLN GLN A . n 
A 1 55  VAL 55  119 119 VAL VAL A . n 
A 1 56  THR 56  120 120 THR THR A . n 
A 1 57  ARG 57  121 121 ARG ARG A . n 
A 1 58  CYS 58  122 122 CYS CYS A . n 
A 1 59  HIS 59  123 123 HIS HIS A . n 
A 1 60  SER 60  124 124 SER SER A . n 
A 1 61  ALA 61  125 125 ALA ALA A . n 
A 1 62  ASN 62  126 126 ASN ASN A . n 
A 1 63  ARG 63  127 127 ARG ARG A . n 
A 1 64  THR 64  128 128 THR THR A . n 
A 1 65  ALA 65  129 129 ALA ALA A . n 
A 1 66  LEU 66  130 130 LEU LEU A . n 
A 1 67  HIS 67  131 131 HIS HIS A . n 
A 1 68  PRO 68  132 132 PRO PRO A . n 
A 1 69  VAL 69  133 133 VAL VAL A . n 
A 1 70  GLU 70  134 134 GLU GLU A . n 
A 1 71  LEU 71  135 135 LEU LEU A . n 
A 1 72  PHE 72  136 136 PHE PHE A . n 
A 1 73  ALA 73  137 137 ALA ALA A . n 
A 1 74  THR 74  138 138 THR THR A . n 
A 1 75  ASN 75  139 139 ASN ASN A . n 
A 1 76  PHE 76  140 140 PHE PHE A . n 
A 1 77  GLY 77  141 141 GLY GLY A . n 
A 1 78  GLY 78  142 142 GLY GLY A . n 
A 1 79  ARG 79  143 143 ARG ARG A . n 
A 1 80  LEU 80  144 144 LEU LEU A . n 
A 1 81  LYS 81  145 145 LYS LYS A . n 
A 1 82  THR 82  146 146 THR THR A . n 
A 1 83  ARG 83  147 147 ARG ARG A . n 
A 1 84  GLN 84  148 148 GLN GLN A . n 
A 1 85  ASP 85  149 149 ASP ASP A . n 
A 1 86  PHE 86  150 150 PHE PHE A . n 
A 1 87  VAL 87  151 151 VAL VAL A . n 
A 1 88  LEU 88  152 152 LEU LEU A . n 
A 1 89  LYS 89  153 153 LYS LYS A . n 
A 1 90  GLY 90  154 154 GLY GLY A . n 
A 1 91  GLN 91  155 155 GLN GLN A . n 
A 1 92  GLN 92  156 156 GLN GLN A . n 
A 1 93  ASN 93  157 157 ASN ASN A . n 
A 1 94  ASN 94  158 158 ASN ASN A . n 
A 1 95  TRP 95  159 159 TRP TRP A . n 
A 1 96  LYS 96  160 160 LYS LYS A . n 
A 1 97  ARG 97  161 161 ARG ARG A . n 
A 1 98  TYR 98  162 162 TYR TYR A . n 
A 1 99  ASN 99  163 163 ASN ASN A . n 
A 1 100 PRO 100 164 164 PRO PRO A . n 
A 1 101 THR 101 165 165 THR THR A . n 
A 1 102 THR 102 166 166 THR THR A . n 
A 1 103 LYS 103 167 167 LYS LYS A . n 
A 1 104 SER 104 168 168 SER SER A . n 
A 1 105 TYR 105 169 169 TYR TYR A . n 
A 1 106 LEU 106 170 170 LEU LEU A . n 
A 1 107 GLU 107 171 171 GLU GLU A . n 
A 1 108 GLU 108 172 172 GLU GLU A . n 
A 1 109 PHE 109 173 173 PHE PHE A . n 
A 1 110 GLU 110 174 174 GLU GLU A . n 
A 1 111 SER 111 175 175 SER SER A . n 
A 1 112 GLN 112 176 176 GLN GLN A . n 
A 1 113 LYS 113 177 177 LYS LYS A . n 
A 1 114 GLU 114 178 178 GLU GLU A . n 
A 1 115 LYS 115 179 179 LYS LYS A . n 
A 1 116 LEU 116 180 180 LEU LEU A . n 
A 1 117 VAL 117 181 181 VAL VAL A . n 
A 1 118 TYR 118 182 182 TYR TYR A . n 
A 1 119 LEU 119 183 183 LEU LEU A . n 
A 1 120 SER 120 184 184 SER SER A . n 
A 1 121 ALA 121 185 185 ALA ALA A . n 
A 1 122 ASP 122 186 186 ASP ASP A . n 
A 1 123 SER 123 187 187 SER SER A . n 
A 1 124 ASP 124 188 188 ASP ASP A . n 
A 1 125 ASN 125 189 189 ASN ASN A . n 
A 1 126 THR 126 190 190 THR THR A . n 
A 1 127 ILE 127 191 191 ILE ILE A . n 
A 1 128 THR 128 192 192 THR THR A . n 
A 1 129 GLU 129 193 193 GLU GLU A . n 
A 1 130 LEU 130 194 194 LEU LEU A . n 
A 1 131 ASP 131 195 195 ASP ASP A . n 
A 1 132 GLU 132 196 196 GLU GLU A . n 
A 1 133 ASP 133 197 197 ASP ASP A . n 
A 1 134 LYS 134 198 198 LYS LYS A . n 
A 1 135 ILE 135 199 199 ILE ILE A . n 
A 1 136 TYR 136 200 200 TYR TYR A . n 
A 1 137 ILE 137 201 201 ILE ILE A . n 
A 1 138 ILE 138 202 202 ILE ILE A . n 
A 1 139 GLY 139 203 203 GLY GLY A . n 
A 1 140 ALA 140 204 204 ALA ALA A . n 
A 1 141 ILE 141 205 205 ILE ILE A . n 
A 1 142 VAL 142 206 206 VAL VAL A . n 
A 1 143 ASP 143 207 207 ASP ASP A . n 
A 1 144 LYS 144 208 208 LYS LYS A . n 
A 1 145 ASN 145 209 209 ASN ASN A . n 
A 1 146 ARG 146 210 210 ARG ARG A . n 
A 1 147 TYR 147 211 211 TYR TYR A . n 
A 1 148 LYS 148 212 212 LYS LYS A . n 
A 1 149 ASN 149 213 213 ASN ASN A . n 
A 1 150 LEU 150 214 214 LEU LEU A . n 
A 1 151 CYS 151 215 215 CYS CYS A . n 
A 1 152 GLN 152 216 216 GLN GLN A . n 
A 1 153 ASN 153 217 217 ASN ASN A . n 
A 1 154 LYS 154 218 218 LYS LYS A . n 
A 1 155 ALA 155 219 219 ALA ALA A . n 
A 1 156 SER 156 220 220 SER SER A . n 
A 1 157 GLU 157 221 221 GLU GLU A . n 
A 1 158 GLN 158 222 222 GLN GLN A . n 
A 1 159 GLY 159 223 223 GLY GLY A . n 
A 1 160 ILE 160 224 224 ILE ILE A . n 
A 1 161 LYS 161 225 225 LYS LYS A . n 
A 1 162 THR 162 226 226 THR THR A . n 
A 1 163 ALA 163 227 227 ALA ALA A . n 
A 1 164 LYS 164 228 228 LYS LYS A . n 
A 1 165 LEU 165 229 229 LEU LEU A . n 
A 1 166 PRO 166 230 230 PRO PRO A . n 
A 1 167 ILE 167 231 231 ILE ILE A . n 
A 1 168 ASP 168 232 232 ASP ASP A . n 
A 1 169 GLU 169 233 233 GLU GLU A . n 
A 1 170 TYR 170 234 234 TYR TYR A . n 
A 1 171 ILE 171 235 235 ILE ILE A . n 
A 1 172 LYS 172 236 236 LYS LYS A . n 
A 1 173 ILE 173 237 237 ILE ILE A . n 
A 1 174 THR 174 238 238 THR THR A . n 
A 1 175 ASP 175 239 239 ASP ASP A . n 
A 1 176 ARG 176 240 240 ARG ARG A . n 
A 1 177 LYS 177 241 241 LYS LYS A . n 
A 1 178 ILE 178 242 242 ILE ILE A . n 
A 1 179 LEU 179 243 243 LEU LEU A . n 
A 1 180 THR 180 244 244 THR THR A . n 
A 1 181 VAL 181 245 245 VAL VAL A . n 
A 1 182 ASN 182 246 246 ASN ASN A . n 
A 1 183 GLN 183 247 247 GLN GLN A . n 
A 1 184 VAL 184 248 248 VAL VAL A . n 
A 1 185 PHE 185 249 249 PHE PHE A . n 
A 1 186 GLU 186 250 250 GLU GLU A . n 
A 1 187 ILE 187 251 251 ILE ILE A . n 
A 1 188 LEU 188 252 252 LEU LEU A . n 
A 1 189 SER 189 253 253 SER SER A . n 
A 1 190 LEU 190 254 254 LEU LEU A . n 
A 1 191 TRP 191 255 255 TRP TRP A . n 
A 1 192 LEU 192 256 256 LEU LEU A . n 
A 1 193 GLU 193 257 257 GLU GLU A . n 
A 1 194 TYR 194 258 258 TYR TYR A . n 
A 1 195 ARG 195 259 259 ARG ARG A . n 
A 1 196 ASP 196 260 260 ASP ASP A . n 
A 1 197 TRP 197 261 261 TRP TRP A . n 
A 1 198 GLU 198 262 262 GLU GLU A . n 
A 1 199 LYS 199 263 263 LYS LYS A . n 
A 1 200 ALA 200 264 264 ALA ALA A . n 
A 1 201 PHE 201 265 265 PHE PHE A . n 
A 1 202 MET 202 266 266 MET MET A . n 
A 1 203 GLU 203 267 267 GLU GLU A . n 
A 1 204 VAL 204 268 268 VAL VAL A . n 
A 1 205 ILE 205 269 269 ILE ILE A . n 
A 1 206 PRO 206 270 270 PRO PRO A . n 
A 1 207 LYS 207 271 ?   ?   ?   A . n 
A 1 208 ARG 208 272 ?   ?   ?   A . n 
A 1 209 LYS 209 273 ?   ?   ?   A . n 
A 1 210 GLY 210 274 ?   ?   ?   A . n 
A 1 211 ILE 211 275 ?   ?   ?   A . n 
A 1 212 LEU 212 276 ?   ?   ?   A . n 
A 1 213 LEU 213 277 ?   ?   ?   A . n 
A 1 214 LYS 214 278 ?   ?   ?   A . n 
A 1 215 SER 215 279 ?   ?   ?   A . n 
A 1 216 ASP 216 280 ?   ?   ?   A . n 
A 1 217 GLU 217 281 ?   ?   ?   A . n 
# 
loop_
_pdbx_nonpoly_scheme.asym_id 
_pdbx_nonpoly_scheme.entity_id 
_pdbx_nonpoly_scheme.mon_id 
_pdbx_nonpoly_scheme.ndb_seq_num 
_pdbx_nonpoly_scheme.pdb_seq_num 
_pdbx_nonpoly_scheme.auth_seq_num 
_pdbx_nonpoly_scheme.pdb_mon_id 
_pdbx_nonpoly_scheme.auth_mon_id 
_pdbx_nonpoly_scheme.pdb_strand_id 
_pdbx_nonpoly_scheme.pdb_ins_code 
B 2 ACY 1  301 1  ACY ACY A . 
C 2 ACY 1  302 1  ACY ACY A . 
D 2 ACY 1  303 1  ACY ACY A . 
E 3 HOH 1  401 1  HOH HOH A . 
E 3 HOH 2  402 2  HOH HOH A . 
E 3 HOH 3  403 3  HOH HOH A . 
E 3 HOH 4  404 4  HOH HOH A . 
E 3 HOH 5  405 5  HOH HOH A . 
E 3 HOH 6  406 6  HOH HOH A . 
E 3 HOH 7  407 7  HOH HOH A . 
E 3 HOH 8  408 8  HOH HOH A . 
E 3 HOH 9  409 9  HOH HOH A . 
E 3 HOH 10 410 10 HOH HOH A . 
E 3 HOH 11 411 11 HOH HOH A . 
E 3 HOH 12 412 12 HOH HOH A . 
E 3 HOH 13 413 13 HOH HOH A . 
E 3 HOH 14 414 14 HOH HOH A . 
E 3 HOH 15 415 15 HOH HOH A . 
E 3 HOH 16 416 16 HOH HOH A . 
E 3 HOH 17 417 17 HOH HOH A . 
E 3 HOH 18 418 18 HOH HOH A . 
E 3 HOH 19 419 19 HOH HOH A . 
E 3 HOH 20 420 20 HOH HOH A . 
E 3 HOH 21 421 21 HOH HOH A . 
E 3 HOH 22 422 22 HOH HOH A . 
E 3 HOH 23 423 23 HOH HOH A . 
E 3 HOH 24 424 24 HOH HOH A . 
E 3 HOH 25 425 25 HOH HOH A . 
E 3 HOH 26 426 26 HOH HOH A . 
E 3 HOH 27 427 27 HOH HOH A . 
E 3 HOH 28 428 28 HOH HOH A . 
E 3 HOH 29 429 29 HOH HOH A . 
E 3 HOH 30 430 30 HOH HOH A . 
E 3 HOH 31 431 31 HOH HOH A . 
E 3 HOH 32 432 32 HOH HOH A . 
E 3 HOH 33 433 33 HOH HOH A . 
E 3 HOH 34 434 34 HOH HOH A . 
E 3 HOH 35 435 35 HOH HOH A . 
E 3 HOH 36 436 36 HOH HOH A . 
# 
_pdbx_struct_assembly.id                   1 
_pdbx_struct_assembly.details              author_and_software_defined_assembly 
_pdbx_struct_assembly.method_details       PISA 
_pdbx_struct_assembly.oligomeric_details   monomeric 
_pdbx_struct_assembly.oligomeric_count     1 
# 
_pdbx_struct_assembly_gen.assembly_id       1 
_pdbx_struct_assembly_gen.oper_expression   1 
_pdbx_struct_assembly_gen.asym_id_list      A,B,C,D,E 
# 
_pdbx_struct_oper_list.id                   1 
_pdbx_struct_oper_list.type                 'identity operation' 
_pdbx_struct_oper_list.name                 1_555 
_pdbx_struct_oper_list.symmetry_operation   x,y,z 
_pdbx_struct_oper_list.matrix[1][1]         1.0000000000 
_pdbx_struct_oper_list.matrix[1][2]         0.0000000000 
_pdbx_struct_oper_list.matrix[1][3]         0.0000000000 
_pdbx_struct_oper_list.vector[1]            0.0000000000 
_pdbx_struct_oper_list.matrix[2][1]         0.0000000000 
_pdbx_struct_oper_list.matrix[2][2]         1.0000000000 
_pdbx_struct_oper_list.matrix[2][3]         0.0000000000 
_pdbx_struct_oper_list.vector[2]            0.0000000000 
_pdbx_struct_oper_list.matrix[3][1]         0.0000000000 
_pdbx_struct_oper_list.matrix[3][2]         0.0000000000 
_pdbx_struct_oper_list.matrix[3][3]         1.0000000000 
_pdbx_struct_oper_list.vector[3]            0.0000000000 
# 
loop_
_pdbx_audit_revision_history.ordinal 
_pdbx_audit_revision_history.data_content_type 
_pdbx_audit_revision_history.major_revision 
_pdbx_audit_revision_history.minor_revision 
_pdbx_audit_revision_history.revision_date 
1 'Structure model' 1 0 2013-10-16 
2 'Structure model' 1 1 2014-02-12 
3 'Structure model' 1 2 2017-11-15 
4 'Structure model' 1 3 2023-11-08 
# 
_pdbx_audit_revision_details.ordinal             1 
_pdbx_audit_revision_details.revision_ordinal    1 
_pdbx_audit_revision_details.data_content_type   'Structure model' 
_pdbx_audit_revision_details.provider            repository 
_pdbx_audit_revision_details.type                'Initial release' 
_pdbx_audit_revision_details.description         ? 
_pdbx_audit_revision_details.details             ? 
# 
loop_
_pdbx_audit_revision_group.ordinal 
_pdbx_audit_revision_group.revision_ordinal 
_pdbx_audit_revision_group.data_content_type 
_pdbx_audit_revision_group.group 
1 2 'Structure model' 'Database references'    
2 3 'Structure model' Advisory                 
3 3 'Structure model' 'Refinement description' 
4 4 'Structure model' Advisory                 
5 4 'Structure model' 'Data collection'        
6 4 'Structure model' 'Database references'    
7 4 'Structure model' 'Derived calculations'   
8 4 'Structure model' 'Refinement description' 
# 
loop_
_pdbx_audit_revision_category.ordinal 
_pdbx_audit_revision_category.revision_ordinal 
_pdbx_audit_revision_category.data_content_type 
_pdbx_audit_revision_category.category 
1 3 'Structure model' pdbx_unobs_or_zero_occ_atoms  
2 3 'Structure model' software                      
3 4 'Structure model' chem_comp_atom                
4 4 'Structure model' chem_comp_bond                
5 4 'Structure model' database_2                    
6 4 'Structure model' pdbx_initial_refinement_model 
7 4 'Structure model' pdbx_unobs_or_zero_occ_atoms  
8 4 'Structure model' struct_ref_seq_dif            
9 4 'Structure model' struct_site                   
# 
loop_
_pdbx_audit_revision_item.ordinal 
_pdbx_audit_revision_item.revision_ordinal 
_pdbx_audit_revision_item.data_content_type 
_pdbx_audit_revision_item.item 
1  3 'Structure model' '_software.classification'            
2  3 'Structure model' '_software.contact_author'            
3  3 'Structure model' '_software.contact_author_email'      
4  3 'Structure model' '_software.date'                      
5  3 'Structure model' '_software.language'                  
6  3 'Structure model' '_software.location'                  
7  3 'Structure model' '_software.name'                      
8  3 'Structure model' '_software.type'                      
9  3 'Structure model' '_software.version'                   
10 4 'Structure model' '_database_2.pdbx_DOI'                
11 4 'Structure model' '_database_2.pdbx_database_accession' 
12 4 'Structure model' '_struct_ref_seq_dif.details'         
13 4 'Structure model' '_struct_site.pdbx_auth_asym_id'      
14 4 'Structure model' '_struct_site.pdbx_auth_comp_id'      
15 4 'Structure model' '_struct_site.pdbx_auth_seq_id'       
# 
_pdbx_phasing_MR.entry_id                     4JWG 
_pdbx_phasing_MR.method_rotation              ? 
_pdbx_phasing_MR.method_translation           ? 
_pdbx_phasing_MR.model_details                'Phaser MODE: MR_AUTO' 
_pdbx_phasing_MR.R_factor                     60.390 
_pdbx_phasing_MR.R_rigid_body                 ? 
_pdbx_phasing_MR.correlation_coeff_Fo_to_Fc   ? 
_pdbx_phasing_MR.correlation_coeff_Io_to_Ic   ? 
_pdbx_phasing_MR.d_res_high_rotation          2.500 
_pdbx_phasing_MR.d_res_low_rotation           41.480 
_pdbx_phasing_MR.d_res_high_translation       2.500 
_pdbx_phasing_MR.d_res_low_translation        41.480 
_pdbx_phasing_MR.packing                      ? 
_pdbx_phasing_MR.reflns_percent_rotation      ? 
_pdbx_phasing_MR.reflns_percent_translation   ? 
_pdbx_phasing_MR.sigma_F_rotation             ? 
_pdbx_phasing_MR.sigma_F_translation          ? 
_pdbx_phasing_MR.sigma_I_rotation             ? 
_pdbx_phasing_MR.sigma_I_translation          ? 
# 
_phasing.method   MR 
# 
loop_
_software.pdbx_ordinal 
_software.name 
_software.version 
_software.date 
_software.type 
_software.contact_author 
_software.contact_author_email 
_software.classification 
_software.location 
_software.language 
_software.citation_id 
1 DENZO       .     ?                          package 'Zbyszek Otwinowski' hkl@hkl-xray.com            'data reduction'  
http://www.hkl-xray.com/                     ?          ? 
2 SCALEPACK   .     ?                          package 'Zbyszek Otwinowski' hkl@hkl-xray.com            'data scaling'    
http://www.hkl-xray.com/                     ?          ? 
3 PHASER      2.1.4 'Mon Jan 29 16:49:23 2007' program 'Randy J. Read'      cimr-phaser@lists.cam.ac.uk phasing           
http://www-structmed.cimr.cam.ac.uk/phaser/  ?          ? 
4 REFMAC      .     ?                          program 'Garib N. Murshudov' garib@ysbl.york.ac.uk       refinement        
http://www.ccp4.ac.uk/dist/html/refmac5.html Fortran_77 ? 
5 PDB_EXTRACT 3.11  'April 22, 2011'           package PDB                  deposit@deposit.rcsb.org    'data extraction' 
http://sw-tools.pdb.org/apps/PDB_EXTRACT/    C++        ? 
6 HKL-2000    .     ?                          ?       ?                    ?                           'data collection' ? ? ? 
# 
_pdbx_validate_rmsd_bond.id                        1 
_pdbx_validate_rmsd_bond.PDB_model_num             1 
_pdbx_validate_rmsd_bond.auth_atom_id_1            CD 
_pdbx_validate_rmsd_bond.auth_asym_id_1            A 
_pdbx_validate_rmsd_bond.auth_comp_id_1            PRO 
_pdbx_validate_rmsd_bond.auth_seq_id_1             270 
_pdbx_validate_rmsd_bond.PDB_ins_code_1            ? 
_pdbx_validate_rmsd_bond.label_alt_id_1            ? 
_pdbx_validate_rmsd_bond.auth_atom_id_2            N 
_pdbx_validate_rmsd_bond.auth_asym_id_2            A 
_pdbx_validate_rmsd_bond.auth_comp_id_2            PRO 
_pdbx_validate_rmsd_bond.auth_seq_id_2             270 
_pdbx_validate_rmsd_bond.PDB_ins_code_2            ? 
_pdbx_validate_rmsd_bond.label_alt_id_2            ? 
_pdbx_validate_rmsd_bond.bond_value                1.608 
_pdbx_validate_rmsd_bond.bond_target_value         1.474 
_pdbx_validate_rmsd_bond.bond_deviation            0.134 
_pdbx_validate_rmsd_bond.bond_standard_deviation   0.014 
_pdbx_validate_rmsd_bond.linker_flag               N 
# 
loop_
_pdbx_validate_rmsd_angle.id 
_pdbx_validate_rmsd_angle.PDB_model_num 
_pdbx_validate_rmsd_angle.auth_atom_id_1 
_pdbx_validate_rmsd_angle.auth_asym_id_1 
_pdbx_validate_rmsd_angle.auth_comp_id_1 
_pdbx_validate_rmsd_angle.auth_seq_id_1 
_pdbx_validate_rmsd_angle.PDB_ins_code_1 
_pdbx_validate_rmsd_angle.label_alt_id_1 
_pdbx_validate_rmsd_angle.auth_atom_id_2 
_pdbx_validate_rmsd_angle.auth_asym_id_2 
_pdbx_validate_rmsd_angle.auth_comp_id_2 
_pdbx_validate_rmsd_angle.auth_seq_id_2 
_pdbx_validate_rmsd_angle.PDB_ins_code_2 
_pdbx_validate_rmsd_angle.label_alt_id_2 
_pdbx_validate_rmsd_angle.auth_atom_id_3 
_pdbx_validate_rmsd_angle.auth_asym_id_3 
_pdbx_validate_rmsd_angle.auth_comp_id_3 
_pdbx_validate_rmsd_angle.auth_seq_id_3 
_pdbx_validate_rmsd_angle.PDB_ins_code_3 
_pdbx_validate_rmsd_angle.label_alt_id_3 
_pdbx_validate_rmsd_angle.angle_value 
_pdbx_validate_rmsd_angle.angle_target_value 
_pdbx_validate_rmsd_angle.angle_deviation 
_pdbx_validate_rmsd_angle.angle_standard_deviation 
_pdbx_validate_rmsd_angle.linker_flag 
1 1 CB A LYS 110 ? ? CG A LYS 110 ? ? CD A LYS 110 ? ? 130.05 111.60 18.45  2.60 N 
2 1 CA A LYS 160 ? ? CB A LYS 160 ? ? CG A LYS 160 ? ? 95.22  113.40 -18.18 2.20 N 
3 1 N  A PRO 270 ? ? CA A PRO 270 ? ? CB A PRO 270 ? ? 111.39 103.30 8.09   1.20 N 
# 
loop_
_pdbx_unobs_or_zero_occ_atoms.id 
_pdbx_unobs_or_zero_occ_atoms.PDB_model_num 
_pdbx_unobs_or_zero_occ_atoms.polymer_flag 
_pdbx_unobs_or_zero_occ_atoms.occupancy_flag 
_pdbx_unobs_or_zero_occ_atoms.auth_asym_id 
_pdbx_unobs_or_zero_occ_atoms.auth_comp_id 
_pdbx_unobs_or_zero_occ_atoms.auth_seq_id 
_pdbx_unobs_or_zero_occ_atoms.PDB_ins_code 
_pdbx_unobs_or_zero_occ_atoms.auth_atom_id 
_pdbx_unobs_or_zero_occ_atoms.label_alt_id 
_pdbx_unobs_or_zero_occ_atoms.label_asym_id 
_pdbx_unobs_or_zero_occ_atoms.label_comp_id 
_pdbx_unobs_or_zero_occ_atoms.label_seq_id 
_pdbx_unobs_or_zero_occ_atoms.label_atom_id 
1  1 Y 0 A LYS 89  ? CG  ? A LYS 25  CG  
2  1 Y 0 A LYS 89  ? CD  ? A LYS 25  CD  
3  1 Y 0 A LYS 89  ? CE  ? A LYS 25  CE  
4  1 Y 0 A LYS 89  ? NZ  ? A LYS 25  NZ  
5  1 Y 0 A LYS 110 ? CD  ? A LYS 46  CD  
6  1 Y 0 A LYS 110 ? CE  ? A LYS 46  CE  
7  1 Y 0 A LYS 110 ? NZ  ? A LYS 46  NZ  
8  1 Y 0 A LYS 153 ? CE  ? A LYS 89  CE  
9  1 Y 0 A LYS 153 ? NZ  ? A LYS 89  NZ  
10 1 Y 0 A GLN 155 ? CD  ? A GLN 91  CD  
11 1 Y 0 A GLN 155 ? OE1 ? A GLN 91  OE1 
12 1 Y 0 A GLN 155 ? NE2 ? A GLN 91  NE2 
13 1 Y 0 A LYS 160 ? CG  ? A LYS 96  CG  
14 1 Y 0 A LYS 160 ? CD  ? A LYS 96  CD  
15 1 Y 0 A LYS 160 ? CE  ? A LYS 96  CE  
16 1 Y 0 A LYS 160 ? NZ  ? A LYS 96  NZ  
17 1 Y 0 A GLU 174 ? CG  ? A GLU 110 CG  
18 1 Y 0 A GLU 174 ? CD  ? A GLU 110 CD  
19 1 Y 0 A GLU 174 ? OE1 ? A GLU 110 OE1 
20 1 Y 0 A GLU 174 ? OE2 ? A GLU 110 OE2 
21 1 Y 0 A LYS 212 ? CG  ? A LYS 148 CG  
22 1 Y 0 A LYS 212 ? CD  ? A LYS 148 CD  
23 1 Y 0 A LYS 212 ? CE  ? A LYS 148 CE  
24 1 Y 0 A LYS 212 ? NZ  ? A LYS 148 NZ  
25 1 Y 0 A LYS 241 ? CG  ? A LYS 177 CG  
26 1 Y 0 A LYS 241 ? CD  ? A LYS 177 CD  
27 1 Y 0 A LYS 241 ? CE  ? A LYS 177 CE  
28 1 Y 0 A LYS 241 ? NZ  ? A LYS 177 NZ  
29 1 Y 0 A LYS 263 ? CE  ? A LYS 199 CE  
30 1 Y 0 A LYS 263 ? NZ  ? A LYS 199 NZ  
# 
loop_
_pdbx_unobs_or_zero_occ_residues.id 
_pdbx_unobs_or_zero_occ_residues.PDB_model_num 
_pdbx_unobs_or_zero_occ_residues.polymer_flag 
_pdbx_unobs_or_zero_occ_residues.occupancy_flag 
_pdbx_unobs_or_zero_occ_residues.auth_asym_id 
_pdbx_unobs_or_zero_occ_residues.auth_comp_id 
_pdbx_unobs_or_zero_occ_residues.auth_seq_id 
_pdbx_unobs_or_zero_occ_residues.PDB_ins_code 
_pdbx_unobs_or_zero_occ_residues.label_asym_id 
_pdbx_unobs_or_zero_occ_residues.label_comp_id 
_pdbx_unobs_or_zero_occ_residues.label_seq_id 
1  1 Y 1 A MET 65  ? A MET 1   
2  1 Y 1 A GLY 66  ? A GLY 2   
3  1 Y 1 A HIS 67  ? A HIS 3   
4  1 Y 1 A HIS 68  ? A HIS 4   
5  1 Y 1 A HIS 69  ? A HIS 5   
6  1 Y 1 A HIS 70  ? A HIS 6   
7  1 Y 1 A HIS 71  ? A HIS 7   
8  1 Y 1 A HIS 72  ? A HIS 8   
9  1 Y 1 A MET 73  ? A MET 9   
10 1 Y 1 A ALA 74  ? A ALA 10  
11 1 Y 1 A GLY 75  ? A GLY 11  
12 1 Y 1 A GLU 76  ? A GLU 12  
13 1 Y 1 A VAL 77  ? A VAL 13  
14 1 Y 1 A VAL 78  ? A VAL 14  
15 1 Y 1 A LYS 79  ? A LYS 15  
16 1 Y 1 A SER 80  ? A SER 16  
17 1 Y 1 A GLN 81  ? A GLN 17  
18 1 Y 1 A LYS 82  ? A LYS 18  
19 1 Y 1 A LYS 83  ? A LYS 19  
20 1 Y 1 A LYS 271 ? A LYS 207 
21 1 Y 1 A ARG 272 ? A ARG 208 
22 1 Y 1 A LYS 273 ? A LYS 209 
23 1 Y 1 A GLY 274 ? A GLY 210 
24 1 Y 1 A ILE 275 ? A ILE 211 
25 1 Y 1 A LEU 276 ? A LEU 212 
26 1 Y 1 A LEU 277 ? A LEU 213 
27 1 Y 1 A LYS 278 ? A LYS 214 
28 1 Y 1 A SER 279 ? A SER 215 
29 1 Y 1 A ASP 280 ? A ASP 216 
30 1 Y 1 A GLU 281 ? A GLU 217 
# 
loop_
_chem_comp_atom.comp_id 
_chem_comp_atom.atom_id 
_chem_comp_atom.type_symbol 
_chem_comp_atom.pdbx_aromatic_flag 
_chem_comp_atom.pdbx_stereo_config 
_chem_comp_atom.pdbx_ordinal 
ACY C    C N N 1   
ACY O    O N N 2   
ACY OXT  O N N 3   
ACY CH3  C N N 4   
ACY HXT  H N N 5   
ACY H1   H N N 6   
ACY H2   H N N 7   
ACY H3   H N N 8   
ALA N    N N N 9   
ALA CA   C N S 10  
ALA C    C N N 11  
ALA O    O N N 12  
ALA CB   C N N 13  
ALA OXT  O N N 14  
ALA H    H N N 15  
ALA H2   H N N 16  
ALA HA   H N N 17  
ALA HB1  H N N 18  
ALA HB2  H N N 19  
ALA HB3  H N N 20  
ALA HXT  H N N 21  
ARG N    N N N 22  
ARG CA   C N S 23  
ARG C    C N N 24  
ARG O    O N N 25  
ARG CB   C N N 26  
ARG CG   C N N 27  
ARG CD   C N N 28  
ARG NE   N N N 29  
ARG CZ   C N N 30  
ARG NH1  N N N 31  
ARG NH2  N N N 32  
ARG OXT  O N N 33  
ARG H    H N N 34  
ARG H2   H N N 35  
ARG HA   H N N 36  
ARG HB2  H N N 37  
ARG HB3  H N N 38  
ARG HG2  H N N 39  
ARG HG3  H N N 40  
ARG HD2  H N N 41  
ARG HD3  H N N 42  
ARG HE   H N N 43  
ARG HH11 H N N 44  
ARG HH12 H N N 45  
ARG HH21 H N N 46  
ARG HH22 H N N 47  
ARG HXT  H N N 48  
ASN N    N N N 49  
ASN CA   C N S 50  
ASN C    C N N 51  
ASN O    O N N 52  
ASN CB   C N N 53  
ASN CG   C N N 54  
ASN OD1  O N N 55  
ASN ND2  N N N 56  
ASN OXT  O N N 57  
ASN H    H N N 58  
ASN H2   H N N 59  
ASN HA   H N N 60  
ASN HB2  H N N 61  
ASN HB3  H N N 62  
ASN HD21 H N N 63  
ASN HD22 H N N 64  
ASN HXT  H N N 65  
ASP N    N N N 66  
ASP CA   C N S 67  
ASP C    C N N 68  
ASP O    O N N 69  
ASP CB   C N N 70  
ASP CG   C N N 71  
ASP OD1  O N N 72  
ASP OD2  O N N 73  
ASP OXT  O N N 74  
ASP H    H N N 75  
ASP H2   H N N 76  
ASP HA   H N N 77  
ASP HB2  H N N 78  
ASP HB3  H N N 79  
ASP HD2  H N N 80  
ASP HXT  H N N 81  
CYS N    N N N 82  
CYS CA   C N R 83  
CYS C    C N N 84  
CYS O    O N N 85  
CYS CB   C N N 86  
CYS SG   S N N 87  
CYS OXT  O N N 88  
CYS H    H N N 89  
CYS H2   H N N 90  
CYS HA   H N N 91  
CYS HB2  H N N 92  
CYS HB3  H N N 93  
CYS HG   H N N 94  
CYS HXT  H N N 95  
GLN N    N N N 96  
GLN CA   C N S 97  
GLN C    C N N 98  
GLN O    O N N 99  
GLN CB   C N N 100 
GLN CG   C N N 101 
GLN CD   C N N 102 
GLN OE1  O N N 103 
GLN NE2  N N N 104 
GLN OXT  O N N 105 
GLN H    H N N 106 
GLN H2   H N N 107 
GLN HA   H N N 108 
GLN HB2  H N N 109 
GLN HB3  H N N 110 
GLN HG2  H N N 111 
GLN HG3  H N N 112 
GLN HE21 H N N 113 
GLN HE22 H N N 114 
GLN HXT  H N N 115 
GLU N    N N N 116 
GLU CA   C N S 117 
GLU C    C N N 118 
GLU O    O N N 119 
GLU CB   C N N 120 
GLU CG   C N N 121 
GLU CD   C N N 122 
GLU OE1  O N N 123 
GLU OE2  O N N 124 
GLU OXT  O N N 125 
GLU H    H N N 126 
GLU H2   H N N 127 
GLU HA   H N N 128 
GLU HB2  H N N 129 
GLU HB3  H N N 130 
GLU HG2  H N N 131 
GLU HG3  H N N 132 
GLU HE2  H N N 133 
GLU HXT  H N N 134 
GLY N    N N N 135 
GLY CA   C N N 136 
GLY C    C N N 137 
GLY O    O N N 138 
GLY OXT  O N N 139 
GLY H    H N N 140 
GLY H2   H N N 141 
GLY HA2  H N N 142 
GLY HA3  H N N 143 
GLY HXT  H N N 144 
HIS N    N N N 145 
HIS CA   C N S 146 
HIS C    C N N 147 
HIS O    O N N 148 
HIS CB   C N N 149 
HIS CG   C Y N 150 
HIS ND1  N Y N 151 
HIS CD2  C Y N 152 
HIS CE1  C Y N 153 
HIS NE2  N Y N 154 
HIS OXT  O N N 155 
HIS H    H N N 156 
HIS H2   H N N 157 
HIS HA   H N N 158 
HIS HB2  H N N 159 
HIS HB3  H N N 160 
HIS HD1  H N N 161 
HIS HD2  H N N 162 
HIS HE1  H N N 163 
HIS HE2  H N N 164 
HIS HXT  H N N 165 
HOH O    O N N 166 
HOH H1   H N N 167 
HOH H2   H N N 168 
ILE N    N N N 169 
ILE CA   C N S 170 
ILE C    C N N 171 
ILE O    O N N 172 
ILE CB   C N S 173 
ILE CG1  C N N 174 
ILE CG2  C N N 175 
ILE CD1  C N N 176 
ILE OXT  O N N 177 
ILE H    H N N 178 
ILE H2   H N N 179 
ILE HA   H N N 180 
ILE HB   H N N 181 
ILE HG12 H N N 182 
ILE HG13 H N N 183 
ILE HG21 H N N 184 
ILE HG22 H N N 185 
ILE HG23 H N N 186 
ILE HD11 H N N 187 
ILE HD12 H N N 188 
ILE HD13 H N N 189 
ILE HXT  H N N 190 
LEU N    N N N 191 
LEU CA   C N S 192 
LEU C    C N N 193 
LEU O    O N N 194 
LEU CB   C N N 195 
LEU CG   C N N 196 
LEU CD1  C N N 197 
LEU CD2  C N N 198 
LEU OXT  O N N 199 
LEU H    H N N 200 
LEU H2   H N N 201 
LEU HA   H N N 202 
LEU HB2  H N N 203 
LEU HB3  H N N 204 
LEU HG   H N N 205 
LEU HD11 H N N 206 
LEU HD12 H N N 207 
LEU HD13 H N N 208 
LEU HD21 H N N 209 
LEU HD22 H N N 210 
LEU HD23 H N N 211 
LEU HXT  H N N 212 
LYS N    N N N 213 
LYS CA   C N S 214 
LYS C    C N N 215 
LYS O    O N N 216 
LYS CB   C N N 217 
LYS CG   C N N 218 
LYS CD   C N N 219 
LYS CE   C N N 220 
LYS NZ   N N N 221 
LYS OXT  O N N 222 
LYS H    H N N 223 
LYS H2   H N N 224 
LYS HA   H N N 225 
LYS HB2  H N N 226 
LYS HB3  H N N 227 
LYS HG2  H N N 228 
LYS HG3  H N N 229 
LYS HD2  H N N 230 
LYS HD3  H N N 231 
LYS HE2  H N N 232 
LYS HE3  H N N 233 
LYS HZ1  H N N 234 
LYS HZ2  H N N 235 
LYS HZ3  H N N 236 
LYS HXT  H N N 237 
MET N    N N N 238 
MET CA   C N S 239 
MET C    C N N 240 
MET O    O N N 241 
MET CB   C N N 242 
MET CG   C N N 243 
MET SD   S N N 244 
MET CE   C N N 245 
MET OXT  O N N 246 
MET H    H N N 247 
MET H2   H N N 248 
MET HA   H N N 249 
MET HB2  H N N 250 
MET HB3  H N N 251 
MET HG2  H N N 252 
MET HG3  H N N 253 
MET HE1  H N N 254 
MET HE2  H N N 255 
MET HE3  H N N 256 
MET HXT  H N N 257 
PHE N    N N N 258 
PHE CA   C N S 259 
PHE C    C N N 260 
PHE O    O N N 261 
PHE CB   C N N 262 
PHE CG   C Y N 263 
PHE CD1  C Y N 264 
PHE CD2  C Y N 265 
PHE CE1  C Y N 266 
PHE CE2  C Y N 267 
PHE CZ   C Y N 268 
PHE OXT  O N N 269 
PHE H    H N N 270 
PHE H2   H N N 271 
PHE HA   H N N 272 
PHE HB2  H N N 273 
PHE HB3  H N N 274 
PHE HD1  H N N 275 
PHE HD2  H N N 276 
PHE HE1  H N N 277 
PHE HE2  H N N 278 
PHE HZ   H N N 279 
PHE HXT  H N N 280 
PRO N    N N N 281 
PRO CA   C N S 282 
PRO C    C N N 283 
PRO O    O N N 284 
PRO CB   C N N 285 
PRO CG   C N N 286 
PRO CD   C N N 287 
PRO OXT  O N N 288 
PRO H    H N N 289 
PRO HA   H N N 290 
PRO HB2  H N N 291 
PRO HB3  H N N 292 
PRO HG2  H N N 293 
PRO HG3  H N N 294 
PRO HD2  H N N 295 
PRO HD3  H N N 296 
PRO HXT  H N N 297 
SER N    N N N 298 
SER CA   C N S 299 
SER C    C N N 300 
SER O    O N N 301 
SER CB   C N N 302 
SER OG   O N N 303 
SER OXT  O N N 304 
SER H    H N N 305 
SER H2   H N N 306 
SER HA   H N N 307 
SER HB2  H N N 308 
SER HB3  H N N 309 
SER HG   H N N 310 
SER HXT  H N N 311 
THR N    N N N 312 
THR CA   C N S 313 
THR C    C N N 314 
THR O    O N N 315 
THR CB   C N R 316 
THR OG1  O N N 317 
THR CG2  C N N 318 
THR OXT  O N N 319 
THR H    H N N 320 
THR H2   H N N 321 
THR HA   H N N 322 
THR HB   H N N 323 
THR HG1  H N N 324 
THR HG21 H N N 325 
THR HG22 H N N 326 
THR HG23 H N N 327 
THR HXT  H N N 328 
TRP N    N N N 329 
TRP CA   C N S 330 
TRP C    C N N 331 
TRP O    O N N 332 
TRP CB   C N N 333 
TRP CG   C Y N 334 
TRP CD1  C Y N 335 
TRP CD2  C Y N 336 
TRP NE1  N Y N 337 
TRP CE2  C Y N 338 
TRP CE3  C Y N 339 
TRP CZ2  C Y N 340 
TRP CZ3  C Y N 341 
TRP CH2  C Y N 342 
TRP OXT  O N N 343 
TRP H    H N N 344 
TRP H2   H N N 345 
TRP HA   H N N 346 
TRP HB2  H N N 347 
TRP HB3  H N N 348 
TRP HD1  H N N 349 
TRP HE1  H N N 350 
TRP HE3  H N N 351 
TRP HZ2  H N N 352 
TRP HZ3  H N N 353 
TRP HH2  H N N 354 
TRP HXT  H N N 355 
TYR N    N N N 356 
TYR CA   C N S 357 
TYR C    C N N 358 
TYR O    O N N 359 
TYR CB   C N N 360 
TYR CG   C Y N 361 
TYR CD1  C Y N 362 
TYR CD2  C Y N 363 
TYR CE1  C Y N 364 
TYR CE2  C Y N 365 
TYR CZ   C Y N 366 
TYR OH   O N N 367 
TYR OXT  O N N 368 
TYR H    H N N 369 
TYR H2   H N N 370 
TYR HA   H N N 371 
TYR HB2  H N N 372 
TYR HB3  H N N 373 
TYR HD1  H N N 374 
TYR HD2  H N N 375 
TYR HE1  H N N 376 
TYR HE2  H N N 377 
TYR HH   H N N 378 
TYR HXT  H N N 379 
VAL N    N N N 380 
VAL CA   C N S 381 
VAL C    C N N 382 
VAL O    O N N 383 
VAL CB   C N N 384 
VAL CG1  C N N 385 
VAL CG2  C N N 386 
VAL OXT  O N N 387 
VAL H    H N N 388 
VAL H2   H N N 389 
VAL HA   H N N 390 
VAL HB   H N N 391 
VAL HG11 H N N 392 
VAL HG12 H N N 393 
VAL HG13 H N N 394 
VAL HG21 H N N 395 
VAL HG22 H N N 396 
VAL HG23 H N N 397 
VAL HXT  H N N 398 
# 
loop_
_chem_comp_bond.comp_id 
_chem_comp_bond.atom_id_1 
_chem_comp_bond.atom_id_2 
_chem_comp_bond.value_order 
_chem_comp_bond.pdbx_aromatic_flag 
_chem_comp_bond.pdbx_stereo_config 
_chem_comp_bond.pdbx_ordinal 
ACY C   O    doub N N 1   
ACY C   OXT  sing N N 2   
ACY C   CH3  sing N N 3   
ACY OXT HXT  sing N N 4   
ACY CH3 H1   sing N N 5   
ACY CH3 H2   sing N N 6   
ACY CH3 H3   sing N N 7   
ALA N   CA   sing N N 8   
ALA N   H    sing N N 9   
ALA N   H2   sing N N 10  
ALA CA  C    sing N N 11  
ALA CA  CB   sing N N 12  
ALA CA  HA   sing N N 13  
ALA C   O    doub N N 14  
ALA C   OXT  sing N N 15  
ALA CB  HB1  sing N N 16  
ALA CB  HB2  sing N N 17  
ALA CB  HB3  sing N N 18  
ALA OXT HXT  sing N N 19  
ARG N   CA   sing N N 20  
ARG N   H    sing N N 21  
ARG N   H2   sing N N 22  
ARG CA  C    sing N N 23  
ARG CA  CB   sing N N 24  
ARG CA  HA   sing N N 25  
ARG C   O    doub N N 26  
ARG C   OXT  sing N N 27  
ARG CB  CG   sing N N 28  
ARG CB  HB2  sing N N 29  
ARG CB  HB3  sing N N 30  
ARG CG  CD   sing N N 31  
ARG CG  HG2  sing N N 32  
ARG CG  HG3  sing N N 33  
ARG CD  NE   sing N N 34  
ARG CD  HD2  sing N N 35  
ARG CD  HD3  sing N N 36  
ARG NE  CZ   sing N N 37  
ARG NE  HE   sing N N 38  
ARG CZ  NH1  sing N N 39  
ARG CZ  NH2  doub N N 40  
ARG NH1 HH11 sing N N 41  
ARG NH1 HH12 sing N N 42  
ARG NH2 HH21 sing N N 43  
ARG NH2 HH22 sing N N 44  
ARG OXT HXT  sing N N 45  
ASN N   CA   sing N N 46  
ASN N   H    sing N N 47  
ASN N   H2   sing N N 48  
ASN CA  C    sing N N 49  
ASN CA  CB   sing N N 50  
ASN CA  HA   sing N N 51  
ASN C   O    doub N N 52  
ASN C   OXT  sing N N 53  
ASN CB  CG   sing N N 54  
ASN CB  HB2  sing N N 55  
ASN CB  HB3  sing N N 56  
ASN CG  OD1  doub N N 57  
ASN CG  ND2  sing N N 58  
ASN ND2 HD21 sing N N 59  
ASN ND2 HD22 sing N N 60  
ASN OXT HXT  sing N N 61  
ASP N   CA   sing N N 62  
ASP N   H    sing N N 63  
ASP N   H2   sing N N 64  
ASP CA  C    sing N N 65  
ASP CA  CB   sing N N 66  
ASP CA  HA   sing N N 67  
ASP C   O    doub N N 68  
ASP C   OXT  sing N N 69  
ASP CB  CG   sing N N 70  
ASP CB  HB2  sing N N 71  
ASP CB  HB3  sing N N 72  
ASP CG  OD1  doub N N 73  
ASP CG  OD2  sing N N 74  
ASP OD2 HD2  sing N N 75  
ASP OXT HXT  sing N N 76  
CYS N   CA   sing N N 77  
CYS N   H    sing N N 78  
CYS N   H2   sing N N 79  
CYS CA  C    sing N N 80  
CYS CA  CB   sing N N 81  
CYS CA  HA   sing N N 82  
CYS C   O    doub N N 83  
CYS C   OXT  sing N N 84  
CYS CB  SG   sing N N 85  
CYS CB  HB2  sing N N 86  
CYS CB  HB3  sing N N 87  
CYS SG  HG   sing N N 88  
CYS OXT HXT  sing N N 89  
GLN N   CA   sing N N 90  
GLN N   H    sing N N 91  
GLN N   H2   sing N N 92  
GLN CA  C    sing N N 93  
GLN CA  CB   sing N N 94  
GLN CA  HA   sing N N 95  
GLN C   O    doub N N 96  
GLN C   OXT  sing N N 97  
GLN CB  CG   sing N N 98  
GLN CB  HB2  sing N N 99  
GLN CB  HB3  sing N N 100 
GLN CG  CD   sing N N 101 
GLN CG  HG2  sing N N 102 
GLN CG  HG3  sing N N 103 
GLN CD  OE1  doub N N 104 
GLN CD  NE2  sing N N 105 
GLN NE2 HE21 sing N N 106 
GLN NE2 HE22 sing N N 107 
GLN OXT HXT  sing N N 108 
GLU N   CA   sing N N 109 
GLU N   H    sing N N 110 
GLU N   H2   sing N N 111 
GLU CA  C    sing N N 112 
GLU CA  CB   sing N N 113 
GLU CA  HA   sing N N 114 
GLU C   O    doub N N 115 
GLU C   OXT  sing N N 116 
GLU CB  CG   sing N N 117 
GLU CB  HB2  sing N N 118 
GLU CB  HB3  sing N N 119 
GLU CG  CD   sing N N 120 
GLU CG  HG2  sing N N 121 
GLU CG  HG3  sing N N 122 
GLU CD  OE1  doub N N 123 
GLU CD  OE2  sing N N 124 
GLU OE2 HE2  sing N N 125 
GLU OXT HXT  sing N N 126 
GLY N   CA   sing N N 127 
GLY N   H    sing N N 128 
GLY N   H2   sing N N 129 
GLY CA  C    sing N N 130 
GLY CA  HA2  sing N N 131 
GLY CA  HA3  sing N N 132 
GLY C   O    doub N N 133 
GLY C   OXT  sing N N 134 
GLY OXT HXT  sing N N 135 
HIS N   CA   sing N N 136 
HIS N   H    sing N N 137 
HIS N   H2   sing N N 138 
HIS CA  C    sing N N 139 
HIS CA  CB   sing N N 140 
HIS CA  HA   sing N N 141 
HIS C   O    doub N N 142 
HIS C   OXT  sing N N 143 
HIS CB  CG   sing N N 144 
HIS CB  HB2  sing N N 145 
HIS CB  HB3  sing N N 146 
HIS CG  ND1  sing Y N 147 
HIS CG  CD2  doub Y N 148 
HIS ND1 CE1  doub Y N 149 
HIS ND1 HD1  sing N N 150 
HIS CD2 NE2  sing Y N 151 
HIS CD2 HD2  sing N N 152 
HIS CE1 NE2  sing Y N 153 
HIS CE1 HE1  sing N N 154 
HIS NE2 HE2  sing N N 155 
HIS OXT HXT  sing N N 156 
HOH O   H1   sing N N 157 
HOH O   H2   sing N N 158 
ILE N   CA   sing N N 159 
ILE N   H    sing N N 160 
ILE N   H2   sing N N 161 
ILE CA  C    sing N N 162 
ILE CA  CB   sing N N 163 
ILE CA  HA   sing N N 164 
ILE C   O    doub N N 165 
ILE C   OXT  sing N N 166 
ILE CB  CG1  sing N N 167 
ILE CB  CG2  sing N N 168 
ILE CB  HB   sing N N 169 
ILE CG1 CD1  sing N N 170 
ILE CG1 HG12 sing N N 171 
ILE CG1 HG13 sing N N 172 
ILE CG2 HG21 sing N N 173 
ILE CG2 HG22 sing N N 174 
ILE CG2 HG23 sing N N 175 
ILE CD1 HD11 sing N N 176 
ILE CD1 HD12 sing N N 177 
ILE CD1 HD13 sing N N 178 
ILE OXT HXT  sing N N 179 
LEU N   CA   sing N N 180 
LEU N   H    sing N N 181 
LEU N   H2   sing N N 182 
LEU CA  C    sing N N 183 
LEU CA  CB   sing N N 184 
LEU CA  HA   sing N N 185 
LEU C   O    doub N N 186 
LEU C   OXT  sing N N 187 
LEU CB  CG   sing N N 188 
LEU CB  HB2  sing N N 189 
LEU CB  HB3  sing N N 190 
LEU CG  CD1  sing N N 191 
LEU CG  CD2  sing N N 192 
LEU CG  HG   sing N N 193 
LEU CD1 HD11 sing N N 194 
LEU CD1 HD12 sing N N 195 
LEU CD1 HD13 sing N N 196 
LEU CD2 HD21 sing N N 197 
LEU CD2 HD22 sing N N 198 
LEU CD2 HD23 sing N N 199 
LEU OXT HXT  sing N N 200 
LYS N   CA   sing N N 201 
LYS N   H    sing N N 202 
LYS N   H2   sing N N 203 
LYS CA  C    sing N N 204 
LYS CA  CB   sing N N 205 
LYS CA  HA   sing N N 206 
LYS C   O    doub N N 207 
LYS C   OXT  sing N N 208 
LYS CB  CG   sing N N 209 
LYS CB  HB2  sing N N 210 
LYS CB  HB3  sing N N 211 
LYS CG  CD   sing N N 212 
LYS CG  HG2  sing N N 213 
LYS CG  HG3  sing N N 214 
LYS CD  CE   sing N N 215 
LYS CD  HD2  sing N N 216 
LYS CD  HD3  sing N N 217 
LYS CE  NZ   sing N N 218 
LYS CE  HE2  sing N N 219 
LYS CE  HE3  sing N N 220 
LYS NZ  HZ1  sing N N 221 
LYS NZ  HZ2  sing N N 222 
LYS NZ  HZ3  sing N N 223 
LYS OXT HXT  sing N N 224 
MET N   CA   sing N N 225 
MET N   H    sing N N 226 
MET N   H2   sing N N 227 
MET CA  C    sing N N 228 
MET CA  CB   sing N N 229 
MET CA  HA   sing N N 230 
MET C   O    doub N N 231 
MET C   OXT  sing N N 232 
MET CB  CG   sing N N 233 
MET CB  HB2  sing N N 234 
MET CB  HB3  sing N N 235 
MET CG  SD   sing N N 236 
MET CG  HG2  sing N N 237 
MET CG  HG3  sing N N 238 
MET SD  CE   sing N N 239 
MET CE  HE1  sing N N 240 
MET CE  HE2  sing N N 241 
MET CE  HE3  sing N N 242 
MET OXT HXT  sing N N 243 
PHE N   CA   sing N N 244 
PHE N   H    sing N N 245 
PHE N   H2   sing N N 246 
PHE CA  C    sing N N 247 
PHE CA  CB   sing N N 248 
PHE CA  HA   sing N N 249 
PHE C   O    doub N N 250 
PHE C   OXT  sing N N 251 
PHE CB  CG   sing N N 252 
PHE CB  HB2  sing N N 253 
PHE CB  HB3  sing N N 254 
PHE CG  CD1  doub Y N 255 
PHE CG  CD2  sing Y N 256 
PHE CD1 CE1  sing Y N 257 
PHE CD1 HD1  sing N N 258 
PHE CD2 CE2  doub Y N 259 
PHE CD2 HD2  sing N N 260 
PHE CE1 CZ   doub Y N 261 
PHE CE1 HE1  sing N N 262 
PHE CE2 CZ   sing Y N 263 
PHE CE2 HE2  sing N N 264 
PHE CZ  HZ   sing N N 265 
PHE OXT HXT  sing N N 266 
PRO N   CA   sing N N 267 
PRO N   CD   sing N N 268 
PRO N   H    sing N N 269 
PRO CA  C    sing N N 270 
PRO CA  CB   sing N N 271 
PRO CA  HA   sing N N 272 
PRO C   O    doub N N 273 
PRO C   OXT  sing N N 274 
PRO CB  CG   sing N N 275 
PRO CB  HB2  sing N N 276 
PRO CB  HB3  sing N N 277 
PRO CG  CD   sing N N 278 
PRO CG  HG2  sing N N 279 
PRO CG  HG3  sing N N 280 
PRO CD  HD2  sing N N 281 
PRO CD  HD3  sing N N 282 
PRO OXT HXT  sing N N 283 
SER N   CA   sing N N 284 
SER N   H    sing N N 285 
SER N   H2   sing N N 286 
SER CA  C    sing N N 287 
SER CA  CB   sing N N 288 
SER CA  HA   sing N N 289 
SER C   O    doub N N 290 
SER C   OXT  sing N N 291 
SER CB  OG   sing N N 292 
SER CB  HB2  sing N N 293 
SER CB  HB3  sing N N 294 
SER OG  HG   sing N N 295 
SER OXT HXT  sing N N 296 
THR N   CA   sing N N 297 
THR N   H    sing N N 298 
THR N   H2   sing N N 299 
THR CA  C    sing N N 300 
THR CA  CB   sing N N 301 
THR CA  HA   sing N N 302 
THR C   O    doub N N 303 
THR C   OXT  sing N N 304 
THR CB  OG1  sing N N 305 
THR CB  CG2  sing N N 306 
THR CB  HB   sing N N 307 
THR OG1 HG1  sing N N 308 
THR CG2 HG21 sing N N 309 
THR CG2 HG22 sing N N 310 
THR CG2 HG23 sing N N 311 
THR OXT HXT  sing N N 312 
TRP N   CA   sing N N 313 
TRP N   H    sing N N 314 
TRP N   H2   sing N N 315 
TRP CA  C    sing N N 316 
TRP CA  CB   sing N N 317 
TRP CA  HA   sing N N 318 
TRP C   O    doub N N 319 
TRP C   OXT  sing N N 320 
TRP CB  CG   sing N N 321 
TRP CB  HB2  sing N N 322 
TRP CB  HB3  sing N N 323 
TRP CG  CD1  doub Y N 324 
TRP CG  CD2  sing Y N 325 
TRP CD1 NE1  sing Y N 326 
TRP CD1 HD1  sing N N 327 
TRP CD2 CE2  doub Y N 328 
TRP CD2 CE3  sing Y N 329 
TRP NE1 CE2  sing Y N 330 
TRP NE1 HE1  sing N N 331 
TRP CE2 CZ2  sing Y N 332 
TRP CE3 CZ3  doub Y N 333 
TRP CE3 HE3  sing N N 334 
TRP CZ2 CH2  doub Y N 335 
TRP CZ2 HZ2  sing N N 336 
TRP CZ3 CH2  sing Y N 337 
TRP CZ3 HZ3  sing N N 338 
TRP CH2 HH2  sing N N 339 
TRP OXT HXT  sing N N 340 
TYR N   CA   sing N N 341 
TYR N   H    sing N N 342 
TYR N   H2   sing N N 343 
TYR CA  C    sing N N 344 
TYR CA  CB   sing N N 345 
TYR CA  HA   sing N N 346 
TYR C   O    doub N N 347 
TYR C   OXT  sing N N 348 
TYR CB  CG   sing N N 349 
TYR CB  HB2  sing N N 350 
TYR CB  HB3  sing N N 351 
TYR CG  CD1  doub Y N 352 
TYR CG  CD2  sing Y N 353 
TYR CD1 CE1  sing Y N 354 
TYR CD1 HD1  sing N N 355 
TYR CD2 CE2  doub Y N 356 
TYR CD2 HD2  sing N N 357 
TYR CE1 CZ   doub Y N 358 
TYR CE1 HE1  sing N N 359 
TYR CE2 CZ   sing Y N 360 
TYR CE2 HE2  sing N N 361 
TYR CZ  OH   sing N N 362 
TYR OH  HH   sing N N 363 
TYR OXT HXT  sing N N 364 
VAL N   CA   sing N N 365 
VAL N   H    sing N N 366 
VAL N   H2   sing N N 367 
VAL CA  C    sing N N 368 
VAL CA  CB   sing N N 369 
VAL CA  HA   sing N N 370 
VAL C   O    doub N N 371 
VAL C   OXT  sing N N 372 
VAL CB  CG1  sing N N 373 
VAL CB  CG2  sing N N 374 
VAL CB  HB   sing N N 375 
VAL CG1 HG11 sing N N 376 
VAL CG1 HG12 sing N N 377 
VAL CG1 HG13 sing N N 378 
VAL CG2 HG21 sing N N 379 
VAL CG2 HG22 sing N N 380 
VAL CG2 HG23 sing N N 381 
VAL OXT HXT  sing N N 382 
# 
loop_
_pdbx_entity_nonpoly.entity_id 
_pdbx_entity_nonpoly.name 
_pdbx_entity_nonpoly.comp_id 
2 'ACETIC ACID' ACY 
3 water         HOH 
# 
_pdbx_initial_refinement_model.id               1 
_pdbx_initial_refinement_model.entity_id_list   ? 
_pdbx_initial_refinement_model.type             'experimental model' 
_pdbx_initial_refinement_model.source_name      PDB 
_pdbx_initial_refinement_model.accession_code   4JWF 
_pdbx_initial_refinement_model.details          ? 
# 
